data_6A02
# 
_entry.id   6A02 
# 
_audit_conform.dict_name       mmcif_pdbx.dic 
_audit_conform.dict_version    5.380 
_audit_conform.dict_location   http://mmcif.pdb.org/dictionaries/ascii/mmcif_pdbx.dic 
# 
loop_
_database_2.database_id 
_database_2.database_code 
_database_2.pdbx_database_accession 
_database_2.pdbx_DOI 
PDB   6A02         pdb_00006a02 10.2210/pdb6a02/pdb 
WWPDB D_1300007971 ?            ?                   
# 
_pdbx_database_status.status_code                     REL 
_pdbx_database_status.status_code_sf                  REL 
_pdbx_database_status.status_code_mr                  ? 
_pdbx_database_status.entry_id                        6A02 
_pdbx_database_status.recvd_initial_deposition_date   2018-06-05 
_pdbx_database_status.SG_entry                        N 
_pdbx_database_status.deposit_site                    PDBJ 
_pdbx_database_status.process_site                    PDBJ 
_pdbx_database_status.status_code_cs                  ? 
_pdbx_database_status.methods_development_category    ? 
_pdbx_database_status.pdb_format_compatible           Y 
_pdbx_database_status.status_code_nmr_data            ? 
# 
loop_
_audit_author.name 
_audit_author.pdbx_ordinal 
_audit_author.identifier_ORCID 
'Ku, B.'    1 ? 
'Lee, H.S.' 2 ? 
'Kim, S.J.' 3 ? 
# 
_citation.abstract                  ? 
_citation.abstract_id_CAS           ? 
_citation.book_id_ISBN              ? 
_citation.book_publisher            ? 
_citation.book_publisher_city       ? 
_citation.book_title                ? 
_citation.coordinate_linkage        ? 
_citation.country                   CH 
_citation.database_id_Medline       ? 
_citation.details                   ? 
_citation.id                        primary 
_citation.journal_abbrev            'Front Microbiol' 
_citation.journal_id_ASTM           ? 
_citation.journal_id_CSD            ? 
_citation.journal_id_ISSN           1664-302X 
_citation.journal_full              ? 
_citation.journal_issue             ? 
_citation.journal_volume            9 
_citation.language                  ? 
_citation.page_first                3329 
_citation.page_last                 3329 
_citation.title                     
;Structural and Physiological Exploration ofSalmonellaTyphi YfdX Uncovers Its Dual Function in Bacterial Antibiotic Stress and Virulence.
;
_citation.year                      2018 
_citation.database_id_CSD           ? 
_citation.pdbx_database_id_DOI      10.3389/fmicb.2018.03329 
_citation.pdbx_database_id_PubMed   30692978 
_citation.unpublished_flag          ? 
# 
loop_
_citation_author.citation_id 
_citation_author.name 
_citation_author.ordinal 
_citation_author.identifier_ORCID 
primary 'Lee, H.S.'  1  ? 
primary 'Lee, S.'    2  ? 
primary 'Kim, J.S.'  3  ? 
primary 'Lee, H.R.'  4  ? 
primary 'Shin, H.C.' 5  ? 
primary 'Lee, M.S.'  6  ? 
primary 'Jin, K.S.'  7  ? 
primary 'Kim, C.H.'  8  ? 
primary 'Ku, B.'     9  ? 
primary 'Ryu, C.M.'  10 ? 
primary 'Kim, S.J.'  11 ? 
# 
_cell.angle_alpha                  90.00 
_cell.angle_alpha_esd              ? 
_cell.angle_beta                   90.00 
_cell.angle_beta_esd               ? 
_cell.angle_gamma                  90.00 
_cell.angle_gamma_esd              ? 
_cell.entry_id                     6A02 
_cell.details                      ? 
_cell.formula_units_Z              ? 
_cell.length_a                     88.831 
_cell.length_a_esd                 ? 
_cell.length_b                     92.459 
_cell.length_b_esd                 ? 
_cell.length_c                     95.487 
_cell.length_c_esd                 ? 
_cell.volume                       ? 
_cell.volume_esd                   ? 
_cell.Z_PDB                        16 
_cell.reciprocal_angle_alpha       ? 
_cell.reciprocal_angle_beta        ? 
_cell.reciprocal_angle_gamma       ? 
_cell.reciprocal_angle_alpha_esd   ? 
_cell.reciprocal_angle_beta_esd    ? 
_cell.reciprocal_angle_gamma_esd   ? 
_cell.reciprocal_length_a          ? 
_cell.reciprocal_length_b          ? 
_cell.reciprocal_length_c          ? 
_cell.reciprocal_length_a_esd      ? 
_cell.reciprocal_length_b_esd      ? 
_cell.reciprocal_length_c_esd      ? 
_cell.pdbx_unique_axis             ? 
# 
_symmetry.entry_id                         6A02 
_symmetry.cell_setting                     ? 
_symmetry.Int_Tables_number                22 
_symmetry.space_group_name_Hall            ? 
_symmetry.space_group_name_H-M             'F 2 2 2' 
_symmetry.pdbx_full_space_group_name_H-M   ? 
# 
loop_
_entity.id 
_entity.type 
_entity.src_method 
_entity.pdbx_description 
_entity.formula_weight 
_entity.pdbx_number_of_molecules 
_entity.pdbx_ec 
_entity.pdbx_mutation 
_entity.pdbx_fragment 
_entity.details 
1 polymer     man 'YfdX protein' 20630.119 1   ? ? ? ? 
2 non-polymer syn 'CHLORIDE ION' 35.453    4   ? ? ? ? 
3 non-polymer syn 'SODIUM ION'   22.990    1   ? ? ? ? 
4 water       nat water          18.015    193 ? ? ? ? 
# 
_entity_name_com.entity_id   1 
_entity_name_com.name        'YfdX from Salmonella Typhi' 
# 
_entity_poly.entity_id                      1 
_entity_poly.type                           'polypeptide(L)' 
_entity_poly.nstd_linkage                   no 
_entity_poly.nstd_monomer                   no 
_entity_poly.pdbx_seq_one_letter_code       
;MAATNMTDNVTLNNDKISGQAWQAMRDIGMSRFELFNGRTQKAEQLAAQAEKLLNDDSTDWNLYVKSDKKAPVEGDHYIR
INSSITVAEDYLPAGQKNDAINKANQKMKEGDKKGTIEALKLAGVSVIENQELIPLQQTRKDVTTALSLMNEGKYYQAGL
LLKSAQDGIVVDSQSVQLEHHHHHH
;
_entity_poly.pdbx_seq_one_letter_code_can   
;MAATNMTDNVTLNNDKISGQAWQAMRDIGMSRFELFNGRTQKAEQLAAQAEKLLNDDSTDWNLYVKSDKKAPVEGDHYIR
INSSITVAEDYLPAGQKNDAINKANQKMKEGDKKGTIEALKLAGVSVIENQELIPLQQTRKDVTTALSLMNEGKYYQAGL
LLKSAQDGIVVDSQSVQLEHHHHHH
;
_entity_poly.pdbx_strand_id                 A 
_entity_poly.pdbx_target_identifier         ? 
# 
loop_
_entity_poly_seq.entity_id 
_entity_poly_seq.num 
_entity_poly_seq.mon_id 
_entity_poly_seq.hetero 
1 1   MET n 
1 2   ALA n 
1 3   ALA n 
1 4   THR n 
1 5   ASN n 
1 6   MET n 
1 7   THR n 
1 8   ASP n 
1 9   ASN n 
1 10  VAL n 
1 11  THR n 
1 12  LEU n 
1 13  ASN n 
1 14  ASN n 
1 15  ASP n 
1 16  LYS n 
1 17  ILE n 
1 18  SER n 
1 19  GLY n 
1 20  GLN n 
1 21  ALA n 
1 22  TRP n 
1 23  GLN n 
1 24  ALA n 
1 25  MET n 
1 26  ARG n 
1 27  ASP n 
1 28  ILE n 
1 29  GLY n 
1 30  MET n 
1 31  SER n 
1 32  ARG n 
1 33  PHE n 
1 34  GLU n 
1 35  LEU n 
1 36  PHE n 
1 37  ASN n 
1 38  GLY n 
1 39  ARG n 
1 40  THR n 
1 41  GLN n 
1 42  LYS n 
1 43  ALA n 
1 44  GLU n 
1 45  GLN n 
1 46  LEU n 
1 47  ALA n 
1 48  ALA n 
1 49  GLN n 
1 50  ALA n 
1 51  GLU n 
1 52  LYS n 
1 53  LEU n 
1 54  LEU n 
1 55  ASN n 
1 56  ASP n 
1 57  ASP n 
1 58  SER n 
1 59  THR n 
1 60  ASP n 
1 61  TRP n 
1 62  ASN n 
1 63  LEU n 
1 64  TYR n 
1 65  VAL n 
1 66  LYS n 
1 67  SER n 
1 68  ASP n 
1 69  LYS n 
1 70  LYS n 
1 71  ALA n 
1 72  PRO n 
1 73  VAL n 
1 74  GLU n 
1 75  GLY n 
1 76  ASP n 
1 77  HIS n 
1 78  TYR n 
1 79  ILE n 
1 80  ARG n 
1 81  ILE n 
1 82  ASN n 
1 83  SER n 
1 84  SER n 
1 85  ILE n 
1 86  THR n 
1 87  VAL n 
1 88  ALA n 
1 89  GLU n 
1 90  ASP n 
1 91  TYR n 
1 92  LEU n 
1 93  PRO n 
1 94  ALA n 
1 95  GLY n 
1 96  GLN n 
1 97  LYS n 
1 98  ASN n 
1 99  ASP n 
1 100 ALA n 
1 101 ILE n 
1 102 ASN n 
1 103 LYS n 
1 104 ALA n 
1 105 ASN n 
1 106 GLN n 
1 107 LYS n 
1 108 MET n 
1 109 LYS n 
1 110 GLU n 
1 111 GLY n 
1 112 ASP n 
1 113 LYS n 
1 114 LYS n 
1 115 GLY n 
1 116 THR n 
1 117 ILE n 
1 118 GLU n 
1 119 ALA n 
1 120 LEU n 
1 121 LYS n 
1 122 LEU n 
1 123 ALA n 
1 124 GLY n 
1 125 VAL n 
1 126 SER n 
1 127 VAL n 
1 128 ILE n 
1 129 GLU n 
1 130 ASN n 
1 131 GLN n 
1 132 GLU n 
1 133 LEU n 
1 134 ILE n 
1 135 PRO n 
1 136 LEU n 
1 137 GLN n 
1 138 GLN n 
1 139 THR n 
1 140 ARG n 
1 141 LYS n 
1 142 ASP n 
1 143 VAL n 
1 144 THR n 
1 145 THR n 
1 146 ALA n 
1 147 LEU n 
1 148 SER n 
1 149 LEU n 
1 150 MET n 
1 151 ASN n 
1 152 GLU n 
1 153 GLY n 
1 154 LYS n 
1 155 TYR n 
1 156 TYR n 
1 157 GLN n 
1 158 ALA n 
1 159 GLY n 
1 160 LEU n 
1 161 LEU n 
1 162 LEU n 
1 163 LYS n 
1 164 SER n 
1 165 ALA n 
1 166 GLN n 
1 167 ASP n 
1 168 GLY n 
1 169 ILE n 
1 170 VAL n 
1 171 VAL n 
1 172 ASP n 
1 173 SER n 
1 174 GLN n 
1 175 SER n 
1 176 VAL n 
1 177 GLN n 
1 178 LEU n 
1 179 GLU n 
1 180 HIS n 
1 181 HIS n 
1 182 HIS n 
1 183 HIS n 
1 184 HIS n 
1 185 HIS n 
# 
_entity_src_gen.entity_id                          1 
_entity_src_gen.pdbx_src_id                        1 
_entity_src_gen.pdbx_alt_source_flag               sample 
_entity_src_gen.pdbx_seq_type                      'Biological sequence' 
_entity_src_gen.pdbx_beg_seq_num                   1 
_entity_src_gen.pdbx_end_seq_num                   185 
_entity_src_gen.gene_src_common_name               ? 
_entity_src_gen.gene_src_genus                     ? 
_entity_src_gen.pdbx_gene_src_gene                 'yfdX, CVR97_27555, SE14_03224' 
_entity_src_gen.gene_src_species                   ? 
_entity_src_gen.gene_src_strain                    ? 
_entity_src_gen.gene_src_tissue                    ? 
_entity_src_gen.gene_src_tissue_fraction           ? 
_entity_src_gen.gene_src_details                   ? 
_entity_src_gen.pdbx_gene_src_fragment             ? 
_entity_src_gen.pdbx_gene_src_scientific_name      'Salmonella enterica I' 
_entity_src_gen.pdbx_gene_src_ncbi_taxonomy_id     59201 
_entity_src_gen.pdbx_gene_src_variant              ? 
_entity_src_gen.pdbx_gene_src_cell_line            ? 
_entity_src_gen.pdbx_gene_src_atcc                 ? 
_entity_src_gen.pdbx_gene_src_organ                ? 
_entity_src_gen.pdbx_gene_src_organelle            ? 
_entity_src_gen.pdbx_gene_src_cell                 ? 
_entity_src_gen.pdbx_gene_src_cellular_location    ? 
_entity_src_gen.host_org_common_name               ? 
_entity_src_gen.pdbx_host_org_scientific_name      'Escherichia coli BL21(DE3)' 
_entity_src_gen.pdbx_host_org_ncbi_taxonomy_id     469008 
_entity_src_gen.host_org_genus                     ? 
_entity_src_gen.pdbx_host_org_gene                 ? 
_entity_src_gen.pdbx_host_org_organ                ? 
_entity_src_gen.host_org_species                   ? 
_entity_src_gen.pdbx_host_org_tissue               ? 
_entity_src_gen.pdbx_host_org_tissue_fraction      ? 
_entity_src_gen.pdbx_host_org_strain               ? 
_entity_src_gen.pdbx_host_org_variant              ? 
_entity_src_gen.pdbx_host_org_cell_line            ? 
_entity_src_gen.pdbx_host_org_atcc                 ? 
_entity_src_gen.pdbx_host_org_culture_collection   ? 
_entity_src_gen.pdbx_host_org_cell                 ? 
_entity_src_gen.pdbx_host_org_organelle            ? 
_entity_src_gen.pdbx_host_org_cellular_location    ? 
_entity_src_gen.pdbx_host_org_vector_type          ? 
_entity_src_gen.pdbx_host_org_vector               ? 
_entity_src_gen.host_org_details                   ? 
_entity_src_gen.expression_system_id               ? 
_entity_src_gen.plasmid_name                       ? 
_entity_src_gen.plasmid_details                    ? 
_entity_src_gen.pdbx_description                   ? 
# 
_struct_ref.id                         1 
_struct_ref.db_name                    UNP 
_struct_ref.db_code                    A0A0F7DJF1_SALET 
_struct_ref.pdbx_db_accession          A0A0F7DJF1 
_struct_ref.pdbx_db_isoform            ? 
_struct_ref.entity_id                  1 
_struct_ref.pdbx_seq_one_letter_code   
;MAATNMTDNVTLNNDKISGQAWQAMRDIGMSRFELFNGRTQKAEQLAAQAEKLLNDDSTDWNLYVKSDKKAPVEGDHYIR
INSSITVAEDYLPAGQKNDAINKANQKMKEGDKKGTIEALKLAGVSVIENQELIPLQQTRKDVTTALSLMNEGKYYQAGL
LLKSAQDGIVVDSQSVQ
;
_struct_ref.pdbx_align_begin           21 
# 
_struct_ref_seq.align_id                      1 
_struct_ref_seq.ref_id                        1 
_struct_ref_seq.pdbx_PDB_id_code              6A02 
_struct_ref_seq.pdbx_strand_id                A 
_struct_ref_seq.seq_align_beg                 1 
_struct_ref_seq.pdbx_seq_align_beg_ins_code   ? 
_struct_ref_seq.seq_align_end                 177 
_struct_ref_seq.pdbx_seq_align_end_ins_code   ? 
_struct_ref_seq.pdbx_db_accession             A0A0F7DJF1 
_struct_ref_seq.db_align_beg                  21 
_struct_ref_seq.pdbx_db_align_beg_ins_code    ? 
_struct_ref_seq.db_align_end                  197 
_struct_ref_seq.pdbx_db_align_end_ins_code    ? 
_struct_ref_seq.pdbx_auth_seq_align_beg       10 
_struct_ref_seq.pdbx_auth_seq_align_end       186 
# 
loop_
_struct_ref_seq_dif.align_id 
_struct_ref_seq_dif.pdbx_pdb_id_code 
_struct_ref_seq_dif.mon_id 
_struct_ref_seq_dif.pdbx_pdb_strand_id 
_struct_ref_seq_dif.seq_num 
_struct_ref_seq_dif.pdbx_pdb_ins_code 
_struct_ref_seq_dif.pdbx_seq_db_name 
_struct_ref_seq_dif.pdbx_seq_db_accession_code 
_struct_ref_seq_dif.db_mon_id 
_struct_ref_seq_dif.pdbx_seq_db_seq_num 
_struct_ref_seq_dif.details 
_struct_ref_seq_dif.pdbx_auth_seq_num 
_struct_ref_seq_dif.pdbx_ordinal 
1 6A02 LEU A 178 ? UNP A0A0F7DJF1 ? ? 'expression tag' 187 1 
1 6A02 GLU A 179 ? UNP A0A0F7DJF1 ? ? 'expression tag' 188 2 
1 6A02 HIS A 180 ? UNP A0A0F7DJF1 ? ? 'expression tag' 189 3 
1 6A02 HIS A 181 ? UNP A0A0F7DJF1 ? ? 'expression tag' 190 4 
1 6A02 HIS A 182 ? UNP A0A0F7DJF1 ? ? 'expression tag' 191 5 
1 6A02 HIS A 183 ? UNP A0A0F7DJF1 ? ? 'expression tag' 192 6 
1 6A02 HIS A 184 ? UNP A0A0F7DJF1 ? ? 'expression tag' 193 7 
1 6A02 HIS A 185 ? UNP A0A0F7DJF1 ? ? 'expression tag' 194 8 
# 
loop_
_chem_comp.id 
_chem_comp.type 
_chem_comp.mon_nstd_flag 
_chem_comp.name 
_chem_comp.pdbx_synonyms 
_chem_comp.formula 
_chem_comp.formula_weight 
ALA 'L-peptide linking' y ALANINE         ? 'C3 H7 N O2'     89.093  
ARG 'L-peptide linking' y ARGININE        ? 'C6 H15 N4 O2 1' 175.209 
ASN 'L-peptide linking' y ASPARAGINE      ? 'C4 H8 N2 O3'    132.118 
ASP 'L-peptide linking' y 'ASPARTIC ACID' ? 'C4 H7 N O4'     133.103 
CL  non-polymer         . 'CHLORIDE ION'  ? 'Cl -1'          35.453  
GLN 'L-peptide linking' y GLUTAMINE       ? 'C5 H10 N2 O3'   146.144 
GLU 'L-peptide linking' y 'GLUTAMIC ACID' ? 'C5 H9 N O4'     147.129 
GLY 'peptide linking'   y GLYCINE         ? 'C2 H5 N O2'     75.067  
HIS 'L-peptide linking' y HISTIDINE       ? 'C6 H10 N3 O2 1' 156.162 
HOH non-polymer         . WATER           ? 'H2 O'           18.015  
ILE 'L-peptide linking' y ISOLEUCINE      ? 'C6 H13 N O2'    131.173 
LEU 'L-peptide linking' y LEUCINE         ? 'C6 H13 N O2'    131.173 
LYS 'L-peptide linking' y LYSINE          ? 'C6 H15 N2 O2 1' 147.195 
MET 'L-peptide linking' y METHIONINE      ? 'C5 H11 N O2 S'  149.211 
NA  non-polymer         . 'SODIUM ION'    ? 'Na 1'           22.990  
PHE 'L-peptide linking' y PHENYLALANINE   ? 'C9 H11 N O2'    165.189 
PRO 'L-peptide linking' y PROLINE         ? 'C5 H9 N O2'     115.130 
SER 'L-peptide linking' y SERINE          ? 'C3 H7 N O3'     105.093 
THR 'L-peptide linking' y THREONINE       ? 'C4 H9 N O3'     119.119 
TRP 'L-peptide linking' y TRYPTOPHAN      ? 'C11 H12 N2 O2'  204.225 
TYR 'L-peptide linking' y TYROSINE        ? 'C9 H11 N O3'    181.189 
VAL 'L-peptide linking' y VALINE          ? 'C5 H11 N O2'    117.146 
# 
_exptl.absorpt_coefficient_mu     ? 
_exptl.absorpt_correction_T_max   ? 
_exptl.absorpt_correction_T_min   ? 
_exptl.absorpt_correction_type    ? 
_exptl.absorpt_process_details    ? 
_exptl.entry_id                   6A02 
_exptl.crystals_number            1 
_exptl.details                    ? 
_exptl.method                     'X-RAY DIFFRACTION' 
_exptl.method_details             ? 
# 
_exptl_crystal.colour                      ? 
_exptl_crystal.density_diffrn              ? 
_exptl_crystal.density_Matthews            2.38 
_exptl_crystal.density_method              ? 
_exptl_crystal.density_percent_sol         48.23 
_exptl_crystal.description                 ? 
_exptl_crystal.F_000                       ? 
_exptl_crystal.id                          1 
_exptl_crystal.preparation                 ? 
_exptl_crystal.size_max                    ? 
_exptl_crystal.size_mid                    ? 
_exptl_crystal.size_min                    ? 
_exptl_crystal.size_rad                    ? 
_exptl_crystal.colour_lustre               ? 
_exptl_crystal.colour_modifier             ? 
_exptl_crystal.colour_primary              ? 
_exptl_crystal.density_meas                ? 
_exptl_crystal.density_meas_esd            ? 
_exptl_crystal.density_meas_gt             ? 
_exptl_crystal.density_meas_lt             ? 
_exptl_crystal.density_meas_temp           ? 
_exptl_crystal.density_meas_temp_esd       ? 
_exptl_crystal.density_meas_temp_gt        ? 
_exptl_crystal.density_meas_temp_lt        ? 
_exptl_crystal.pdbx_crystal_image_url      ? 
_exptl_crystal.pdbx_crystal_image_format   ? 
_exptl_crystal.pdbx_mosaicity              ? 
_exptl_crystal.pdbx_mosaicity_esd          ? 
# 
_exptl_crystal_grow.apparatus       ? 
_exptl_crystal_grow.atmosphere      ? 
_exptl_crystal_grow.crystal_id      1 
_exptl_crystal_grow.details         ? 
_exptl_crystal_grow.method          'VAPOR DIFFUSION, SITTING DROP' 
_exptl_crystal_grow.method_ref      ? 
_exptl_crystal_grow.pH              4.6 
_exptl_crystal_grow.pressure        ? 
_exptl_crystal_grow.pressure_esd    ? 
_exptl_crystal_grow.seeding         ? 
_exptl_crystal_grow.seeding_ref     ? 
_exptl_crystal_grow.temp            293 
_exptl_crystal_grow.temp_details    ? 
_exptl_crystal_grow.temp_esd        ? 
_exptl_crystal_grow.time            ? 
_exptl_crystal_grow.pdbx_details    
'0.1 M sodium acetate (pH 4.6), 2.5 M sodium chloride, 12% PEG1500, 1.5% 2-methyl-2,4-pentanediol' 
_exptl_crystal_grow.pdbx_pH_range   ? 
# 
_diffrn.ambient_environment    ? 
_diffrn.ambient_temp           93 
_diffrn.ambient_temp_details   ? 
_diffrn.ambient_temp_esd       ? 
_diffrn.crystal_id             1 
_diffrn.crystal_support        ? 
_diffrn.crystal_treatment      ? 
_diffrn.details                ? 
_diffrn.id                     1 
_diffrn.ambient_pressure       ? 
_diffrn.ambient_pressure_esd   ? 
_diffrn.ambient_pressure_gt    ? 
_diffrn.ambient_pressure_lt    ? 
_diffrn.ambient_temp_gt        ? 
_diffrn.ambient_temp_lt        ? 
# 
_diffrn_detector.details                      ? 
_diffrn_detector.detector                     CCD 
_diffrn_detector.diffrn_id                    1 
_diffrn_detector.type                         'ADSC QUANTUM 315r' 
_diffrn_detector.area_resol_mean              ? 
_diffrn_detector.dtime                        ? 
_diffrn_detector.pdbx_frames_total            ? 
_diffrn_detector.pdbx_collection_time_total   ? 
_diffrn_detector.pdbx_collection_date         2016-03-24 
# 
_diffrn_radiation.collimation                      ? 
_diffrn_radiation.diffrn_id                        1 
_diffrn_radiation.filter_edge                      ? 
_diffrn_radiation.inhomogeneity                    ? 
_diffrn_radiation.monochromator                    ? 
_diffrn_radiation.polarisn_norm                    ? 
_diffrn_radiation.polarisn_ratio                   ? 
_diffrn_radiation.probe                            ? 
_diffrn_radiation.type                             ? 
_diffrn_radiation.xray_symbol                      ? 
_diffrn_radiation.wavelength_id                    1 
_diffrn_radiation.pdbx_monochromatic_or_laue_m_l   M 
_diffrn_radiation.pdbx_wavelength_list             ? 
_diffrn_radiation.pdbx_wavelength                  ? 
_diffrn_radiation.pdbx_diffrn_protocol             'SINGLE WAVELENGTH' 
_diffrn_radiation.pdbx_analyzer                    ? 
_diffrn_radiation.pdbx_scattering_type             x-ray 
# 
_diffrn_radiation_wavelength.id           1 
_diffrn_radiation_wavelength.wavelength   1.000 
_diffrn_radiation_wavelength.wt           1.0 
# 
_diffrn_source.current                     ? 
_diffrn_source.details                     ? 
_diffrn_source.diffrn_id                   1 
_diffrn_source.power                       ? 
_diffrn_source.size                        ? 
_diffrn_source.source                      SYNCHROTRON 
_diffrn_source.target                      ? 
_diffrn_source.type                        'PAL/PLS BEAMLINE 5C (4A)' 
_diffrn_source.voltage                     ? 
_diffrn_source.take-off_angle              ? 
_diffrn_source.pdbx_wavelength_list        1.000 
_diffrn_source.pdbx_wavelength             ? 
_diffrn_source.pdbx_synchrotron_beamline   '5C (4A)' 
_diffrn_source.pdbx_synchrotron_site       PAL/PLS 
# 
_reflns.B_iso_Wilson_estimate            ? 
_reflns.entry_id                         6A02 
_reflns.data_reduction_details           ? 
_reflns.data_reduction_method            ? 
_reflns.d_resolution_high                1.4 
_reflns.d_resolution_low                 50 
_reflns.details                          ? 
_reflns.limit_h_max                      ? 
_reflns.limit_h_min                      ? 
_reflns.limit_k_max                      ? 
_reflns.limit_k_min                      ? 
_reflns.limit_l_max                      ? 
_reflns.limit_l_min                      ? 
_reflns.number_all                       ? 
_reflns.number_obs                       38242 
_reflns.observed_criterion               ? 
_reflns.observed_criterion_F_max         ? 
_reflns.observed_criterion_F_min         ? 
_reflns.observed_criterion_I_max         ? 
_reflns.observed_criterion_I_min         ? 
_reflns.observed_criterion_sigma_F       ? 
_reflns.observed_criterion_sigma_I       ? 
_reflns.percent_possible_obs             98.8 
_reflns.R_free_details                   ? 
_reflns.Rmerge_F_all                     ? 
_reflns.Rmerge_F_obs                     ? 
_reflns.Friedel_coverage                 ? 
_reflns.number_gt                        ? 
_reflns.threshold_expression             ? 
_reflns.pdbx_redundancy                  9.4 
_reflns.pdbx_Rmerge_I_obs                ? 
_reflns.pdbx_Rmerge_I_all                ? 
_reflns.pdbx_Rsym_value                  ? 
_reflns.pdbx_netI_over_av_sigmaI         ? 
_reflns.pdbx_netI_over_sigmaI            41.3 
_reflns.pdbx_res_netI_over_av_sigmaI_2   ? 
_reflns.pdbx_res_netI_over_sigmaI_2      ? 
_reflns.pdbx_chi_squared                 ? 
_reflns.pdbx_scaling_rejects             ? 
_reflns.pdbx_d_res_high_opt              ? 
_reflns.pdbx_d_res_low_opt               ? 
_reflns.pdbx_d_res_opt_method            ? 
_reflns.phase_calculation_details        ? 
_reflns.pdbx_Rrim_I_all                  ? 
_reflns.pdbx_Rpim_I_all                  0.029 
_reflns.pdbx_d_opt                       ? 
_reflns.pdbx_number_measured_all         ? 
_reflns.pdbx_diffrn_id                   1 
_reflns.pdbx_ordinal                     1 
_reflns.pdbx_CC_half                     ? 
_reflns.pdbx_R_split                     ? 
# 
_reflns_shell.d_res_high                  1.4 
_reflns_shell.d_res_low                   1.42 
_reflns_shell.meanI_over_sigI_all         ? 
_reflns_shell.meanI_over_sigI_obs         ? 
_reflns_shell.number_measured_all         ? 
_reflns_shell.number_measured_obs         ? 
_reflns_shell.number_possible             ? 
_reflns_shell.number_unique_all           ? 
_reflns_shell.number_unique_obs           1853 
_reflns_shell.percent_possible_all        ? 
_reflns_shell.percent_possible_obs        ? 
_reflns_shell.Rmerge_F_all                ? 
_reflns_shell.Rmerge_F_obs                ? 
_reflns_shell.Rmerge_I_all                ? 
_reflns_shell.Rmerge_I_obs                ? 
_reflns_shell.meanI_over_sigI_gt          ? 
_reflns_shell.meanI_over_uI_all           ? 
_reflns_shell.meanI_over_uI_gt            ? 
_reflns_shell.number_measured_gt          ? 
_reflns_shell.number_unique_gt            ? 
_reflns_shell.percent_possible_gt         ? 
_reflns_shell.Rmerge_F_gt                 ? 
_reflns_shell.Rmerge_I_gt                 ? 
_reflns_shell.pdbx_redundancy             ? 
_reflns_shell.pdbx_Rsym_value             ? 
_reflns_shell.pdbx_chi_squared            ? 
_reflns_shell.pdbx_netI_over_sigmaI_all   ? 
_reflns_shell.pdbx_netI_over_sigmaI_obs   ? 
_reflns_shell.pdbx_Rrim_I_all             ? 
_reflns_shell.pdbx_Rpim_I_all             0.113 
_reflns_shell.pdbx_rejects                ? 
_reflns_shell.pdbx_ordinal                1 
_reflns_shell.pdbx_diffrn_id              1 
_reflns_shell.pdbx_CC_half                ? 
_reflns_shell.pdbx_R_split                ? 
# 
_refine.aniso_B[1][1]                            ? 
_refine.aniso_B[1][2]                            ? 
_refine.aniso_B[1][3]                            ? 
_refine.aniso_B[2][2]                            ? 
_refine.aniso_B[2][3]                            ? 
_refine.aniso_B[3][3]                            ? 
_refine.B_iso_max                                ? 
_refine.B_iso_mean                               ? 
_refine.B_iso_min                                ? 
_refine.correlation_coeff_Fo_to_Fc               ? 
_refine.correlation_coeff_Fo_to_Fc_free          ? 
_refine.details                                  ? 
_refine.diff_density_max                         ? 
_refine.diff_density_max_esd                     ? 
_refine.diff_density_min                         ? 
_refine.diff_density_min_esd                     ? 
_refine.diff_density_rms                         ? 
_refine.diff_density_rms_esd                     ? 
_refine.entry_id                                 6A02 
_refine.pdbx_refine_id                           'X-RAY DIFFRACTION' 
_refine.ls_abs_structure_details                 ? 
_refine.ls_abs_structure_Flack                   ? 
_refine.ls_abs_structure_Flack_esd               ? 
_refine.ls_abs_structure_Rogers                  ? 
_refine.ls_abs_structure_Rogers_esd              ? 
_refine.ls_d_res_high                            1.400 
_refine.ls_d_res_low                             27.045 
_refine.ls_extinction_coef                       ? 
_refine.ls_extinction_coef_esd                   ? 
_refine.ls_extinction_expression                 ? 
_refine.ls_extinction_method                     ? 
_refine.ls_goodness_of_fit_all                   ? 
_refine.ls_goodness_of_fit_all_esd               ? 
_refine.ls_goodness_of_fit_obs                   ? 
_refine.ls_goodness_of_fit_obs_esd               ? 
_refine.ls_hydrogen_treatment                    ? 
_refine.ls_matrix_type                           ? 
_refine.ls_number_constraints                    ? 
_refine.ls_number_parameters                     ? 
_refine.ls_number_reflns_all                     ? 
_refine.ls_number_reflns_obs                     38242 
_refine.ls_number_reflns_R_free                  2002 
_refine.ls_number_reflns_R_work                  ? 
_refine.ls_number_restraints                     ? 
_refine.ls_percent_reflns_obs                    98.67 
_refine.ls_percent_reflns_R_free                 5.24 
_refine.ls_R_factor_all                          ? 
_refine.ls_R_factor_obs                          0.1899 
_refine.ls_R_factor_R_free                       0.2129 
_refine.ls_R_factor_R_free_error                 ? 
_refine.ls_R_factor_R_free_error_details         ? 
_refine.ls_R_factor_R_work                       0.1886 
_refine.ls_R_Fsqd_factor_obs                     ? 
_refine.ls_R_I_factor_obs                        ? 
_refine.ls_redundancy_reflns_all                 ? 
_refine.ls_redundancy_reflns_obs                 ? 
_refine.ls_restrained_S_all                      ? 
_refine.ls_restrained_S_obs                      ? 
_refine.ls_shift_over_esd_max                    ? 
_refine.ls_shift_over_esd_mean                   ? 
_refine.ls_structure_factor_coef                 ? 
_refine.ls_weighting_details                     ? 
_refine.ls_weighting_scheme                      ? 
_refine.ls_wR_factor_all                         ? 
_refine.ls_wR_factor_obs                         ? 
_refine.ls_wR_factor_R_free                      ? 
_refine.ls_wR_factor_R_work                      ? 
_refine.occupancy_max                            ? 
_refine.occupancy_min                            ? 
_refine.solvent_model_details                    ? 
_refine.solvent_model_param_bsol                 ? 
_refine.solvent_model_param_ksol                 ? 
_refine.ls_R_factor_gt                           ? 
_refine.ls_goodness_of_fit_gt                    ? 
_refine.ls_goodness_of_fit_ref                   ? 
_refine.ls_shift_over_su_max                     ? 
_refine.ls_shift_over_su_max_lt                  ? 
_refine.ls_shift_over_su_mean                    ? 
_refine.ls_shift_over_su_mean_lt                 ? 
_refine.pdbx_ls_sigma_I                          ? 
_refine.pdbx_ls_sigma_F                          1.79 
_refine.pdbx_ls_sigma_Fsqd                       ? 
_refine.pdbx_data_cutoff_high_absF               ? 
_refine.pdbx_data_cutoff_high_rms_absF           ? 
_refine.pdbx_data_cutoff_low_absF                ? 
_refine.pdbx_isotropic_thermal_model             ? 
_refine.pdbx_ls_cross_valid_method               'FREE R-VALUE' 
_refine.pdbx_method_to_determine_struct          'MOLECULAR REPLACEMENT' 
_refine.pdbx_starting_model                      3DZA 
_refine.pdbx_stereochemistry_target_values       ? 
_refine.pdbx_R_Free_selection_details            ? 
_refine.pdbx_stereochem_target_val_spec_case     ? 
_refine.pdbx_overall_ESU_R                       ? 
_refine.pdbx_overall_ESU_R_Free                  ? 
_refine.pdbx_solvent_vdw_probe_radii             1.11 
_refine.pdbx_solvent_ion_probe_radii             ? 
_refine.pdbx_solvent_shrinkage_radii             0.90 
_refine.pdbx_real_space_R                        ? 
_refine.pdbx_density_correlation                 ? 
_refine.pdbx_pd_number_of_powder_patterns        ? 
_refine.pdbx_pd_number_of_points                 ? 
_refine.pdbx_pd_meas_number_of_points            ? 
_refine.pdbx_pd_proc_ls_prof_R_factor            ? 
_refine.pdbx_pd_proc_ls_prof_wR_factor           ? 
_refine.pdbx_pd_Marquardt_correlation_coeff      ? 
_refine.pdbx_pd_Fsqrd_R_factor                   ? 
_refine.pdbx_pd_ls_matrix_band_width             ? 
_refine.pdbx_overall_phase_error                 19.58 
_refine.pdbx_overall_SU_R_free_Cruickshank_DPI   ? 
_refine.pdbx_overall_SU_R_free_Blow_DPI          ? 
_refine.pdbx_overall_SU_R_Blow_DPI               ? 
_refine.pdbx_TLS_residual_ADP_flag               ? 
_refine.pdbx_diffrn_id                           1 
_refine.overall_SU_B                             ? 
_refine.overall_SU_ML                            0.14 
_refine.overall_SU_R_Cruickshank_DPI             ? 
_refine.overall_SU_R_free                        ? 
_refine.overall_FOM_free_R_set                   ? 
_refine.overall_FOM_work_R_set                   ? 
_refine.pdbx_average_fsc_overall                 ? 
_refine.pdbx_average_fsc_work                    ? 
_refine.pdbx_average_fsc_free                    ? 
# 
_refine_hist.pdbx_refine_id                   'X-RAY DIFFRACTION' 
_refine_hist.cycle_id                         LAST 
_refine_hist.pdbx_number_atoms_protein        1312 
_refine_hist.pdbx_number_atoms_nucleic_acid   0 
_refine_hist.pdbx_number_atoms_ligand         5 
_refine_hist.number_atoms_solvent             193 
_refine_hist.number_atoms_total               1510 
_refine_hist.d_res_high                       1.400 
_refine_hist.d_res_low                        27.045 
# 
loop_
_refine_ls_restr.pdbx_refine_id 
_refine_ls_restr.criterion 
_refine_ls_restr.dev_ideal 
_refine_ls_restr.dev_ideal_target 
_refine_ls_restr.number 
_refine_ls_restr.rejects 
_refine_ls_restr.type 
_refine_ls_restr.weight 
_refine_ls_restr.pdbx_restraint_function 
'X-RAY DIFFRACTION' ? 0.005  ? 1340 ? f_bond_d           ? ? 
'X-RAY DIFFRACTION' ? 0.713  ? 1804 ? f_angle_d          ? ? 
'X-RAY DIFFRACTION' ? 13.053 ? 514  ? f_dihedral_angle_d ? ? 
'X-RAY DIFFRACTION' ? 0.065  ? 204  ? f_chiral_restr     ? ? 
'X-RAY DIFFRACTION' ? 0.003  ? 237  ? f_plane_restr      ? ? 
# 
loop_
_refine_ls_shell.pdbx_refine_id 
_refine_ls_shell.d_res_high 
_refine_ls_shell.d_res_low 
_refine_ls_shell.number_reflns_all 
_refine_ls_shell.number_reflns_obs 
_refine_ls_shell.number_reflns_R_free 
_refine_ls_shell.number_reflns_R_work 
_refine_ls_shell.percent_reflns_obs 
_refine_ls_shell.percent_reflns_R_free 
_refine_ls_shell.R_factor_all 
_refine_ls_shell.R_factor_obs 
_refine_ls_shell.R_factor_R_free 
_refine_ls_shell.R_factor_R_free_error 
_refine_ls_shell.R_factor_R_work 
_refine_ls_shell.redundancy_reflns_all 
_refine_ls_shell.redundancy_reflns_obs 
_refine_ls_shell.wR_factor_all 
_refine_ls_shell.wR_factor_obs 
_refine_ls_shell.wR_factor_R_free 
_refine_ls_shell.wR_factor_R_work 
_refine_ls_shell.pdbx_total_number_of_bins_used 
_refine_ls_shell.pdbx_phase_error 
_refine_ls_shell.pdbx_fsc_work 
_refine_ls_shell.pdbx_fsc_free 
'X-RAY DIFFRACTION' 1.3995 1.4345  . . 143 2464 95.00  . . . 0.2925 . 0.2816 . . . . . . . . . . 
'X-RAY DIFFRACTION' 1.4345 1.4733  . . 132 2540 97.00  . . . 0.2854 . 0.2637 . . . . . . . . . . 
'X-RAY DIFFRACTION' 1.4733 1.5167  . . 143 2543 98.00  . . . 0.2432 . 0.2320 . . . . . . . . . . 
'X-RAY DIFFRACTION' 1.5167 1.5656  . . 134 2549 98.00  . . . 0.2222 . 0.2103 . . . . . . . . . . 
'X-RAY DIFFRACTION' 1.5656 1.6216  . . 138 2577 99.00  . . . 0.2130 . 0.2062 . . . . . . . . . . 
'X-RAY DIFFRACTION' 1.6216 1.6865  . . 134 2573 99.00  . . . 0.2463 . 0.2052 . . . . . . . . . . 
'X-RAY DIFFRACTION' 1.6865 1.7632  . . 151 2573 99.00  . . . 0.2337 . 0.1986 . . . . . . . . . . 
'X-RAY DIFFRACTION' 1.7632 1.8561  . . 140 2601 99.00  . . . 0.2030 . 0.1934 . . . . . . . . . . 
'X-RAY DIFFRACTION' 1.8561 1.9724  . . 150 2570 99.00  . . . 0.2220 . 0.1833 . . . . . . . . . . 
'X-RAY DIFFRACTION' 1.9724 2.1246  . . 147 2597 99.00  . . . 0.2081 . 0.1855 . . . . . . . . . . 
'X-RAY DIFFRACTION' 2.1246 2.3383  . . 139 2631 100.00 . . . 0.1973 . 0.1737 . . . . . . . . . . 
'X-RAY DIFFRACTION' 2.3383 2.6765  . . 142 2641 100.00 . . . 0.2370 . 0.1914 . . . . . . . . . . 
'X-RAY DIFFRACTION' 2.6765 3.3710  . . 156 2646 100.00 . . . 0.1931 . 0.1743 . . . . . . . . . . 
'X-RAY DIFFRACTION' 3.3710 27.0498 . . 153 2735 100.00 . . . 0.1899 . 0.1673 . . . . . . . . . . 
# 
_struct.entry_id                     6A02 
_struct.title                        'Salmonella Typhi YfdX in the F222 space group at 1.4 A resolution' 
_struct.pdbx_model_details           ? 
_struct.pdbx_formula_weight          ? 
_struct.pdbx_formula_weight_method   ? 
_struct.pdbx_model_type_details      ? 
_struct.pdbx_CASP_flag               N 
# 
_struct_keywords.entry_id        6A02 
_struct_keywords.text            'STY3178, YfdX, Salmonella, UNKNOWN FUNCTION' 
_struct_keywords.pdbx_keywords   'UNKNOWN FUNCTION' 
# 
loop_
_struct_asym.id 
_struct_asym.pdbx_blank_PDB_chainid_flag 
_struct_asym.pdbx_modified 
_struct_asym.entity_id 
_struct_asym.details 
A N N 1 ? 
B N N 2 ? 
C N N 2 ? 
D N N 2 ? 
E N N 2 ? 
F N N 3 ? 
G N N 4 ? 
# 
loop_
_struct_conf.conf_type_id 
_struct_conf.id 
_struct_conf.pdbx_PDB_helix_id 
_struct_conf.beg_label_comp_id 
_struct_conf.beg_label_asym_id 
_struct_conf.beg_label_seq_id 
_struct_conf.pdbx_beg_PDB_ins_code 
_struct_conf.end_label_comp_id 
_struct_conf.end_label_asym_id 
_struct_conf.end_label_seq_id 
_struct_conf.pdbx_end_PDB_ins_code 
_struct_conf.beg_auth_comp_id 
_struct_conf.beg_auth_asym_id 
_struct_conf.beg_auth_seq_id 
_struct_conf.end_auth_comp_id 
_struct_conf.end_auth_asym_id 
_struct_conf.end_auth_seq_id 
_struct_conf.pdbx_PDB_helix_class 
_struct_conf.details 
_struct_conf.pdbx_PDB_helix_length 
HELX_P HELX_P1 AA1 SER A 18  ? ASN A 37  ? SER A 27  ASN A 46  1 ? 20 
HELX_P HELX_P2 AA2 ARG A 39  ? ASN A 55  ? ARG A 48  ASN A 64  1 ? 17 
HELX_P HELX_P3 AA3 ASP A 60  ? LEU A 63  ? ASP A 69  LEU A 72  5 ? 4  
HELX_P HELX_P4 AA4 PRO A 93  ? GLU A 110 ? PRO A 102 GLU A 119 1 ? 18 
HELX_P HELX_P5 AA5 ASP A 112 ? ALA A 123 ? ASP A 121 ALA A 132 1 ? 12 
HELX_P HELX_P6 AA6 LEU A 136 ? GLU A 152 ? LEU A 145 GLU A 161 1 ? 17 
HELX_P HELX_P7 AA7 LYS A 154 ? GLY A 168 ? LYS A 163 GLY A 177 1 ? 15 
# 
_struct_conf_type.id          HELX_P 
_struct_conf_type.criteria    ? 
_struct_conf_type.reference   ? 
# 
loop_
_struct_conn.id 
_struct_conn.conn_type_id 
_struct_conn.pdbx_leaving_atom_flag 
_struct_conn.pdbx_PDB_id 
_struct_conn.ptnr1_label_asym_id 
_struct_conn.ptnr1_label_comp_id 
_struct_conn.ptnr1_label_seq_id 
_struct_conn.ptnr1_label_atom_id 
_struct_conn.pdbx_ptnr1_label_alt_id 
_struct_conn.pdbx_ptnr1_PDB_ins_code 
_struct_conn.pdbx_ptnr1_standard_comp_id 
_struct_conn.ptnr1_symmetry 
_struct_conn.ptnr2_label_asym_id 
_struct_conn.ptnr2_label_comp_id 
_struct_conn.ptnr2_label_seq_id 
_struct_conn.ptnr2_label_atom_id 
_struct_conn.pdbx_ptnr2_label_alt_id 
_struct_conn.pdbx_ptnr2_PDB_ins_code 
_struct_conn.ptnr1_auth_asym_id 
_struct_conn.ptnr1_auth_comp_id 
_struct_conn.ptnr1_auth_seq_id 
_struct_conn.ptnr2_auth_asym_id 
_struct_conn.ptnr2_auth_comp_id 
_struct_conn.ptnr2_auth_seq_id 
_struct_conn.ptnr2_symmetry 
_struct_conn.pdbx_ptnr3_label_atom_id 
_struct_conn.pdbx_ptnr3_label_seq_id 
_struct_conn.pdbx_ptnr3_label_comp_id 
_struct_conn.pdbx_ptnr3_label_asym_id 
_struct_conn.pdbx_ptnr3_label_alt_id 
_struct_conn.pdbx_ptnr3_PDB_ins_code 
_struct_conn.details 
_struct_conn.pdbx_dist_value 
_struct_conn.pdbx_value_order 
_struct_conn.pdbx_role 
metalc1 metalc ? ? F NA . NA ? ? ? 1_555 G HOH . O ? ? A NA 205 A HOH 304 1_555 ? ? ? ? ? ? ? 2.950 ? ? 
metalc2 metalc ? ? F NA . NA ? ? ? 1_555 G HOH . O ? ? A NA 205 A HOH 401 1_555 ? ? ? ? ? ? ? 3.151 ? ? 
# 
_struct_conn_type.id          metalc 
_struct_conn_type.criteria    ? 
_struct_conn_type.reference   ? 
# 
_struct_sheet.id               AA1 
_struct_sheet.type             ? 
_struct_sheet.number_strands   4 
_struct_sheet.details          ? 
# 
loop_
_struct_sheet_order.sheet_id 
_struct_sheet_order.range_id_1 
_struct_sheet_order.range_id_2 
_struct_sheet_order.offset 
_struct_sheet_order.sense 
AA1 1 2 ? anti-parallel 
AA1 2 3 ? anti-parallel 
AA1 3 4 ? anti-parallel 
# 
loop_
_struct_sheet_range.sheet_id 
_struct_sheet_range.id 
_struct_sheet_range.beg_label_comp_id 
_struct_sheet_range.beg_label_asym_id 
_struct_sheet_range.beg_label_seq_id 
_struct_sheet_range.pdbx_beg_PDB_ins_code 
_struct_sheet_range.end_label_comp_id 
_struct_sheet_range.end_label_asym_id 
_struct_sheet_range.end_label_seq_id 
_struct_sheet_range.pdbx_end_PDB_ins_code 
_struct_sheet_range.beg_auth_comp_id 
_struct_sheet_range.beg_auth_asym_id 
_struct_sheet_range.beg_auth_seq_id 
_struct_sheet_range.end_auth_comp_id 
_struct_sheet_range.end_auth_asym_id 
_struct_sheet_range.end_auth_seq_id 
AA1 1 VAL A 65  ? LYS A 70  ? VAL A 74  LYS A 79  
AA1 2 HIS A 77  ? GLU A 89  ? HIS A 86  GLU A 98  
AA1 3 VAL A 125 ? PRO A 135 ? VAL A 134 PRO A 144 
AA1 4 VAL A 170 ? SER A 175 ? VAL A 179 SER A 184 
# 
loop_
_pdbx_struct_sheet_hbond.sheet_id 
_pdbx_struct_sheet_hbond.range_id_1 
_pdbx_struct_sheet_hbond.range_id_2 
_pdbx_struct_sheet_hbond.range_1_label_atom_id 
_pdbx_struct_sheet_hbond.range_1_label_comp_id 
_pdbx_struct_sheet_hbond.range_1_label_asym_id 
_pdbx_struct_sheet_hbond.range_1_label_seq_id 
_pdbx_struct_sheet_hbond.range_1_PDB_ins_code 
_pdbx_struct_sheet_hbond.range_1_auth_atom_id 
_pdbx_struct_sheet_hbond.range_1_auth_comp_id 
_pdbx_struct_sheet_hbond.range_1_auth_asym_id 
_pdbx_struct_sheet_hbond.range_1_auth_seq_id 
_pdbx_struct_sheet_hbond.range_2_label_atom_id 
_pdbx_struct_sheet_hbond.range_2_label_comp_id 
_pdbx_struct_sheet_hbond.range_2_label_asym_id 
_pdbx_struct_sheet_hbond.range_2_label_seq_id 
_pdbx_struct_sheet_hbond.range_2_PDB_ins_code 
_pdbx_struct_sheet_hbond.range_2_auth_atom_id 
_pdbx_struct_sheet_hbond.range_2_auth_comp_id 
_pdbx_struct_sheet_hbond.range_2_auth_asym_id 
_pdbx_struct_sheet_hbond.range_2_auth_seq_id 
AA1 1 2 N LYS A 66  ? N LYS A 75  O TYR A 78  ? O TYR A 87  
AA1 2 3 N ILE A 81  ? N ILE A 90  O GLU A 132 ? O GLU A 141 
AA1 3 4 N GLN A 131 ? N GLN A 140 O ASP A 172 ? O ASP A 181 
# 
loop_
_struct_site.id 
_struct_site.pdbx_evidence_code 
_struct_site.pdbx_auth_asym_id 
_struct_site.pdbx_auth_comp_id 
_struct_site.pdbx_auth_seq_id 
_struct_site.pdbx_auth_ins_code 
_struct_site.pdbx_num_residues 
_struct_site.details 
AC1 Software A CL 201 ? 4 'binding site for residue CL A 201' 
AC2 Software A CL 202 ? 1 'binding site for residue CL A 202' 
AC3 Software A CL 204 ? 1 'binding site for residue CL A 204' 
AC4 Software A NA 205 ? 6 'binding site for residue NA A 205' 
# 
loop_
_struct_site_gen.id 
_struct_site_gen.site_id 
_struct_site_gen.pdbx_num_res 
_struct_site_gen.label_comp_id 
_struct_site_gen.label_asym_id 
_struct_site_gen.label_seq_id 
_struct_site_gen.pdbx_auth_ins_code 
_struct_site_gen.auth_comp_id 
_struct_site_gen.auth_asym_id 
_struct_site_gen.auth_seq_id 
_struct_site_gen.label_atom_id 
_struct_site_gen.label_alt_id 
_struct_site_gen.symmetry 
_struct_site_gen.details 
1  AC1 4 ARG A 39  ? ARG A 48  . ? 1_555 ? 
2  AC1 4 LYS A 42  ? LYS A 51  . ? 1_555 ? 
3  AC1 4 HOH G .   ? HOH A 432 . ? 1_555 ? 
4  AC1 4 HOH G .   ? HOH A 475 . ? 1_555 ? 
5  AC2 1 GLU A 74  ? GLU A 83  . ? 1_555 ? 
6  AC3 1 GLU A 152 ? GLU A 161 . ? 1_555 ? 
7  AC4 6 GLY A 29  ? GLY A 38  . ? 1_555 ? 
8  AC4 6 ARG A 32  ? ARG A 41  . ? 1_555 ? 
9  AC4 6 PHE A 33  ? PHE A 42  . ? 1_555 ? 
10 AC4 6 SER A 84  ? SER A 93  . ? 8_544 ? 
11 AC4 6 ILE A 85  ? ILE A 94  . ? 8_544 ? 
12 AC4 6 HOH G .   ? HOH A 304 . ? 1_555 ? 
# 
_atom_sites.entry_id                    6A02 
_atom_sites.fract_transf_matrix[1][1]   -0.00735707 
_atom_sites.fract_transf_matrix[1][2]   0.00477770 
_atom_sites.fract_transf_matrix[1][3]   -0.00705458 
_atom_sites.fract_transf_matrix[2][1]   -0.00786641 
_atom_sites.fract_transf_matrix[2][2]   -0.00132958 
_atom_sites.fract_transf_matrix[2][3]   0.00730326 
_atom_sites.fract_transf_matrix[3][1]   0.00219455 
_atom_sites.fract_transf_matrix[3][2]   0.00939514 
_atom_sites.fract_transf_matrix[3][3]   0.00407419 
_atom_sites.fract_transf_vector[1]      0.126253 
_atom_sites.fract_transf_vector[2]      -0.244614 
_atom_sites.fract_transf_vector[3]      -0.157676 
# 
loop_
_atom_type.symbol 
C  
CL 
N  
NA 
O  
S  
# 
loop_
_atom_site.group_PDB 
_atom_site.id 
_atom_site.type_symbol 
_atom_site.label_atom_id 
_atom_site.label_alt_id 
_atom_site.label_comp_id 
_atom_site.label_asym_id 
_atom_site.label_entity_id 
_atom_site.label_seq_id 
_atom_site.pdbx_PDB_ins_code 
_atom_site.Cartn_x 
_atom_site.Cartn_y 
_atom_site.Cartn_z 
_atom_site.occupancy 
_atom_site.B_iso_or_equiv 
_atom_site.pdbx_formal_charge 
_atom_site.auth_seq_id 
_atom_site.auth_comp_id 
_atom_site.auth_asym_id 
_atom_site.auth_atom_id 
_atom_site.pdbx_PDB_model_num 
ATOM   1    N  N   . ASN A 1 9   ? 10.793  -0.077  3.499   1.00 30.90 ? 18  ASN A N   1 
ATOM   2    C  CA  . ASN A 1 9   ? 10.914  0.496   2.161   1.00 20.05 ? 18  ASN A CA  1 
ATOM   3    C  C   . ASN A 1 9   ? 10.425  1.945   2.158   1.00 13.87 ? 18  ASN A C   1 
ATOM   4    O  O   . ASN A 1 9   ? 9.768   2.382   3.103   1.00 13.82 ? 18  ASN A O   1 
ATOM   5    C  CB  . ASN A 1 9   ? 10.145  -0.352  1.152   1.00 28.10 ? 18  ASN A CB  1 
ATOM   6    C  CG  . ASN A 1 9   ? 10.776  -1.717  0.950   1.00 32.53 ? 18  ASN A CG  1 
ATOM   7    O  OD1 . ASN A 1 9   ? 11.977  -1.825  0.694   1.00 34.23 ? 18  ASN A OD1 1 
ATOM   8    N  ND2 . ASN A 1 9   ? 9.973   -2.768  1.087   1.00 35.12 ? 18  ASN A ND2 1 
ATOM   9    N  N   . VAL A 1 10  ? 10.783  2.698   1.117   1.00 15.22 ? 19  VAL A N   1 
ATOM   10   C  CA  . VAL A 1 10  ? 10.496  4.128   1.062   1.00 15.01 ? 19  VAL A CA  1 
ATOM   11   C  C   . VAL A 1 10  ? 9.940   4.504   -0.304  1.00 13.24 ? 19  VAL A C   1 
ATOM   12   O  O   . VAL A 1 10  ? 10.213  3.849   -1.315  1.00 14.23 ? 19  VAL A O   1 
ATOM   13   C  CB  . VAL A 1 10  ? 11.728  5.007   1.386   1.00 14.74 ? 19  VAL A CB  1 
ATOM   14   C  CG1 . VAL A 1 10  ? 12.232  4.734   2.793   1.00 16.52 ? 19  VAL A CG1 1 
ATOM   15   C  CG2 . VAL A 1 10  ? 12.839  4.777   0.373   1.00 20.62 ? 19  VAL A CG2 1 
ATOM   16   N  N   . THR A 1 11  ? 9.173   5.588   -0.324  1.00 11.17 ? 20  THR A N   1 
ATOM   17   C  CA  . THR A 1 11  ? 8.660   6.149   -1.565  1.00 11.56 ? 20  THR A CA  1 
ATOM   18   C  C   . THR A 1 11  ? 9.772   6.889   -2.315  1.00 14.38 ? 20  THR A C   1 
ATOM   19   O  O   . THR A 1 11  ? 10.911  7.009   -1.849  1.00 13.16 ? 20  THR A O   1 
ATOM   20   C  CB  . THR A 1 11  ? 7.528   7.130   -1.270  1.00 12.11 ? 20  THR A CB  1 
ATOM   21   O  OG1 . THR A 1 11  ? 8.065   8.281   -0.605  1.00 12.16 ? 20  THR A OG1 1 
ATOM   22   C  CG2 . THR A 1 11  ? 6.453   6.479   -0.394  1.00 13.74 ? 20  THR A CG2 1 
ATOM   23   N  N   . LEU A 1 12  ? 9.425   7.416   -3.496  1.00 11.60 ? 21  LEU A N   1 
ATOM   24   C  CA  . LEU A 1 12  ? 10.398  8.187   -4.267  1.00 12.14 ? 21  LEU A CA  1 
ATOM   25   C  C   . LEU A 1 12  ? 10.889  9.403   -3.495  1.00 16.85 ? 21  LEU A C   1 
ATOM   26   O  O   . LEU A 1 12  ? 12.040  9.823   -3.672  1.00 15.29 ? 21  LEU A O   1 
ATOM   27   C  CB  . LEU A 1 12  ? 9.811   8.615   -5.612  1.00 14.19 ? 21  LEU A CB  1 
ATOM   28   C  CG  . LEU A 1 12  ? 9.469   7.485   -6.587  1.00 14.03 ? 21  LEU A CG  1 
ATOM   29   C  CD1 . LEU A 1 12  ? 8.772   8.032   -7.830  1.00 15.68 ? 21  LEU A CD1 1 
ATOM   30   C  CD2 . LEU A 1 12  ? 10.723  6.696   -6.968  1.00 13.95 ? 21  LEU A CD2 1 
ATOM   31   N  N   . ASN A 1 13  ? 10.041  9.973   -2.638  1.00 13.77 ? 22  ASN A N   1 
ATOM   32   C  CA  . ASN A 1 13  ? 10.398  11.112  -1.801  1.00 16.77 ? 22  ASN A CA  1 
ATOM   33   C  C   . ASN A 1 13  ? 10.978  10.698  -0.456  1.00 17.80 ? 22  ASN A C   1 
ATOM   34   O  O   . ASN A 1 13  ? 11.099  11.548  0.434   1.00 17.91 ? 22  ASN A O   1 
ATOM   35   C  CB  . ASN A 1 13  ? 9.176   12.006  -1.564  1.00 18.79 ? 22  ASN A CB  1 
ATOM   36   C  CG  . ASN A 1 13  ? 8.984   13.025  -2.650  1.00 32.06 ? 22  ASN A CG  1 
ATOM   37   O  OD1 . ASN A 1 13  ? 8.212   12.807  -3.584  1.00 34.40 ? 22  ASN A OD1 1 
ATOM   38   N  ND2 . ASN A 1 13  ? 9.682   14.155  -2.538  1.00 32.42 ? 22  ASN A ND2 1 
ATOM   39   N  N   . ASN A 1 14  ? 11.319  9.419   -0.285  1.00 13.82 ? 23  ASN A N   1 
ATOM   40   C  CA  . ASN A 1 14  ? 11.997  8.894   0.901   1.00 16.16 ? 23  ASN A CA  1 
ATOM   41   C  C   . ASN A 1 14  ? 11.100  8.813   2.130   1.00 16.92 ? 23  ASN A C   1 
ATOM   42   O  O   . ASN A 1 14  ? 11.601  8.799   3.258   1.00 18.10 ? 23  ASN A O   1 
ATOM   43   C  CB  . ASN A 1 14  ? 13.307  9.630   1.225   1.00 18.08 ? 23  ASN A CB  1 
ATOM   44   C  CG  . ASN A 1 14  ? 14.290  9.612   0.065   1.00 27.14 ? 23  ASN A CG  1 
ATOM   45   O  OD1 . ASN A 1 14  ? 14.469  8.590   -0.601  1.00 29.25 ? 23  ASN A OD1 1 
ATOM   46   N  ND2 . ASN A 1 14  ? 14.926  10.755  -0.190  1.00 31.17 ? 23  ASN A ND2 1 
ATOM   47   N  N   . ASP A 1 15  ? 9.784   8.750   1.950   1.00 15.36 ? 24  ASP A N   1 
ATOM   48   C  CA  . ASP A 1 15  ? 8.874   8.536   3.068   1.00 14.39 ? 24  ASP A CA  1 
ATOM   49   C  C   . ASP A 1 15  ? 8.684   7.042   3.293   1.00 13.26 ? 24  ASP A C   1 
ATOM   50   O  O   . ASP A 1 15  ? 8.608   6.264   2.335   1.00 13.28 ? 24  ASP A O   1 
ATOM   51   C  CB  . ASP A 1 15  ? 7.535   9.209   2.779   1.00 14.76 ? 24  ASP A CB  1 
ATOM   52   C  CG  . ASP A 1 15  ? 7.682   10.705  2.554   1.00 20.62 ? 24  ASP A CG  1 
ATOM   53   O  OD1 . ASP A 1 15  ? 8.349   11.358  3.383   1.00 22.59 ? 24  ASP A OD1 1 
ATOM   54   O  OD2 . ASP A 1 15  ? 7.159   11.214  1.540   1.00 24.74 ? 24  ASP A OD2 1 
ATOM   55   N  N   . LYS A 1 16  ? 8.600   6.642   4.560   1.00 11.13 ? 25  LYS A N   1 
ATOM   56   C  CA  . LYS A 1 16  ? 8.595   5.224   4.895   1.00 12.75 ? 25  LYS A CA  1 
ATOM   57   C  C   . LYS A 1 16  ? 7.254   4.569   4.576   1.00 10.43 ? 25  LYS A C   1 
ATOM   58   O  O   . LYS A 1 16  ? 6.184   5.178   4.720   1.00 10.44 ? 25  LYS A O   1 
ATOM   59   C  CB  . LYS A 1 16  ? 8.961   5.028   6.368   1.00 14.09 ? 25  LYS A CB  1 
ATOM   60   C  CG  . LYS A 1 16  ? 10.458  5.190   6.621   1.00 18.58 ? 25  LYS A CG  1 
ATOM   61   C  CD  . LYS A 1 16  ? 10.789  5.211   8.108   1.00 22.42 ? 25  LYS A CD  1 
ATOM   62   C  CE  . LYS A 1 16  ? 12.300  5.354   8.330   1.00 29.29 ? 25  LYS A CE  1 
ATOM   63   N  NZ  . LYS A 1 16  ? 12.640  6.190   9.522   1.00 35.66 ? 25  LYS A NZ  1 
ATOM   64   N  N   . ILE A 1 17  ? 7.336   3.315   4.136   1.00 10.68 ? 26  ILE A N   1 
ATOM   65   C  CA  . ILE A 1 17  ? 6.195   2.481   3.775   1.00 10.75 ? 26  ILE A CA  1 
ATOM   66   C  C   . ILE A 1 17  ? 6.147   1.315   4.754   1.00 11.49 ? 26  ILE A C   1 
ATOM   67   O  O   . ILE A 1 17  ? 7.185   0.715   5.057   1.00 11.95 ? 26  ILE A O   1 
ATOM   68   C  CB  . ILE A 1 17  ? 6.365   1.955   2.333   1.00 9.65  ? 26  ILE A CB  1 
ATOM   69   C  CG1 . ILE A 1 17  ? 6.448   3.104   1.314   1.00 11.26 ? 26  ILE A CG1 1 
ATOM   70   C  CG2 . ILE A 1 17  ? 5.241   0.989   1.993   1.00 11.18 ? 26  ILE A CG2 1 
ATOM   71   C  CD1 . ILE A 1 17  ? 6.969   2.665   -0.049  1.00 12.86 ? 26  ILE A CD1 1 
ATOM   72   N  N   . SER A 1 18  ? 4.951   0.980   5.248   1.00 10.13 ? 27  SER A N   1 
ATOM   73   C  CA  . SER A 1 18  ? 4.818   -0.042  6.289   1.00 10.97 ? 27  SER A CA  1 
ATOM   74   C  C   . SER A 1 18  ? 4.712   -1.433  5.674   1.00 12.96 ? 27  SER A C   1 
ATOM   75   O  O   . SER A 1 18  ? 3.653   -1.822  5.168   1.00 11.71 ? 27  SER A O   1 
ATOM   76   C  CB  . SER A 1 18  ? 3.628   0.224   7.205   1.00 11.87 ? 27  SER A CB  1 
ATOM   77   O  OG  . SER A 1 18  ? 3.463   -0.868  8.103   1.00 11.68 ? 27  SER A OG  1 
ATOM   78   N  N   . GLY A 1 19  ? 5.792   -2.208  5.767   1.00 15.13 ? 28  GLY A N   1 
ATOM   79   C  CA  . GLY A 1 19  ? 5.712   -3.594  5.348   1.00 15.00 ? 28  GLY A CA  1 
ATOM   80   C  C   . GLY A 1 19  ? 4.842   -4.439  6.254   1.00 14.08 ? 28  GLY A C   1 
ATOM   81   O  O   . GLY A 1 19  ? 4.237   -5.416  5.800   1.00 14.36 ? 28  GLY A O   1 
ATOM   82   N  N   . GLN A 1 20  ? 4.773   -4.088  7.543   1.00 12.13 ? 29  GLN A N   1 
ATOM   83   C  CA  . GLN A 1 20  ? 3.902   -4.821  8.453   1.00 13.23 ? 29  GLN A CA  1 
ATOM   84   C  C   . GLN A 1 20  ? 2.441   -4.646  8.067   1.00 11.97 ? 29  GLN A C   1 
ATOM   85   O  O   . GLN A 1 20  ? 1.671   -5.614  8.074   1.00 10.95 ? 29  GLN A O   1 
ATOM   86   C  CB  . GLN A 1 20  ? 4.104   -4.356  9.892   1.00 13.78 ? 29  GLN A CB  1 
ATOM   87   C  CG  . GLN A 1 20  ? 5.413   -4.788  10.530  1.00 15.97 ? 29  GLN A CG  1 
ATOM   88   C  CD  . GLN A 1 20  ? 5.583   -4.163  11.895  1.00 19.71 ? 29  GLN A CD  1 
ATOM   89   O  OE1 . GLN A 1 20  ? 5.561   -2.939  12.033  1.00 20.67 ? 29  GLN A OE1 1 
ATOM   90   N  NE2 . GLN A 1 20  ? 5.734   -5.001  12.920  1.00 21.67 ? 29  GLN A NE2 1 
ATOM   91   N  N   . ALA A 1 21  ? 2.037   -3.417  7.746   1.00 12.19 ? 30  ALA A N   1 
ATOM   92   C  CA  . ALA A 1 21  ? 0.645   -3.188  7.372   1.00 10.53 ? 30  ALA A CA  1 
ATOM   93   C  C   . ALA A 1 21  ? 0.323   -3.807  6.023   1.00 9.67  ? 30  ALA A C   1 
ATOM   94   O  O   . ALA A 1 21  ? -0.808  -4.258  5.803   1.00 10.08 ? 30  ALA A O   1 
ATOM   95   C  CB  . ALA A 1 21  ? 0.332   -1.695  7.363   1.00 10.87 ? 30  ALA A CB  1 
ATOM   96   N  N   . TRP A 1 22  ? 1.286   -3.826  5.100   1.00 9.85  ? 31  TRP A N   1 
ATOM   97   C  CA  . TRP A 1 22  ? 1.060   -4.549  3.856   1.00 11.26 ? 31  TRP A CA  1 
ATOM   98   C  C   . TRP A 1 22  ? 0.775   -6.020  4.130   1.00 11.89 ? 31  TRP A C   1 
ATOM   99   O  O   . TRP A 1 22  ? -0.185  -6.587  3.594   1.00 10.63 ? 31  TRP A O   1 
ATOM   100  C  CB  . TRP A 1 22  ? 2.250   -4.377  2.903   1.00 14.69 ? 31  TRP A CB  1 
ATOM   101  C  CG  . TRP A 1 22  ? 1.907   -4.859  1.538   1.00 17.35 ? 31  TRP A CG  1 
ATOM   102  C  CD1 . TRP A 1 22  ? 1.316   -4.143  0.539   1.00 17.56 ? 31  TRP A CD1 1 
ATOM   103  C  CD2 . TRP A 1 22  ? 2.090   -6.177  1.038   1.00 21.11 ? 31  TRP A CD2 1 
ATOM   104  N  NE1 . TRP A 1 22  ? 1.130   -4.937  -0.567  1.00 23.46 ? 31  TRP A NE1 1 
ATOM   105  C  CE2 . TRP A 1 22  ? 1.607   -6.191  -0.285  1.00 21.39 ? 31  TRP A CE2 1 
ATOM   106  C  CE3 . TRP A 1 22  ? 2.634   -7.344  1.573   1.00 21.07 ? 31  TRP A CE3 1 
ATOM   107  C  CZ2 . TRP A 1 22  ? 1.637   -7.330  -1.074  1.00 25.21 ? 31  TRP A CZ2 1 
ATOM   108  C  CZ3 . TRP A 1 22  ? 2.668   -8.475  0.786   1.00 22.76 ? 31  TRP A CZ3 1 
ATOM   109  C  CH2 . TRP A 1 22  ? 2.176   -8.456  -0.524  1.00 27.27 ? 31  TRP A CH2 1 
ATOM   110  N  N   . GLN A 1 23  ? 1.594   -6.654  4.975   1.00 11.00 ? 32  GLN A N   1 
ATOM   111  C  CA  . GLN A 1 23  ? 1.378   -8.062  5.284   1.00 11.02 ? 32  GLN A CA  1 
ATOM   112  C  C   . GLN A 1 23  ? 0.070   -8.266  6.033   1.00 10.06 ? 32  GLN A C   1 
ATOM   113  O  O   . GLN A 1 23  ? -0.599  -9.288  5.842   1.00 9.88  ? 32  GLN A O   1 
ATOM   114  C  CB  . GLN A 1 23  ? 2.562   -8.600  6.088   1.00 10.39 ? 32  GLN A CB  1 
ATOM   115  C  CG  . GLN A 1 23  ? 2.482   -10.099 6.372   1.00 14.36 ? 32  GLN A CG  1 
ATOM   116  C  CD  . GLN A 1 23  ? 2.517   -10.913 5.101   1.00 15.34 ? 32  GLN A CD  1 
ATOM   117  O  OE1 . GLN A 1 23  ? 3.326   -10.649 4.212   1.00 23.23 ? 32  GLN A OE1 1 
ATOM   118  N  NE2 . GLN A 1 23  ? 1.610   -11.885 4.984   1.00 14.99 ? 32  GLN A NE2 1 
ATOM   119  N  N   . ALA A 1 24  ? -0.315  -7.302  6.868   1.00 9.66  ? 33  ALA A N   1 
ATOM   120  C  CA  . ALA A 1 24  ? -1.591  -7.393  7.566   1.00 9.63  ? 33  ALA A CA  1 
ATOM   121  C  C   . ALA A 1 24  ? -2.748  -7.431  6.577   1.00 8.78  ? 33  ALA A C   1 
ATOM   122  O  O   . ALA A 1 24  ? -3.689  -8.219  6.740   1.00 9.46  ? 33  ALA A O   1 
ATOM   123  C  CB  . ALA A 1 24  ? -1.747  -6.218  8.533   1.00 10.66 ? 33  ALA A CB  1 
ATOM   124  N  N   . MET A 1 25  ? -2.687  -6.604  5.531   1.00 9.91  ? 34  MET A N   1 
ATOM   125  C  CA  . MET A 1 25  ? -3.764  -6.615  4.544   1.00 7.60  ? 34  MET A CA  1 
ATOM   126  C  C   . MET A 1 25  ? -3.794  -7.933  3.785   1.00 8.28  ? 34  MET A C   1 
ATOM   127  O  O   . MET A 1 25  ? -4.873  -8.446  3.466   1.00 8.65  ? 34  MET A O   1 
ATOM   128  C  CB  . MET A 1 25  ? -3.609  -5.438  3.579   1.00 8.03  ? 34  MET A CB  1 
ATOM   129  C  CG  . MET A 1 25  ? -3.732  -4.065  4.237   1.00 10.25 ? 34  MET A CG  1 
ATOM   130  S  SD  . MET A 1 25  ? -5.154  -3.909  5.341   1.00 11.62 ? 34  MET A SD  1 
ATOM   131  C  CE  . MET A 1 25  ? -6.494  -4.169  4.186   1.00 12.55 ? 34  MET A CE  1 
ATOM   132  N  N   . ARG A 1 26  ? -2.619  -8.492  3.485   1.00 8.95  ? 35  ARG A N   1 
ATOM   133  C  CA  . ARG A 1 26  ? -2.557  -9.812  2.867   1.00 10.07 ? 35  ARG A CA  1 
ATOM   134  C  C   . ARG A 1 26  ? -3.193  -10.856 3.781   1.00 9.80  ? 35  ARG A C   1 
ATOM   135  O  O   . ARG A 1 26  ? -4.003  -11.685 3.337   1.00 9.73  ? 35  ARG A O   1 
ATOM   136  C  CB  . ARG A 1 26  ? -1.090  -10.117 2.554   1.00 12.23 ? 35  ARG A CB  1 
ATOM   137  C  CG  . ARG A 1 26  ? -0.741  -11.557 2.304   1.00 16.71 ? 35  ARG A CG  1 
ATOM   138  C  CD  . ARG A 1 26  ? -1.460  -12.146 1.124   1.00 17.68 ? 35  ARG A CD  1 
ATOM   139  N  NE  . ARG A 1 26  ? -0.845  -13.422 0.759   1.00 23.11 ? 35  ARG A NE  1 
ATOM   140  C  CZ  . ARG A 1 26  ? -1.379  -14.292 -0.091  1.00 22.42 ? 35  ARG A CZ  1 
ATOM   141  N  NH1 . ARG A 1 26  ? -2.545  -14.030 -0.650  1.00 22.65 ? 35  ARG A NH1 1 
ATOM   142  N  NH2 . ARG A 1 26  ? -0.747  -15.427 -0.367  1.00 21.70 ? 35  ARG A NH2 1 
ATOM   143  N  N   . ASP A 1 27  ? -2.885  -10.790 5.082   1.00 9.29  ? 36  ASP A N   1 
ATOM   144  C  CA  . ASP A 1 27  ? -3.461  -11.737 6.035   1.00 9.57  ? 36  ASP A CA  1 
ATOM   145  C  C   . ASP A 1 27  ? -4.978  -11.585 6.134   1.00 8.89  ? 36  ASP A C   1 
ATOM   146  O  O   . ASP A 1 27  ? -5.697  -12.582 6.293   1.00 8.95  ? 36  ASP A O   1 
ATOM   147  C  CB  . ASP A 1 27  ? -2.828  -11.543 7.415   1.00 10.18 ? 36  ASP A CB  1 
ATOM   148  C  CG  . ASP A 1 27  ? -1.381  -11.990 7.477   1.00 13.01 ? 36  ASP A CG  1 
ATOM   149  O  OD1 . ASP A 1 27  ? -0.895  -12.627 6.513   1.00 13.90 ? 36  ASP A OD1 1 
ATOM   150  O  OD2 . ASP A 1 27  ? -0.745  -11.699 8.518   1.00 13.85 ? 36  ASP A OD2 1 
ATOM   151  N  N   . ILE A 1 28  ? -5.477  -10.346 6.061   1.00 9.12  ? 37  ILE A N   1 
ATOM   152  C  CA  . ILE A 1 28  ? -6.916  -10.084 6.119   1.00 8.30  ? 37  ILE A CA  1 
ATOM   153  C  C   . ILE A 1 28  ? -7.639  -10.763 4.958   1.00 8.25  ? 37  ILE A C   1 
ATOM   154  O  O   . ILE A 1 28  ? -8.696  -11.384 5.139   1.00 8.38  ? 37  ILE A O   1 
ATOM   155  C  CB  . ILE A 1 28  ? -7.160  -8.559  6.152   1.00 8.63  ? 37  ILE A CB  1 
ATOM   156  C  CG1 . ILE A 1 28  ? -6.842  -7.999  7.535   1.00 10.67 ? 37  ILE A CG1 1 
ATOM   157  C  CG2 . ILE A 1 28  ? -8.585  -8.203  5.756   1.00 9.97  ? 37  ILE A CG2 1 
ATOM   158  C  CD1 . ILE A 1 28  ? -6.776  -6.491  7.545   1.00 11.90 ? 37  ILE A CD1 1 
ATOM   159  N  N   . GLY A 1 29  ? -7.089  -10.654 3.746   1.00 9.31  ? 38  GLY A N   1 
ATOM   160  C  CA  . GLY A 1 29  ? -7.698  -11.322 2.607   1.00 7.86  ? 38  GLY A CA  1 
ATOM   161  C  C   . GLY A 1 29  ? -7.691  -12.834 2.732   1.00 8.69  ? 38  GLY A C   1 
ATOM   162  O  O   . GLY A 1 29  ? -8.689  -13.496 2.425   1.00 10.81 ? 38  GLY A O   1 
ATOM   163  N  N   . MET A 1 30  ? -6.569  -13.400 3.178   1.00 8.91  ? 39  MET A N   1 
ATOM   164  C  CA  . MET A 1 30  ? -6.496  -14.849 3.349   1.00 8.61  ? 39  MET A CA  1 
ATOM   165  C  C   . MET A 1 30  ? -7.457  -15.308 4.436   1.00 9.64  ? 39  MET A C   1 
ATOM   166  O  O   . MET A 1 30  ? -8.116  -16.348 4.303   1.00 10.32 ? 39  MET A O   1 
ATOM   167  C  CB  . MET A 1 30  ? -5.063  -15.271 3.681   1.00 13.46 ? 39  MET A CB  1 
ATOM   168  C  CG  . MET A 1 30  ? -4.060  -15.041 2.546   1.00 14.54 ? 39  MET A CG  1 
ATOM   169  S  SD  . MET A 1 30  ? -2.436  -15.766 2.870   1.00 22.48 ? 39  MET A SD  1 
ATOM   170  C  CE  A MET A 1 30  ? -3.026  -17.350 3.471   0.57 9.53  ? 39  MET A CE  1 
ATOM   171  C  CE  B MET A 1 30  ? -1.802  -14.657 4.114   0.43 14.85 ? 39  MET A CE  1 
ATOM   172  N  N   . SER A 1 31  ? -7.568  -14.524 5.509   1.00 8.10  ? 40  SER A N   1 
ATOM   173  C  CA  . SER A 1 31  ? -8.499  -14.856 6.579   1.00 9.76  ? 40  SER A CA  1 
ATOM   174  C  C   . SER A 1 31  ? -9.918  -14.945 6.046   1.00 8.18  ? 40  SER A C   1 
ATOM   175  O  O   . SER A 1 31  ? -10.644 -15.907 6.328   1.00 8.50  ? 40  SER A O   1 
ATOM   176  C  CB  . SER A 1 31  ? -8.401  -13.804 7.684   1.00 8.40  ? 40  SER A CB  1 
ATOM   177  O  OG  . SER A 1 31  ? -9.345  -14.038 8.719   1.00 8.29  ? 40  SER A OG  1 
ATOM   178  N  N   . ARG A 1 32  ? -10.339 -13.951 5.259   1.00 6.87  ? 41  ARG A N   1 
ATOM   179  C  CA  . ARG A 1 32  ? -11.702 -13.976 4.735   1.00 7.88  ? 41  ARG A CA  1 
ATOM   180  C  C   . ARG A 1 32  ? -11.931 -15.208 3.874   1.00 9.92  ? 41  ARG A C   1 
ATOM   181  O  O   . ARG A 1 32  ? -12.972 -15.865 3.978   1.00 9.16  ? 41  ARG A O   1 
ATOM   182  C  CB  . ARG A 1 32  ? -11.997 -12.705 3.940   1.00 7.98  ? 41  ARG A CB  1 
ATOM   183  C  CG  . ARG A 1 32  ? -13.389 -12.696 3.343   1.00 8.06  ? 41  ARG A CG  1 
ATOM   184  C  CD  . ARG A 1 32  ? -13.757 -11.302 2.858   1.00 9.68  ? 41  ARG A CD  1 
ATOM   185  N  NE  . ARG A 1 32  ? -15.066 -11.262 2.222   1.00 9.92  ? 41  ARG A NE  1 
ATOM   186  C  CZ  . ARG A 1 32  ? -15.256 -11.454 0.920   1.00 10.74 ? 41  ARG A CZ  1 
ATOM   187  N  NH1 . ARG A 1 32  ? -14.222 -11.709 0.132   1.00 13.05 ? 41  ARG A NH1 1 
ATOM   188  N  NH2 . ARG A 1 32  ? -16.475 -11.399 0.413   1.00 12.83 ? 41  ARG A NH2 1 
ATOM   189  N  N   . PHE A 1 33  ? -10.968 -15.540 3.013   1.00 8.11  ? 42  PHE A N   1 
ATOM   190  C  CA  . PHE A 1 33  ? -11.136 -16.716 2.172   1.00 9.96  ? 42  PHE A CA  1 
ATOM   191  C  C   . PHE A 1 33  ? -11.314 -17.971 3.015   1.00 7.71  ? 42  PHE A C   1 
ATOM   192  O  O   . PHE A 1 33  ? -12.162 -18.825 2.706   1.00 9.06  ? 42  PHE A O   1 
ATOM   193  C  CB  . PHE A 1 33  ? -9.939  -16.888 1.241   1.00 8.87  ? 42  PHE A CB  1 
ATOM   194  C  CG  . PHE A 1 33  ? -10.004 -18.158 0.431   1.00 8.80  ? 42  PHE A CG  1 
ATOM   195  C  CD1 . PHE A 1 33  ? -10.830 -18.246 -0.675  1.00 11.03 ? 42  PHE A CD1 1 
ATOM   196  C  CD2 . PHE A 1 33  ? -9.290  -19.277 0.820   1.00 12.45 ? 42  PHE A CD2 1 
ATOM   197  C  CE1 . PHE A 1 33  ? -10.918 -19.437 -1.411  1.00 11.97 ? 42  PHE A CE1 1 
ATOM   198  C  CE2 . PHE A 1 33  ? -9.374  -20.462 0.085   1.00 13.32 ? 42  PHE A CE2 1 
ATOM   199  C  CZ  . PHE A 1 33  ? -10.189 -20.536 -1.025  1.00 14.15 ? 42  PHE A CZ  1 
ATOM   200  N  N   . GLU A 1 34  ? -10.524 -18.101 4.085   1.00 9.72  ? 43  GLU A N   1 
ATOM   201  C  CA  . GLU A 1 34  ? -10.585 -19.323 4.885   1.00 9.22  ? 43  GLU A CA  1 
ATOM   202  C  C   . GLU A 1 34  ? -11.927 -19.490 5.594   1.00 9.82  ? 43  GLU A C   1 
ATOM   203  O  O   . GLU A 1 34  ? -12.317 -20.622 5.899   1.00 11.65 ? 43  GLU A O   1 
ATOM   204  C  CB  . GLU A 1 34  ? -9.399  -19.401 5.843   1.00 9.84  ? 43  GLU A CB  1 
ATOM   205  C  CG  . GLU A 1 34  ? -8.045  -19.500 5.152   1.00 9.67  ? 43  GLU A CG  1 
ATOM   206  C  CD  . GLU A 1 34  ? -7.861  -20.765 4.329   1.00 16.51 ? 43  GLU A CD  1 
ATOM   207  O  OE1 . GLU A 1 34  ? -8.743  -21.650 4.345   1.00 17.54 ? 43  GLU A OE1 1 
ATOM   208  O  OE2 . GLU A 1 34  ? -6.812  -20.873 3.657   1.00 20.33 ? 43  GLU A OE2 1 
ATOM   209  N  N   . LEU A 1 35  ? -12.651 -18.397 5.862   1.00 9.23  ? 44  LEU A N   1 
ATOM   210  C  CA  . LEU A 1 35  ? -14.006 -18.530 6.399   1.00 10.69 ? 44  LEU A CA  1 
ATOM   211  C  C   . LEU A 1 35  ? -14.892 -19.324 5.448   1.00 11.73 ? 44  LEU A C   1 
ATOM   212  O  O   . LEU A 1 35  ? -15.575 -20.273 5.856   1.00 14.40 ? 44  LEU A O   1 
ATOM   213  C  CB  . LEU A 1 35  ? -14.614 -17.153 6.655   1.00 10.13 ? 44  LEU A CB  1 
ATOM   214  C  CG  . LEU A 1 35  ? -13.937 -16.291 7.715   1.00 9.58  ? 44  LEU A CG  1 
ATOM   215  C  CD1 . LEU A 1 35  ? -14.521 -14.883 7.716   1.00 11.80 ? 44  LEU A CD1 1 
ATOM   216  C  CD2 . LEU A 1 35  ? -14.056 -16.941 9.093   1.00 11.64 ? 44  LEU A CD2 1 
ATOM   217  N  N   . PHE A 1 36  ? -14.890 -18.946 4.166   1.00 9.96  ? 45  PHE A N   1 
ATOM   218  C  CA  . PHE A 1 36  ? -15.688 -19.649 3.168   1.00 12.10 ? 45  PHE A CA  1 
ATOM   219  C  C   . PHE A 1 36  ? -15.127 -21.026 2.855   1.00 11.97 ? 45  PHE A C   1 
ATOM   220  O  O   . PHE A 1 36  ? -15.862 -21.896 2.377   1.00 15.74 ? 45  PHE A O   1 
ATOM   221  C  CB  . PHE A 1 36  ? -15.774 -18.807 1.892   1.00 11.82 ? 45  PHE A CB  1 
ATOM   222  C  CG  . PHE A 1 36  ? -16.531 -17.525 2.074   1.00 11.02 ? 45  PHE A CG  1 
ATOM   223  C  CD1 . PHE A 1 36  ? -17.902 -17.494 1.873   1.00 12.60 ? 45  PHE A CD1 1 
ATOM   224  C  CD2 . PHE A 1 36  ? -15.886 -16.356 2.459   1.00 12.58 ? 45  PHE A CD2 1 
ATOM   225  C  CE1 . PHE A 1 36  ? -18.617 -16.319 2.048   1.00 14.12 ? 45  PHE A CE1 1 
ATOM   226  C  CE2 . PHE A 1 36  ? -16.596 -15.169 2.627   1.00 11.94 ? 45  PHE A CE2 1 
ATOM   227  C  CZ  . PHE A 1 36  ? -17.967 -15.157 2.422   1.00 11.96 ? 45  PHE A CZ  1 
ATOM   228  N  N   . ASN A 1 37  ? -13.839 -21.235 3.095   1.00 10.95 ? 46  ASN A N   1 
ATOM   229  C  CA  . ASN A 1 37  ? -13.158 -22.494 2.823   1.00 12.56 ? 46  ASN A CA  1 
ATOM   230  C  C   . ASN A 1 37  ? -13.340 -23.508 3.951   1.00 13.51 ? 46  ASN A C   1 
ATOM   231  O  O   . ASN A 1 37  ? -12.673 -24.550 3.944   1.00 15.74 ? 46  ASN A O   1 
ATOM   232  C  CB  . ASN A 1 37  ? -11.670 -22.206 2.584   1.00 12.18 ? 46  ASN A CB  1 
ATOM   233  C  CG  . ASN A 1 37  ? -10.968 -23.304 1.808   1.00 15.20 ? 46  ASN A CG  1 
ATOM   234  O  OD1 . ASN A 1 37  ? -11.581 -24.009 1.006   1.00 14.52 ? 46  ASN A OD1 1 
ATOM   235  N  ND2 . ASN A 1 37  ? -9.659  -23.443 2.034   1.00 20.01 ? 46  ASN A ND2 1 
ATOM   236  N  N   . GLY A 1 38  ? -14.208 -23.214 4.918   1.00 14.53 ? 47  GLY A N   1 
ATOM   237  C  CA  . GLY A 1 38  ? -14.444 -24.139 6.010   1.00 17.02 ? 47  GLY A CA  1 
ATOM   238  C  C   . GLY A 1 38  ? -13.284 -24.302 6.962   1.00 16.58 ? 47  GLY A C   1 
ATOM   239  O  O   . GLY A 1 38  ? -13.177 -25.339 7.624   1.00 18.99 ? 47  GLY A O   1 
ATOM   240  N  N   . ARG A 1 39  ? -12.411 -23.308 7.063   1.00 12.19 ? 48  ARG A N   1 
ATOM   241  C  CA  . ARG A 1 39  ? -11.253 -23.354 7.947   1.00 12.40 ? 48  ARG A CA  1 
ATOM   242  C  C   . ARG A 1 39  ? -11.302 -22.131 8.858   1.00 14.47 ? 48  ARG A C   1 
ATOM   243  O  O   . ARG A 1 39  ? -10.424 -21.265 8.797   1.00 12.57 ? 48  ARG A O   1 
ATOM   244  C  CB  . ARG A 1 39  ? -9.947  -23.407 7.130   1.00 14.46 ? 48  ARG A CB  1 
ATOM   245  C  CG  . ARG A 1 39  ? -9.729  -24.718 6.372   1.00 17.81 ? 48  ARG A CG  1 
ATOM   246  C  CD  . ARG A 1 39  ? -8.549  -24.608 5.414   1.00 21.05 ? 48  ARG A CD  1 
ATOM   247  N  NE  . ARG A 1 39  ? -7.970  -25.907 5.063   1.00 37.38 ? 48  ARG A NE  1 
ATOM   248  C  CZ  . ARG A 1 39  ? -8.418  -26.703 4.093   1.00 32.64 ? 48  ARG A CZ  1 
ATOM   249  N  NH1 . ARG A 1 39  ? -9.477  -26.357 3.370   1.00 32.05 ? 48  ARG A NH1 1 
ATOM   250  N  NH2 . ARG A 1 39  ? -7.817  -27.863 3.858   1.00 36.37 ? 48  ARG A NH2 1 
ATOM   251  N  N   . THR A 1 40  ? -12.333 -22.062 9.708   1.00 13.32 ? 49  THR A N   1 
ATOM   252  C  CA  . THR A 1 40  ? -12.519 -20.864 10.527  1.00 14.50 ? 49  THR A CA  1 
ATOM   253  C  C   . THR A 1 40  ? -11.399 -20.682 11.544  1.00 14.55 ? 49  THR A C   1 
ATOM   254  O  O   . THR A 1 40  ? -11.071 -19.547 11.902  1.00 14.05 ? 49  THR A O   1 
ATOM   255  C  CB  . THR A 1 40  ? -13.881 -20.859 11.232  1.00 17.99 ? 49  THR A CB  1 
ATOM   256  O  OG1 . THR A 1 40  ? -13.964 -21.993 12.108  1.00 18.47 ? 49  THR A OG1 1 
ATOM   257  C  CG2 . THR A 1 40  ? -15.032 -20.865 10.227  1.00 15.88 ? 49  THR A CG2 1 
ATOM   258  N  N   . GLN A 1 41  ? -10.807 -21.775 12.036  1.00 13.74 ? 50  GLN A N   1 
ATOM   259  C  CA  . GLN A 1 41  ? -9.707  -21.617 12.978  1.00 13.58 ? 50  GLN A CA  1 
ATOM   260  C  C   . GLN A 1 41  ? -8.468  -21.058 12.286  1.00 12.58 ? 50  GLN A C   1 
ATOM   261  O  O   . GLN A 1 41  ? -7.753  -20.222 12.853  1.00 13.16 ? 50  GLN A O   1 
ATOM   262  C  CB  . GLN A 1 41  ? -9.475  -22.925 13.743  1.00 19.03 ? 50  GLN A CB  1 
ATOM   263  C  CG  . GLN A 1 41  ? -10.725 -23.277 14.561  1.00 22.46 ? 50  GLN A CG  1 
ATOM   264  C  CD  . GLN A 1 41  ? -10.732 -24.676 15.143  1.00 30.93 ? 50  GLN A CD  1 
ATOM   265  O  OE1 . GLN A 1 41  ? -11.321 -25.598 14.572  1.00 34.57 ? 50  GLN A OE1 1 
ATOM   266  N  NE2 . GLN A 1 41  ? -10.109 -24.835 16.303  1.00 28.47 ? 50  GLN A NE2 1 
ATOM   267  N  N   . LYS A 1 42  ? -8.238  -21.448 11.027  1.00 12.95 ? 51  LYS A N   1 
ATOM   268  C  CA  . LYS A 1 42  ? -7.181  -20.812 10.250  1.00 13.67 ? 51  LYS A CA  1 
ATOM   269  C  C   . LYS A 1 42  ? -7.484  -19.337 10.011  1.00 11.29 ? 51  LYS A C   1 
ATOM   270  O  O   . LYS A 1 42  ? -6.589  -18.489 10.102  1.00 10.80 ? 51  LYS A O   1 
ATOM   271  C  CB  . LYS A 1 42  ? -6.988  -21.547 8.927   1.00 13.89 ? 51  LYS A CB  1 
ATOM   272  C  CG  . LYS A 1 42  ? -5.750  -21.104 8.171   1.00 14.95 ? 51  LYS A CG  1 
ATOM   273  C  CD  . LYS A 1 42  ? -5.527  -22.009 6.968   1.00 20.74 ? 51  LYS A CD  1 
ATOM   274  C  CE  . LYS A 1 42  ? -4.158  -21.798 6.348   1.00 28.51 ? 51  LYS A CE  1 
ATOM   275  N  NZ  . LYS A 1 42  ? -3.910  -22.797 5.265   1.00 32.38 ? 51  LYS A NZ  1 
ATOM   276  N  N   . ALA A 1 43  ? -8.745  -19.007 9.743   1.00 9.58  ? 52  ALA A N   1 
ATOM   277  C  CA  . ALA A 1 43  ? -9.111  -17.607 9.563   1.00 9.06  ? 52  ALA A CA  1 
ATOM   278  C  C   . ALA A 1 43  ? -8.815  -16.795 10.816  1.00 8.50  ? 52  ALA A C   1 
ATOM   279  O  O   . ALA A 1 43  ? -8.325  -15.663 10.735  1.00 9.45  ? 52  ALA A O   1 
ATOM   280  C  CB  . ALA A 1 43  ? -10.584 -17.490 9.200   1.00 10.97 ? 52  ALA A CB  1 
ATOM   281  N  N   . GLU A 1 44  ? -9.096  -17.360 11.992  1.00 8.72  ? 53  GLU A N   1 
ATOM   282  C  CA  . GLU A 1 44  ? -8.789  -16.650 13.228  1.00 8.97  ? 53  GLU A CA  1 
ATOM   283  C  C   . GLU A 1 44  ? -7.292  -16.455 13.403  1.00 7.93  ? 53  GLU A C   1 
ATOM   284  O  O   . GLU A 1 44  ? -6.854  -15.384 13.842  1.00 10.20 ? 53  GLU A O   1 
ATOM   285  C  CB  . GLU A 1 44  ? -9.387  -17.392 14.425  1.00 12.27 ? 53  GLU A CB  1 
ATOM   286  C  CG  . GLU A 1 44  ? -10.901 -17.398 14.413  1.00 11.65 ? 53  GLU A CG  1 
ATOM   287  C  CD  . GLU A 1 44  ? -11.507 -18.137 15.579  1.00 15.83 ? 53  GLU A CD  1 
ATOM   288  O  OE1 . GLU A 1 44  ? -10.729 -18.641 16.414  1.00 20.27 ? 53  GLU A OE1 1 
ATOM   289  O  OE2 . GLU A 1 44  ? -12.759 -18.218 15.640  1.00 19.19 ? 53  GLU A OE2 1 
ATOM   290  N  N   . GLN A 1 45  ? -6.493  -17.473 13.058  1.00 8.85  ? 54  GLN A N   1 
ATOM   291  C  CA  . GLN A 1 45  ? -5.042  -17.348 13.162  1.00 11.09 ? 54  GLN A CA  1 
ATOM   292  C  C   . GLN A 1 45  ? -4.526  -16.229 12.270  1.00 10.04 ? 54  GLN A C   1 
ATOM   293  O  O   . GLN A 1 45  ? -3.670  -15.437 12.681  1.00 10.01 ? 54  GLN A O   1 
ATOM   294  C  CB  . GLN A 1 45  ? -4.366  -18.666 12.779  1.00 12.18 ? 54  GLN A CB  1 
ATOM   295  C  CG  . GLN A 1 45  ? -4.553  -19.805 13.782  1.00 15.69 ? 54  GLN A CG  1 
ATOM   296  C  CD  . GLN A 1 45  ? -3.856  -21.090 13.346  1.00 21.59 ? 54  GLN A CD  1 
ATOM   297  O  OE1 . GLN A 1 45  ? -3.777  -21.399 12.155  1.00 28.54 ? 54  GLN A OE1 1 
ATOM   298  N  NE2 . GLN A 1 45  ? -3.330  -21.833 14.314  1.00 24.53 ? 54  GLN A NE2 1 
ATOM   299  N  N   . LEU A 1 46  ? -5.054  -16.138 11.047  1.00 9.43  ? 55  LEU A N   1 
ATOM   300  C  CA  . LEU A 1 46  ? -4.591  -15.123 10.107  1.00 12.32 ? 55  LEU A CA  1 
ATOM   301  C  C   . LEU A 1 46  ? -5.023  -13.728 10.545  1.00 9.24  ? 55  LEU A C   1 
ATOM   302  O  O   . LEU A 1 46  ? -4.240  -12.773 10.462  1.00 9.77  ? 55  LEU A O   1 
ATOM   303  C  CB  . LEU A 1 46  ? -5.131  -15.447 8.712   1.00 10.30 ? 55  LEU A CB  1 
ATOM   304  C  CG  . LEU A 1 46  ? -4.483  -16.668 8.059   1.00 9.53  ? 55  LEU A CG  1 
ATOM   305  C  CD1 . LEU A 1 46  ? -5.374  -17.228 6.970   1.00 12.59 ? 55  LEU A CD1 1 
ATOM   306  C  CD2 . LEU A 1 46  ? -3.120  -16.312 7.495   1.00 13.68 ? 55  LEU A CD2 1 
ATOM   307  N  N   . ALA A 1 47  ? -6.254  -13.594 11.037  1.00 9.37  ? 56  ALA A N   1 
ATOM   308  C  CA  . ALA A 1 47  ? -6.712  -12.301 11.534  1.00 9.79  ? 56  ALA A CA  1 
ATOM   309  C  C   . ALA A 1 47  ? -5.946  -11.895 12.787  1.00 10.39 ? 56  ALA A C   1 
ATOM   310  O  O   . ALA A 1 47  ? -5.649  -10.710 12.979  1.00 9.69  ? 56  ALA A O   1 
ATOM   311  C  CB  . ALA A 1 47  ? -8.220  -12.329 11.793  1.00 9.21  ? 56  ALA A CB  1 
ATOM   312  N  N   . ALA A 1 48  ? -5.603  -12.866 13.638  1.00 10.74 ? 57  ALA A N   1 
ATOM   313  C  CA  . ALA A 1 48  ? -4.796  -12.562 14.815  1.00 11.54 ? 57  ALA A CA  1 
ATOM   314  C  C   . ALA A 1 48  ? -3.414  -12.070 14.420  1.00 11.46 ? 57  ALA A C   1 
ATOM   315  O  O   . ALA A 1 48  ? -2.874  -11.148 15.045  1.00 12.86 ? 57  ALA A O   1 
ATOM   316  C  CB  . ALA A 1 48  ? -4.697  -13.785 15.725  1.00 10.10 ? 57  ALA A CB  1 
ATOM   317  N  N   . GLN A 1 49  ? -2.824  -12.659 13.382  1.00 10.34 ? 58  GLN A N   1 
ATOM   318  C  CA  . GLN A 1 49  ? -1.539  -12.151 12.914  1.00 14.16 ? 58  GLN A CA  1 
ATOM   319  C  C   . GLN A 1 49  ? -1.674  -10.727 12.392  1.00 12.89 ? 58  GLN A C   1 
ATOM   320  O  O   . GLN A 1 49  ? -0.829  -9.871  12.673  1.00 13.66 ? 58  GLN A O   1 
ATOM   321  C  CB  . GLN A 1 49  ? -0.935  -13.055 11.839  1.00 14.11 ? 58  GLN A CB  1 
ATOM   322  C  CG  A GLN A 1 49  ? 0.536   -12.767 11.601  0.49 15.84 ? 58  GLN A CG  1 
ATOM   323  C  CG  B GLN A 1 49  ? -0.572  -14.475 12.279  0.51 11.47 ? 58  GLN A CG  1 
ATOM   324  C  CD  A GLN A 1 49  ? 1.299   -12.477 12.894  0.49 19.64 ? 58  GLN A CD  1 
ATOM   325  C  CD  B GLN A 1 49  ? -0.193  -15.374 11.109  0.51 18.06 ? 58  GLN A CD  1 
ATOM   326  O  OE1 A GLN A 1 49  ? 1.934   -11.424 13.032  0.49 18.41 ? 58  GLN A OE1 1 
ATOM   327  O  OE1 B GLN A 1 49  ? -0.305  -14.986 9.947   0.51 19.21 ? 58  GLN A OE1 1 
ATOM   328  N  NE2 A GLN A 1 49  ? 1.253   -13.412 13.834  0.49 21.50 ? 58  GLN A NE2 1 
ATOM   329  N  NE2 B GLN A 1 49  ? 0.264   -16.580 11.414  0.51 23.01 ? 58  GLN A NE2 1 
ATOM   330  N  N   . ALA A 1 50  ? -2.737  -10.454 11.629  1.00 11.31 ? 59  ALA A N   1 
ATOM   331  C  CA  . ALA A 1 50  ? -2.956  -9.095  11.146  1.00 12.59 ? 59  ALA A CA  1 
ATOM   332  C  C   . ALA A 1 50  ? -3.110  -8.120  12.304  1.00 11.60 ? 59  ALA A C   1 
ATOM   333  O  O   . ALA A 1 50  ? -2.582  -7.000  12.259  1.00 11.87 ? 59  ALA A O   1 
ATOM   334  C  CB  . ALA A 1 50  ? -4.186  -9.063  10.238  1.00 9.95  ? 59  ALA A CB  1 
ATOM   335  N  N   . GLU A 1 51  ? -3.842  -8.523  13.347  1.00 11.32 ? 60  GLU A N   1 
ATOM   336  C  CA  . GLU A 1 51  ? -4.009  -7.664  14.513  1.00 13.50 ? 60  GLU A CA  1 
ATOM   337  C  C   . GLU A 1 51  ? -2.668  -7.358  15.165  1.00 14.29 ? 60  GLU A C   1 
ATOM   338  O  O   . GLU A 1 51  ? -2.395  -6.207  15.524  1.00 14.70 ? 60  GLU A O   1 
ATOM   339  C  CB  . GLU A 1 51  ? -4.966  -8.319  15.509  1.00 14.49 ? 60  GLU A CB  1 
ATOM   340  C  CG  . GLU A 1 51  ? -5.359  -7.414  16.672  1.00 15.89 ? 60  GLU A CG  1 
ATOM   341  C  CD  . GLU A 1 51  ? -6.252  -8.106  17.683  1.00 23.46 ? 60  GLU A CD  1 
ATOM   342  O  OE1 . GLU A 1 51  ? -5.987  -9.285  18.009  1.00 28.60 ? 60  GLU A OE1 1 
ATOM   343  O  OE2 . GLU A 1 51  ? -7.223  -7.467  18.149  1.00 26.77 ? 60  GLU A OE2 1 
ATOM   344  N  N   . LYS A 1 52  ? -1.812  -8.369  15.315  1.00 13.82 ? 61  LYS A N   1 
ATOM   345  C  CA  . LYS A 1 52  ? -0.512  -8.132  15.938  1.00 16.45 ? 61  LYS A CA  1 
ATOM   346  C  C   . LYS A 1 52  ? 0.349   -7.214  15.081  1.00 16.95 ? 61  LYS A C   1 
ATOM   347  O  O   . LYS A 1 52  ? 1.045   -6.335  15.604  1.00 18.34 ? 61  LYS A O   1 
ATOM   348  C  CB  . LYS A 1 52  ? 0.199   -9.458  16.224  1.00 18.10 ? 61  LYS A CB  1 
ATOM   349  C  CG  . LYS A 1 52  ? -0.388  -10.203 17.409  1.00 26.60 ? 61  LYS A CG  1 
ATOM   350  C  CD  . LYS A 1 52  ? 0.424   -11.428 17.786  1.00 29.17 ? 61  LYS A CD  1 
ATOM   351  C  CE  . LYS A 1 52  ? 0.035   -11.907 19.171  1.00 32.36 ? 61  LYS A CE  1 
ATOM   352  N  NZ  . LYS A 1 52  ? -1.440  -12.089 19.284  1.00 35.79 ? 61  LYS A NZ  1 
ATOM   353  N  N   . LEU A 1 53  ? 0.302   -7.387  13.759  1.00 12.30 ? 62  LEU A N   1 
ATOM   354  C  CA  . LEU A 1 53  ? 1.095   -6.533  12.879  1.00 15.09 ? 62  LEU A CA  1 
ATOM   355  C  C   . LEU A 1 53  ? 0.649   -5.077  12.955  1.00 15.30 ? 62  LEU A C   1 
ATOM   356  O  O   . LEU A 1 53  ? 1.486   -4.168  13.015  1.00 16.78 ? 62  LEU A O   1 
ATOM   357  C  CB  . LEU A 1 53  ? 1.032   -7.053  11.444  1.00 14.30 ? 62  LEU A CB  1 
ATOM   358  C  CG  . LEU A 1 53  ? 1.764   -8.362  11.125  1.00 14.34 ? 62  LEU A CG  1 
ATOM   359  C  CD1 . LEU A 1 53  ? 1.228   -8.988  9.848   1.00 15.38 ? 62  LEU A CD1 1 
ATOM   360  C  CD2 . LEU A 1 53  ? 3.260   -8.133  10.996  1.00 18.84 ? 62  LEU A CD2 1 
ATOM   361  N  N   . LEU A 1 54  ? -0.667  -4.830  12.935  1.00 11.93 ? 63  LEU A N   1 
ATOM   362  C  CA  . LEU A 1 54  ? -1.171  -3.461  12.906  1.00 14.90 ? 63  LEU A CA  1 
ATOM   363  C  C   . LEU A 1 54  ? -1.064  -2.755  14.249  1.00 15.24 ? 63  LEU A C   1 
ATOM   364  O  O   . LEU A 1 54  ? -1.197  -1.527  14.297  1.00 15.39 ? 63  LEU A O   1 
ATOM   365  C  CB  . LEU A 1 54  ? -2.636  -3.452  12.458  1.00 12.86 ? 63  LEU A CB  1 
ATOM   366  C  CG  . LEU A 1 54  ? -2.880  -3.833  11.004  1.00 13.56 ? 63  LEU A CG  1 
ATOM   367  C  CD1 . LEU A 1 54  ? -4.376  -4.006  10.757  1.00 12.93 ? 63  LEU A CD1 1 
ATOM   368  C  CD2 . LEU A 1 54  ? -2.291  -2.763  10.088  1.00 14.46 ? 63  LEU A CD2 1 
ATOM   369  N  N   . ASN A 1 55  ? -0.854  -3.498  15.337  1.00 16.37 ? 64  ASN A N   1 
ATOM   370  C  CA  . ASN A 1 55  ? -0.883  -2.929  16.677  1.00 18.36 ? 64  ASN A CA  1 
ATOM   371  C  C   . ASN A 1 55  ? 0.452   -3.087  17.386  1.00 20.56 ? 64  ASN A C   1 
ATOM   372  O  O   . ASN A 1 55  ? 0.525   -2.941  18.611  1.00 26.25 ? 64  ASN A O   1 
ATOM   373  C  CB  . ASN A 1 55  ? -2.011  -3.546  17.503  1.00 17.40 ? 64  ASN A CB  1 
ATOM   374  C  CG  . ASN A 1 55  ? -3.378  -3.116  17.017  1.00 18.82 ? 64  ASN A CG  1 
ATOM   375  O  OD1 . ASN A 1 55  ? -3.824  -2.001  17.298  1.00 19.25 ? 64  ASN A OD1 1 
ATOM   376  N  ND2 . ASN A 1 55  ? -4.049  -3.993  16.278  1.00 19.35 ? 64  ASN A ND2 1 
ATOM   377  N  N   . ASP A 1 56  ? 1.506   -3.384  16.633  1.00 18.79 ? 65  ASP A N   1 
ATOM   378  C  CA  . ASP A 1 56  ? 2.845   -3.551  17.181  1.00 19.13 ? 65  ASP A CA  1 
ATOM   379  C  C   . ASP A 1 56  ? 3.283   -2.291  17.920  1.00 22.77 ? 65  ASP A C   1 
ATOM   380  O  O   . ASP A 1 56  ? 3.487   -1.242  17.301  1.00 20.72 ? 65  ASP A O   1 
ATOM   381  C  CB  . ASP A 1 56  ? 3.808   -3.865  16.036  1.00 19.86 ? 65  ASP A CB  1 
ATOM   382  C  CG  . ASP A 1 56  ? 5.189   -4.270  16.517  1.00 25.16 ? 65  ASP A CG  1 
ATOM   383  O  OD1 . ASP A 1 56  ? 5.504   -4.054  17.706  1.00 25.37 ? 65  ASP A OD1 1 
ATOM   384  O  OD2 . ASP A 1 56  ? 5.964   -4.806  15.697  1.00 24.60 ? 65  ASP A OD2 1 
ATOM   385  N  N   . ASP A 1 57  ? 3.441   -2.384  19.246  1.00 26.18 ? 66  ASP A N   1 
ATOM   386  C  CA  . ASP A 1 57  ? 3.810   -1.208  20.031  1.00 25.71 ? 66  ASP A CA  1 
ATOM   387  C  C   . ASP A 1 57  ? 5.250   -0.772  19.800  1.00 23.76 ? 66  ASP A C   1 
ATOM   388  O  O   . ASP A 1 57  ? 5.598   0.365   20.139  1.00 27.37 ? 66  ASP A O   1 
ATOM   389  C  CB  . ASP A 1 57  ? 3.547   -1.434  21.524  1.00 28.07 ? 66  ASP A CB  1 
ATOM   390  C  CG  A ASP A 1 57  ? 2.089   -1.725  21.826  0.57 31.07 ? 66  ASP A CG  1 
ATOM   391  C  CG  B ASP A 1 57  ? 4.261   -2.653  22.070  0.43 29.99 ? 66  ASP A CG  1 
ATOM   392  O  OD1 A ASP A 1 57  ? 1.800   -2.820  22.354  0.57 35.19 ? 66  ASP A OD1 1 
ATOM   393  O  OD1 B ASP A 1 57  ? 5.509   -2.685  22.042  0.43 33.88 ? 66  ASP A OD1 1 
ATOM   394  O  OD2 A ASP A 1 57  ? 1.234   -0.861  21.539  0.57 31.96 ? 66  ASP A OD2 1 
ATOM   395  O  OD2 B ASP A 1 57  ? 3.572   -3.582  22.539  0.43 34.47 ? 66  ASP A OD2 1 
ATOM   396  N  N   . SER A 1 58  ? 6.092   -1.637  19.237  1.00 20.22 ? 67  SER A N   1 
ATOM   397  C  CA  . SER A 1 58  ? 7.463   -1.261  18.922  1.00 20.40 ? 67  SER A CA  1 
ATOM   398  C  C   . SER A 1 58  ? 7.578   -0.532  17.593  1.00 22.59 ? 67  SER A C   1 
ATOM   399  O  O   . SER A 1 58  ? 8.647   0.008   17.283  1.00 21.42 ? 67  SER A O   1 
ATOM   400  C  CB  . SER A 1 58  ? 8.387   -2.484  18.955  1.00 26.56 ? 67  SER A CB  1 
ATOM   401  O  OG  . SER A 1 58  ? 8.228   -3.306  17.811  1.00 25.75 ? 67  SER A OG  1 
ATOM   402  N  N   . THR A 1 59  ? 6.501   -0.485  16.814  1.00 18.78 ? 68  THR A N   1 
ATOM   403  C  CA  . THR A 1 59  ? 6.484   0.249   15.564  1.00 18.75 ? 68  THR A CA  1 
ATOM   404  C  C   . THR A 1 59  ? 6.063   1.691   15.811  1.00 15.37 ? 68  THR A C   1 
ATOM   405  O  O   . THR A 1 59  ? 5.112   1.961   16.549  1.00 16.87 ? 68  THR A O   1 
ATOM   406  C  CB  . THR A 1 59  ? 5.508   -0.421  14.595  1.00 15.75 ? 68  THR A CB  1 
ATOM   407  O  OG1 . THR A 1 59  ? 5.985   -1.739  14.303  1.00 18.43 ? 68  THR A OG1 1 
ATOM   408  C  CG2 . THR A 1 59  ? 5.398   0.381   13.293  1.00 16.66 ? 68  THR A CG2 1 
ATOM   409  N  N   . ASP A 1 60  ? 6.786   2.617   15.190  1.00 12.74 ? 69  ASP A N   1 
ATOM   410  C  CA  . ASP A 1 60  ? 6.449   4.036   15.237  1.00 11.66 ? 69  ASP A CA  1 
ATOM   411  C  C   . ASP A 1 60  ? 5.549   4.320   14.041  1.00 12.95 ? 69  ASP A C   1 
ATOM   412  O  O   . ASP A 1 60  ? 6.016   4.591   12.933  1.00 14.32 ? 69  ASP A O   1 
ATOM   413  C  CB  . ASP A 1 60  ? 7.721   4.870   15.196  1.00 15.06 ? 69  ASP A CB  1 
ATOM   414  C  CG  . ASP A 1 60  ? 7.448   6.358   15.198  1.00 14.57 ? 69  ASP A CG  1 
ATOM   415  O  OD1 . ASP A 1 60  ? 6.272   6.775   15.281  1.00 13.05 ? 69  ASP A OD1 1 
ATOM   416  O  OD2 . ASP A 1 60  ? 8.424   7.122   15.097  1.00 14.30 ? 69  ASP A OD2 1 
ATOM   417  N  N   . TRP A 1 61  ? 4.240   4.278   14.282  1.00 11.48 ? 70  TRP A N   1 
ATOM   418  C  CA  . TRP A 1 61  ? 3.284   4.401   13.186  1.00 11.39 ? 70  TRP A CA  1 
ATOM   419  C  C   . TRP A 1 61  ? 3.287   5.784   12.547  1.00 13.32 ? 70  TRP A C   1 
ATOM   420  O  O   . TRP A 1 61  ? 2.871   5.919   11.391  1.00 12.55 ? 70  TRP A O   1 
ATOM   421  C  CB  . TRP A 1 61  ? 1.895   3.964   13.664  1.00 13.41 ? 70  TRP A CB  1 
ATOM   422  C  CG  . TRP A 1 61  ? 1.892   2.504   13.978  1.00 15.18 ? 70  TRP A CG  1 
ATOM   423  C  CD1 . TRP A 1 61  ? 1.967   1.919   15.212  1.00 14.47 ? 70  TRP A CD1 1 
ATOM   424  C  CD2 . TRP A 1 61  ? 1.874   1.433   13.029  1.00 15.12 ? 70  TRP A CD2 1 
ATOM   425  N  NE1 . TRP A 1 61  ? 1.985   0.549   15.090  1.00 15.88 ? 70  TRP A NE1 1 
ATOM   426  C  CE2 . TRP A 1 61  ? 1.920   0.225   13.757  1.00 16.05 ? 70  TRP A CE2 1 
ATOM   427  C  CE3 . TRP A 1 61  ? 1.809   1.378   11.630  1.00 13.64 ? 70  TRP A CE3 1 
ATOM   428  C  CZ2 . TRP A 1 61  ? 1.911   -1.024  13.132  1.00 16.54 ? 70  TRP A CZ2 1 
ATOM   429  C  CZ3 . TRP A 1 61  ? 1.799   0.135   11.014  1.00 13.36 ? 70  TRP A CZ3 1 
ATOM   430  C  CH2 . TRP A 1 61  ? 1.845   -1.043  11.760  1.00 14.11 ? 70  TRP A CH2 1 
ATOM   431  N  N   . ASN A 1 62  ? 3.769   6.811   13.255  1.00 12.56 ? 71  ASN A N   1 
ATOM   432  C  CA  . ASN A 1 62  ? 3.872   8.141   12.663  1.00 13.35 ? 71  ASN A CA  1 
ATOM   433  C  C   . ASN A 1 62  ? 4.718   8.137   11.399  1.00 10.95 ? 71  ASN A C   1 
ATOM   434  O  O   . ASN A 1 62  ? 4.500   8.968   10.508  1.00 13.39 ? 71  ASN A O   1 
ATOM   435  C  CB  . ASN A 1 62  ? 4.509   9.124   13.656  1.00 14.48 ? 71  ASN A CB  1 
ATOM   436  C  CG  . ASN A 1 62  ? 3.726   9.265   14.943  1.00 18.22 ? 71  ASN A CG  1 
ATOM   437  O  OD1 . ASN A 1 62  ? 2.646   9.855   14.962  1.00 20.53 ? 71  ASN A OD1 1 
ATOM   438  N  ND2 . ASN A 1 62  ? 4.279   8.744   16.034  1.00 17.27 ? 71  ASN A ND2 1 
ATOM   439  N  N   . LEU A 1 63  ? 5.686   7.221   11.304  1.00 11.69 ? 72  LEU A N   1 
ATOM   440  C  CA  . LEU A 1 63  ? 6.608   7.213   10.171  1.00 13.56 ? 72  LEU A CA  1 
ATOM   441  C  C   . LEU A 1 63  ? 5.906   6.961   8.844   1.00 13.40 ? 72  LEU A C   1 
ATOM   442  O  O   . LEU A 1 63  ? 6.435   7.342   7.792   1.00 12.96 ? 72  LEU A O   1 
ATOM   443  C  CB  . LEU A 1 63  ? 7.675   6.135   10.367  1.00 13.77 ? 72  LEU A CB  1 
ATOM   444  C  CG  . LEU A 1 63  ? 8.575   6.306   11.595  1.00 15.42 ? 72  LEU A CG  1 
ATOM   445  C  CD1 . LEU A 1 63  ? 9.566   5.160   11.677  1.00 19.27 ? 72  LEU A CD1 1 
ATOM   446  C  CD2 . LEU A 1 63  ? 9.286   7.638   11.517  1.00 18.59 ? 72  LEU A CD2 1 
ATOM   447  N  N   . TYR A 1 64  ? 4.728   6.335   8.864   1.00 10.88 ? 73  TYR A N   1 
ATOM   448  C  CA  . TYR A 1 64  ? 4.067   5.889   7.643   1.00 11.48 ? 73  TYR A CA  1 
ATOM   449  C  C   . TYR A 1 64  ? 2.887   6.760   7.250   1.00 11.96 ? 73  TYR A C   1 
ATOM   450  O  O   . TYR A 1 64  ? 2.258   6.501   6.220   1.00 11.06 ? 73  TYR A O   1 
ATOM   451  C  CB  . TYR A 1 64  ? 3.612   4.437   7.802   1.00 11.12 ? 73  TYR A CB  1 
ATOM   452  C  CG  . TYR A 1 64  ? 4.673   3.562   8.410   1.00 10.69 ? 73  TYR A CG  1 
ATOM   453  C  CD1 . TYR A 1 64  ? 5.787   3.178   7.678   1.00 10.76 ? 73  TYR A CD1 1 
ATOM   454  C  CD2 . TYR A 1 64  ? 4.571   3.134   9.726   1.00 13.51 ? 73  TYR A CD2 1 
ATOM   455  C  CE1 . TYR A 1 64  ? 6.773   2.379   8.248   1.00 13.64 ? 73  TYR A CE1 1 
ATOM   456  C  CE2 . TYR A 1 64  ? 5.541   2.334   10.302  1.00 15.66 ? 73  TYR A CE2 1 
ATOM   457  C  CZ  . TYR A 1 64  ? 6.635   1.962   9.560   1.00 16.41 ? 73  TYR A CZ  1 
ATOM   458  O  OH  . TYR A 1 64  ? 7.605   1.167   10.131  1.00 20.49 ? 73  TYR A OH  1 
ATOM   459  N  N   . VAL A 1 65  ? 2.589   7.795   8.031   1.00 11.56 ? 74  VAL A N   1 
ATOM   460  C  CA  . VAL A 1 65  ? 1.384   8.584   7.824   1.00 13.07 ? 74  VAL A CA  1 
ATOM   461  C  C   . VAL A 1 65  ? 1.538   9.486   6.605   1.00 15.51 ? 74  VAL A C   1 
ATOM   462  O  O   . VAL A 1 65  ? 2.572   10.140  6.408   1.00 14.63 ? 74  VAL A O   1 
ATOM   463  C  CB  . VAL A 1 65  ? 1.083   9.389   9.100   1.00 13.12 ? 74  VAL A CB  1 
ATOM   464  C  CG1 . VAL A 1 65  ? 0.027   10.439  8.841   1.00 15.30 ? 74  VAL A CG1 1 
ATOM   465  C  CG2 . VAL A 1 65  ? 0.650   8.454   10.215  1.00 14.47 ? 74  VAL A CG2 1 
ATOM   466  N  N   . LYS A 1 66  ? 0.505   9.514   5.765   1.00 13.33 ? 75  LYS A N   1 
ATOM   467  C  CA  . LYS A 1 66  ? 0.403   10.482  4.677   1.00 16.08 ? 75  LYS A CA  1 
ATOM   468  C  C   . LYS A 1 66  ? -0.394  11.655  5.233   1.00 20.70 ? 75  LYS A C   1 
ATOM   469  O  O   . LYS A 1 66  ? -1.621  11.607  5.300   1.00 20.48 ? 75  LYS A O   1 
ATOM   470  C  CB  . LYS A 1 66  ? -0.296  9.852   3.479   1.00 17.70 ? 75  LYS A CB  1 
ATOM   471  C  CG  . LYS A 1 66  ? -0.400  10.765  2.272   1.00 22.24 ? 75  LYS A CG  1 
ATOM   472  C  CD  . LYS A 1 66  ? -0.227  9.972   0.993   1.00 24.10 ? 75  LYS A CD  1 
ATOM   473  C  CE  . LYS A 1 66  ? -0.290  10.859  -0.238  1.00 29.28 ? 75  LYS A CE  1 
ATOM   474  N  NZ  . LYS A 1 66  ? 0.714   11.948  -0.206  1.00 34.21 ? 75  LYS A NZ  1 
ATOM   475  N  N   . SER A 1 67  ? 0.309   12.709  5.653   1.00 22.14 ? 76  SER A N   1 
ATOM   476  C  CA  . SER A 1 67  ? -0.344  13.757  6.430   1.00 24.95 ? 76  SER A CA  1 
ATOM   477  C  C   . SER A 1 67  ? -1.322  14.580  5.599   1.00 28.26 ? 76  SER A C   1 
ATOM   478  O  O   . SER A 1 67  ? -2.289  15.117  6.148   1.00 32.44 ? 76  SER A O   1 
ATOM   479  C  CB  . SER A 1 67  ? 0.706   14.648  7.093   1.00 29.59 ? 76  SER A CB  1 
ATOM   480  O  OG  A SER A 1 67  ? 1.669   15.065  6.141   0.51 29.42 ? 76  SER A OG  1 
ATOM   481  O  OG  B SER A 1 67  ? 1.386   13.950  8.126   0.49 27.74 ? 76  SER A OG  1 
ATOM   482  N  N   . ASP A 1 68  ? -1.112  14.675  4.284   1.00 25.69 ? 77  ASP A N   1 
ATOM   483  C  CA  . ASP A 1 68  ? -1.941  15.523  3.433   1.00 29.86 ? 77  ASP A CA  1 
ATOM   484  C  C   . ASP A 1 68  ? -3.219  14.833  2.956   1.00 32.05 ? 77  ASP A C   1 
ATOM   485  O  O   . ASP A 1 68  ? -3.760  15.204  1.906   1.00 33.36 ? 77  ASP A O   1 
ATOM   486  C  CB  . ASP A 1 68  ? -1.132  16.081  2.254   1.00 32.49 ? 77  ASP A CB  1 
ATOM   487  C  CG  . ASP A 1 68  ? -0.727  15.005  1.244   1.00 34.63 ? 77  ASP A CG  1 
ATOM   488  O  OD1 . ASP A 1 68  ? -0.701  13.812  1.605   1.00 36.57 ? 77  ASP A OD1 1 
ATOM   489  O  OD2 . ASP A 1 68  ? -0.415  15.359  0.083   1.00 40.02 ? 77  ASP A OD2 1 
ATOM   490  N  N   . LYS A 1 69  ? -3.736  13.854  3.700   1.00 26.31 ? 78  LYS A N   1 
ATOM   491  C  CA  . LYS A 1 69  ? -4.932  13.135  3.271   1.00 21.68 ? 78  LYS A CA  1 
ATOM   492  C  C   . LYS A 1 69  ? -5.836  12.880  4.467   1.00 21.29 ? 78  LYS A C   1 
ATOM   493  O  O   . LYS A 1 69  ? -5.440  12.183  5.404   1.00 22.62 ? 78  LYS A O   1 
ATOM   494  C  CB  . LYS A 1 69  ? -4.570  11.817  2.592   1.00 20.75 ? 78  LYS A CB  1 
ATOM   495  C  CG  . LYS A 1 69  ? -5.758  11.213  1.900   1.00 20.72 ? 78  LYS A CG  1 
ATOM   496  C  CD  . LYS A 1 69  ? -5.391  10.000  1.092   1.00 22.10 ? 78  LYS A CD  1 
ATOM   497  C  CE  . LYS A 1 69  ? -6.535  9.638   0.155   1.00 19.53 ? 78  LYS A CE  1 
ATOM   498  N  NZ  . LYS A 1 69  ? -6.623  10.570  -1.013  1.00 25.13 ? 78  LYS A NZ  1 
ATOM   499  N  N   . LYS A 1 70  ? -7.055  13.423  4.433   1.00 18.58 ? 79  LYS A N   1 
ATOM   500  C  CA  . LYS A 1 70  ? -7.983  13.275  5.548   1.00 16.00 ? 79  LYS A CA  1 
ATOM   501  C  C   . LYS A 1 70  ? -8.634  11.891  5.529   1.00 15.77 ? 79  LYS A C   1 
ATOM   502  O  O   . LYS A 1 70  ? -9.200  11.464  4.516   1.00 15.05 ? 79  LYS A O   1 
ATOM   503  C  CB  . LYS A 1 70  ? -9.031  14.396  5.503   1.00 18.57 ? 79  LYS A CB  1 
ATOM   504  C  CG  . LYS A 1 70  ? -10.047 14.429  6.658   1.00 26.08 ? 79  LYS A CG  1 
ATOM   505  C  CD  . LYS A 1 70  ? -11.366 13.893  6.155   1.00 31.19 ? 79  LYS A CD  1 
ATOM   506  C  CE  . LYS A 1 70  ? -12.583 14.090  7.063   1.00 33.26 ? 79  LYS A CE  1 
ATOM   507  N  NZ  . LYS A 1 70  ? -12.308 13.848  8.515   1.00 34.16 ? 79  LYS A NZ  1 
ATOM   508  N  N   . ALA A 1 71  ? -8.538  11.193  6.644   1.00 16.11 ? 80  ALA A N   1 
ATOM   509  C  CA  . ALA A 1 71  ? -9.159  9.887   6.752   1.00 15.39 ? 80  ALA A CA  1 
ATOM   510  C  C   . ALA A 1 71  ? -10.656 10.042  7.028   1.00 17.92 ? 80  ALA A C   1 
ATOM   511  O  O   . ALA A 1 71  ? -11.091 11.063  7.567   1.00 19.47 ? 80  ALA A O   1 
ATOM   512  C  CB  . ALA A 1 71  ? -8.505  9.096   7.878   1.00 14.21 ? 80  ALA A CB  1 
ATOM   513  N  N   . PRO A 1 72  ? -11.465 9.045   6.655   1.00 15.16 ? 81  PRO A N   1 
ATOM   514  C  CA  . PRO A 1 72  ? -12.921 9.181   6.835   1.00 17.96 ? 81  PRO A CA  1 
ATOM   515  C  C   . PRO A 1 72  ? -13.363 9.257   8.283   1.00 20.72 ? 81  PRO A C   1 
ATOM   516  O  O   . PRO A 1 72  ? -14.408 9.859   8.566   1.00 23.85 ? 81  PRO A O   1 
ATOM   517  C  CB  . PRO A 1 72  ? -13.498 7.926   6.160   1.00 22.79 ? 81  PRO A CB  1 
ATOM   518  C  CG  . PRO A 1 72  ? -12.389 7.280   5.437   1.00 18.27 ? 81  PRO A CG  1 
ATOM   519  C  CD  . PRO A 1 72  ? -11.093 7.797   5.963   1.00 15.68 ? 81  PRO A CD  1 
ATOM   520  N  N   . VAL A 1 73  ? -12.627 8.647   9.205   1.00 17.11 ? 82  VAL A N   1 
ATOM   521  C  CA  . VAL A 1 73  ? -13.018 8.586   10.609  1.00 18.25 ? 82  VAL A CA  1 
ATOM   522  C  C   . VAL A 1 73  ? -12.214 9.612   11.390  1.00 21.00 ? 82  VAL A C   1 
ATOM   523  O  O   . VAL A 1 73  ? -10.993 9.723   11.222  1.00 19.12 ? 82  VAL A O   1 
ATOM   524  C  CB  . VAL A 1 73  ? -12.828 7.165   11.168  1.00 21.86 ? 82  VAL A CB  1 
ATOM   525  C  CG1 . VAL A 1 73  ? -13.149 7.133   12.654  1.00 26.25 ? 82  VAL A CG1 1 
ATOM   526  C  CG2 . VAL A 1 73  ? -13.697 6.175   10.393  1.00 23.93 ? 82  VAL A CG2 1 
ATOM   527  N  N   . GLU A 1 74  ? -12.901 10.367  12.248  1.00 27.67 ? 83  GLU A N   1 
ATOM   528  C  CA  . GLU A 1 74  ? -12.265 11.453  12.983  1.00 25.58 ? 83  GLU A CA  1 
ATOM   529  C  C   . GLU A 1 74  ? -11.108 10.936  13.830  1.00 22.59 ? 83  GLU A C   1 
ATOM   530  O  O   . GLU A 1 74  ? -11.232 9.929   14.536  1.00 25.77 ? 83  GLU A O   1 
ATOM   531  C  CB  . GLU A 1 74  ? -13.301 12.143  13.874  1.00 26.63 ? 83  GLU A CB  1 
ATOM   532  N  N   . GLY A 1 75  ? -9.976  11.635  13.759  1.00 24.24 ? 84  GLY A N   1 
ATOM   533  C  CA  . GLY A 1 75  ? -8.791  11.266  14.498  1.00 23.88 ? 84  GLY A CA  1 
ATOM   534  C  C   . GLY A 1 75  ? -7.899  10.258  13.807  1.00 21.18 ? 84  GLY A C   1 
ATOM   535  O  O   . GLY A 1 75  ? -6.779  10.019  14.279  1.00 22.88 ? 84  GLY A O   1 
ATOM   536  N  N   . ASP A 1 76  ? -8.352  9.668   12.707  1.00 18.69 ? 85  ASP A N   1 
ATOM   537  C  CA  . ASP A 1 76  ? -7.601  8.630   12.024  1.00 17.63 ? 85  ASP A CA  1 
ATOM   538  C  C   . ASP A 1 76  ? -6.658  9.251   10.996  1.00 15.92 ? 85  ASP A C   1 
ATOM   539  O  O   . ASP A 1 76  ? -6.724  10.447  10.686  1.00 13.47 ? 85  ASP A O   1 
ATOM   540  C  CB  . ASP A 1 76  ? -8.573  7.667   11.339  1.00 15.02 ? 85  ASP A CB  1 
ATOM   541  C  CG  . ASP A 1 76  ? -7.983  6.289   11.097  1.00 13.48 ? 85  ASP A CG  1 
ATOM   542  O  OD1 . ASP A 1 76  ? -6.792  6.064   11.384  1.00 13.25 ? 85  ASP A OD1 1 
ATOM   543  O  OD2 . ASP A 1 76  ? -8.742  5.423   10.608  1.00 13.53 ? 85  ASP A OD2 1 
ATOM   544  N  N   . HIS A 1 77  ? -5.778  8.411   10.455  1.00 12.49 ? 86  HIS A N   1 
ATOM   545  C  CA  . HIS A 1 77  ? -4.830  8.836   9.438   1.00 11.20 ? 86  HIS A CA  1 
ATOM   546  C  C   . HIS A 1 77  ? -4.617  7.694   8.465   1.00 9.58  ? 86  HIS A C   1 
ATOM   547  O  O   . HIS A 1 77  ? -4.663  6.519   8.843   1.00 10.87 ? 86  HIS A O   1 
ATOM   548  C  CB  . HIS A 1 77  ? -3.484  9.210   10.067  1.00 15.89 ? 86  HIS A CB  1 
ATOM   549  C  CG  . HIS A 1 77  ? -3.574  10.349  11.034  1.00 21.24 ? 86  HIS A CG  1 
ATOM   550  N  ND1 . HIS A 1 77  ? -3.441  11.664  10.645  1.00 27.10 ? 86  HIS A ND1 1 
ATOM   551  C  CD2 . HIS A 1 77  ? -3.811  10.371  12.366  1.00 25.78 ? 86  HIS A CD2 1 
ATOM   552  C  CE1 . HIS A 1 77  ? -3.579  12.448  11.700  1.00 25.42 ? 86  HIS A CE1 1 
ATOM   553  N  NE2 . HIS A 1 77  ? -3.802  11.688  12.758  1.00 28.30 ? 86  HIS A NE2 1 
ATOM   554  N  N   . TYR A 1 78  ? -4.357  8.054   7.215   1.00 9.84  ? 87  TYR A N   1 
ATOM   555  C  CA  . TYR A 1 78  ? -3.911  7.079   6.231   1.00 8.80  ? 87  TYR A CA  1 
ATOM   556  C  C   . TYR A 1 78  ? -2.420  6.817   6.384   1.00 10.78 ? 87  TYR A C   1 
ATOM   557  O  O   . TYR A 1 78  ? -1.632  7.749   6.587   1.00 10.80 ? 87  TYR A O   1 
ATOM   558  C  CB  . TYR A 1 78  ? -4.151  7.626   4.829   1.00 9.47  ? 87  TYR A CB  1 
ATOM   559  C  CG  . TYR A 1 78  ? -5.555  7.441   4.331   1.00 9.56  ? 87  TYR A CG  1 
ATOM   560  C  CD1 . TYR A 1 78  ? -5.998  6.187   3.917   1.00 9.51  ? 87  TYR A CD1 1 
ATOM   561  C  CD2 . TYR A 1 78  ? -6.431  8.522   4.233   1.00 13.78 ? 87  TYR A CD2 1 
ATOM   562  C  CE1 . TYR A 1 78  ? -7.286  5.998   3.451   1.00 9.77  ? 87  TYR A CE1 1 
ATOM   563  C  CE2 . TYR A 1 78  ? -7.730  8.351   3.748   1.00 12.85 ? 87  TYR A CE2 1 
ATOM   564  C  CZ  . TYR A 1 78  ? -8.149  7.082   3.369   1.00 10.62 ? 87  TYR A CZ  1 
ATOM   565  O  OH  . TYR A 1 78  ? -9.433  6.899   2.897   1.00 12.93 ? 87  TYR A OH  1 
ATOM   566  N  N   . ILE A 1 79  ? -2.034  5.545   6.268   1.00 8.13  ? 88  ILE A N   1 
ATOM   567  C  CA  . ILE A 1 79  ? -0.630  5.149   6.217   1.00 8.75  ? 88  ILE A CA  1 
ATOM   568  C  C   . ILE A 1 79  ? -0.312  4.490   4.878   1.00 9.20  ? 88  ILE A C   1 
ATOM   569  O  O   . ILE A 1 79  ? -1.161  3.842   4.251   1.00 9.35  ? 88  ILE A O   1 
ATOM   570  C  CB  . ILE A 1 79  ? -0.205  4.231   7.385   1.00 9.63  ? 88  ILE A CB  1 
ATOM   571  C  CG1 . ILE A 1 79  ? -1.022  2.934   7.386   1.00 9.66  ? 88  ILE A CG1 1 
ATOM   572  C  CG2 . ILE A 1 79  ? -0.277  4.975   8.736   1.00 11.23 ? 88  ILE A CG2 1 
ATOM   573  C  CD1 . ILE A 1 79  ? -0.344  1.802   8.189   1.00 10.10 ? 88  ILE A CD1 1 
ATOM   574  N  N   . ARG A 1 80  ? 0.938   4.649   4.456   1.00 9.29  ? 89  ARG A N   1 
ATOM   575  C  CA  . ARG A 1 80  ? 1.445   4.063   3.218   1.00 8.88  ? 89  ARG A CA  1 
ATOM   576  C  C   . ARG A 1 80  ? 1.779   2.591   3.417   1.00 7.75  ? 89  ARG A C   1 
ATOM   577  O  O   . ARG A 1 80  ? 2.507   2.234   4.352   1.00 9.08  ? 89  ARG A O   1 
ATOM   578  C  CB  . ARG A 1 80  ? 2.724   4.789   2.787   1.00 10.08 ? 89  ARG A CB  1 
ATOM   579  C  CG  . ARG A 1 80  ? 2.510   6.232   2.351   1.00 11.66 ? 89  ARG A CG  1 
ATOM   580  C  CD  . ARG A 1 80  ? 3.831   6.930   2.030   1.00 13.43 ? 89  ARG A CD  1 
ATOM   581  N  NE  . ARG A 1 80  ? 4.613   7.085   3.247   1.00 14.97 ? 89  ARG A NE  1 
ATOM   582  C  CZ  . ARG A 1 80  ? 4.541   8.142   4.054   1.00 14.82 ? 89  ARG A CZ  1 
ATOM   583  N  NH1 . ARG A 1 80  ? 3.751   9.172   3.756   1.00 14.55 ? 89  ARG A NH1 1 
ATOM   584  N  NH2 . ARG A 1 80  ? 5.276   8.168   5.164   1.00 14.57 ? 89  ARG A NH2 1 
ATOM   585  N  N   . ILE A 1 81  ? 1.277   1.734   2.525   1.00 8.10  ? 90  ILE A N   1 
ATOM   586  C  CA  . ILE A 1 81  ? 1.580   0.309   2.577   1.00 8.02  ? 90  ILE A CA  1 
ATOM   587  C  C   . ILE A 1 81  ? 2.256   -0.226  1.323   1.00 7.95  ? 90  ILE A C   1 
ATOM   588  O  O   . ILE A 1 81  ? 2.777   -1.351  1.360   1.00 9.59  ? 90  ILE A O   1 
ATOM   589  C  CB  . ILE A 1 81  ? 0.354   -0.560  2.953   1.00 8.59  ? 90  ILE A CB  1 
ATOM   590  C  CG1 . ILE A 1 81  ? -0.651  -0.632  1.801   1.00 9.82  ? 90  ILE A CG1 1 
ATOM   591  C  CG2 . ILE A 1 81  ? -0.293  -0.040  4.218   1.00 11.87 ? 90  ILE A CG2 1 
ATOM   592  C  CD1 . ILE A 1 81  ? -1.763  -1.649  2.029   1.00 12.28 ? 90  ILE A CD1 1 
ATOM   593  N  N   . ASN A 1 82  ? 2.271   0.523   0.225   1.00 8.52  ? 91  ASN A N   1 
ATOM   594  C  CA  . ASN A 1 82  ? 2.968   0.072   -0.974  1.00 8.31  ? 91  ASN A CA  1 
ATOM   595  C  C   . ASN A 1 82  ? 3.170   1.264   -1.889  1.00 9.91  ? 91  ASN A C   1 
ATOM   596  O  O   . ASN A 1 82  ? 2.412   2.235   -1.840  1.00 9.54  ? 91  ASN A O   1 
ATOM   597  C  CB  . ASN A 1 82  ? 2.192   -1.035  -1.700  1.00 10.99 ? 91  ASN A CB  1 
ATOM   598  C  CG  . ASN A 1 82  ? 3.012   -1.697  -2.784  1.00 14.42 ? 91  ASN A CG  1 
ATOM   599  O  OD1 . ASN A 1 82  ? 4.018   -2.325  -2.499  1.00 14.78 ? 91  ASN A OD1 1 
ATOM   600  N  ND2 . ASN A 1 82  ? 2.594   -1.543  -4.038  1.00 15.68 ? 91  ASN A ND2 1 
ATOM   601  N  N   . SER A 1 83  ? 4.186   1.175   -2.744  1.00 9.29  ? 92  SER A N   1 
ATOM   602  C  CA  . SER A 1 83  ? 4.353   2.119   -3.838  1.00 8.46  ? 92  SER A CA  1 
ATOM   603  C  C   . SER A 1 83  ? 4.626   1.363   -5.126  1.00 11.24 ? 92  SER A C   1 
ATOM   604  O  O   . SER A 1 83  ? 5.373   0.376   -5.138  1.00 13.42 ? 92  SER A O   1 
ATOM   605  C  CB  . SER A 1 83  ? 5.523   3.069   -3.610  1.00 12.19 ? 92  SER A CB  1 
ATOM   606  O  OG  A SER A 1 83  ? 5.199   4.164   -2.777  0.47 13.26 ? 92  SER A OG  1 
ATOM   607  O  OG  B SER A 1 83  ? 5.270   4.285   -4.287  0.53 12.55 ? 92  SER A OG  1 
ATOM   608  N  N   . SER A 1 84  ? 4.042   1.848   -6.219  1.00 8.23  ? 93  SER A N   1 
ATOM   609  C  CA  . SER A 1 84  ? 4.340   1.320   -7.544  1.00 10.34 ? 93  SER A CA  1 
ATOM   610  C  C   . SER A 1 84  ? 4.457   2.470   -8.533  1.00 8.55  ? 93  SER A C   1 
ATOM   611  O  O   . SER A 1 84  ? 4.173   3.629   -8.215  1.00 9.92  ? 93  SER A O   1 
ATOM   612  C  CB  . SER A 1 84  ? 3.273   0.330   -8.016  1.00 10.14 ? 93  SER A CB  1 
ATOM   613  O  OG  . SER A 1 84  ? 2.053   1.004   -8.277  1.00 12.62 ? 93  SER A OG  1 
ATOM   614  N  N   . ILE A 1 85  ? 4.872   2.138   -9.755  1.00 9.96  ? 94  ILE A N   1 
ATOM   615  C  CA  . ILE A 1 85  ? 5.121   3.123   -10.799 1.00 8.99  ? 94  ILE A CA  1 
ATOM   616  C  C   . ILE A 1 85  ? 4.175   2.884   -11.970 1.00 9.23  ? 94  ILE A C   1 
ATOM   617  O  O   . ILE A 1 85  ? 3.947   1.737   -12.369 1.00 11.92 ? 94  ILE A O   1 
ATOM   618  C  CB  . ILE A 1 85  ? 6.584   3.028   -11.279 1.00 9.79  ? 94  ILE A CB  1 
ATOM   619  C  CG1 . ILE A 1 85  ? 7.540   3.342   -10.126 1.00 11.47 ? 94  ILE A CG1 1 
ATOM   620  C  CG2 . ILE A 1 85  ? 6.846   3.960   -12.463 1.00 13.76 ? 94  ILE A CG2 1 
ATOM   621  C  CD1 . ILE A 1 85  ? 7.451   4.762   -9.649  1.00 12.27 ? 94  ILE A CD1 1 
ATOM   622  N  N   . THR A 1 86  ? 3.644   3.972   -12.527 1.00 10.60 ? 95  THR A N   1 
ATOM   623  C  CA  . THR A 1 86  ? 3.037   3.967   -13.853 1.00 8.71  ? 95  THR A CA  1 
ATOM   624  C  C   . THR A 1 86  ? 3.830   4.879   -14.774 1.00 11.53 ? 95  THR A C   1 
ATOM   625  O  O   . THR A 1 86  ? 4.067   6.052   -14.456 1.00 13.10 ? 95  THR A O   1 
ATOM   626  C  CB  . THR A 1 86  ? 1.588   4.460   -13.784 1.00 11.62 ? 95  THR A CB  1 
ATOM   627  O  OG1 . THR A 1 86  ? 0.834   3.550   -12.992 1.00 11.98 ? 95  THR A OG1 1 
ATOM   628  C  CG2 . THR A 1 86  ? 0.966   4.575   -15.199 1.00 12.70 ? 95  THR A CG2 1 
ATOM   629  N  N   . VAL A 1 87  ? 4.219   4.351   -15.932 1.00 10.85 ? 96  VAL A N   1 
ATOM   630  C  CA  . VAL A 1 87  ? 4.870   5.149   -16.964 1.00 13.43 ? 96  VAL A CA  1 
ATOM   631  C  C   . VAL A 1 87  ? 3.866   5.437   -18.072 1.00 14.68 ? 96  VAL A C   1 
ATOM   632  O  O   . VAL A 1 87  ? 2.927   4.668   -18.312 1.00 19.14 ? 96  VAL A O   1 
ATOM   633  C  CB  . VAL A 1 87  ? 6.134   4.464   -17.524 1.00 15.83 ? 96  VAL A CB  1 
ATOM   634  C  CG1 . VAL A 1 87  ? 7.175   4.319   -16.435 1.00 14.82 ? 96  VAL A CG1 1 
ATOM   635  C  CG2 . VAL A 1 87  ? 5.780   3.102   -18.114 1.00 17.97 ? 96  VAL A CG2 1 
ATOM   636  N  N   . ALA A 1 88  ? 4.063   6.569   -18.744 1.00 12.37 ? 97  ALA A N   1 
ATOM   637  C  CA  . ALA A 1 88  ? 3.286   6.937   -19.925 1.00 16.59 ? 97  ALA A CA  1 
ATOM   638  C  C   . ALA A 1 88  ? 4.265   7.350   -21.012 1.00 16.21 ? 97  ALA A C   1 
ATOM   639  O  O   . ALA A 1 88  ? 4.939   8.378   -20.887 1.00 19.08 ? 97  ALA A O   1 
ATOM   640  C  CB  . ALA A 1 88  ? 2.326   8.082   -19.611 1.00 15.50 ? 97  ALA A CB  1 
ATOM   641  N  N   . GLU A 1 89  ? 4.338   6.561   -22.078 1.00 16.33 ? 98  GLU A N   1 
ATOM   642  C  CA  . GLU A 1 89  ? 5.343   6.735   -23.117 1.00 18.62 ? 98  GLU A CA  1 
ATOM   643  C  C   . GLU A 1 89  ? 4.743   7.450   -24.324 1.00 18.79 ? 98  GLU A C   1 
ATOM   644  O  O   . GLU A 1 89  ? 3.812   6.938   -24.950 1.00 19.29 ? 98  GLU A O   1 
ATOM   645  C  CB  . GLU A 1 89  ? 5.893   5.376   -23.538 1.00 19.16 ? 98  GLU A CB  1 
ATOM   646  C  CG  . GLU A 1 89  ? 6.534   4.612   -22.397 1.00 18.79 ? 98  GLU A CG  1 
ATOM   647  C  CD  . GLU A 1 89  ? 7.409   3.483   -22.888 1.00 26.08 ? 98  GLU A CD  1 
ATOM   648  O  OE1 . GLU A 1 89  ? 7.752   3.468   -24.088 1.00 32.43 ? 98  GLU A OE1 1 
ATOM   649  O  OE2 . GLU A 1 89  ? 7.750   2.610   -22.075 1.00 23.46 ? 98  GLU A OE2 1 
ATOM   650  N  N   . ASP A 1 90  ? 5.279   8.625   -24.639 1.00 16.81 ? 99  ASP A N   1 
ATOM   651  C  CA  . ASP A 1 90  ? 4.954   9.300   -25.889 1.00 18.22 ? 99  ASP A CA  1 
ATOM   652  C  C   . ASP A 1 90  ? 5.577   8.537   -27.049 1.00 22.94 ? 99  ASP A C   1 
ATOM   653  O  O   . ASP A 1 90  ? 6.556   7.806   -26.889 1.00 21.59 ? 99  ASP A O   1 
ATOM   654  C  CB  . ASP A 1 90  ? 5.572   10.698  -25.898 1.00 18.43 ? 99  ASP A CB  1 
ATOM   655  C  CG  . ASP A 1 90  ? 4.761   11.716  -25.124 1.00 23.85 ? 99  ASP A CG  1 
ATOM   656  O  OD1 . ASP A 1 90  ? 3.793   11.333  -24.429 1.00 27.18 ? 99  ASP A OD1 1 
ATOM   657  O  OD2 . ASP A 1 90  ? 5.115   12.914  -25.190 1.00 35.39 ? 99  ASP A OD2 1 
ATOM   658  N  N   . TYR A 1 91  ? 5.012   8.716   -28.239 1.00 19.68 ? 100 TYR A N   1 
ATOM   659  C  CA  . TYR A 1 91  ? 5.642   8.127   -29.410 1.00 20.30 ? 100 TYR A CA  1 
ATOM   660  C  C   . TYR A 1 91  ? 6.883   8.926   -29.788 1.00 23.50 ? 100 TYR A C   1 
ATOM   661  O  O   . TYR A 1 91  ? 6.823   10.147  -29.964 1.00 21.19 ? 100 TYR A O   1 
ATOM   662  C  CB  . TYR A 1 91  ? 4.683   8.066   -30.600 1.00 19.71 ? 100 TYR A CB  1 
ATOM   663  C  CG  . TYR A 1 91  ? 5.387   7.556   -31.839 1.00 18.96 ? 100 TYR A CG  1 
ATOM   664  C  CD1 . TYR A 1 91  ? 5.558   6.197   -32.049 1.00 18.07 ? 100 TYR A CD1 1 
ATOM   665  C  CD2 . TYR A 1 91  ? 5.913   8.437   -32.778 1.00 21.66 ? 100 TYR A CD2 1 
ATOM   666  C  CE1 . TYR A 1 91  ? 6.220   5.722   -33.170 1.00 23.46 ? 100 TYR A CE1 1 
ATOM   667  C  CE2 . TYR A 1 91  ? 6.580   7.971   -33.899 1.00 21.11 ? 100 TYR A CE2 1 
ATOM   668  C  CZ  . TYR A 1 91  ? 6.724   6.613   -34.090 1.00 23.85 ? 100 TYR A CZ  1 
ATOM   669  O  OH  . TYR A 1 91  ? 7.381   6.144   -35.209 1.00 26.92 ? 100 TYR A OH  1 
ATOM   670  N  N   . LEU A 1 92  ? 8.010   8.233   -29.913 1.00 22.80 ? 101 LEU A N   1 
ATOM   671  C  CA  . LEU A 1 92  ? 9.232   8.818   -30.436 1.00 26.17 ? 101 LEU A CA  1 
ATOM   672  C  C   . LEU A 1 92  ? 9.795   7.915   -31.519 1.00 28.22 ? 101 LEU A C   1 
ATOM   673  O  O   . LEU A 1 92  ? 9.614   6.694   -31.473 1.00 26.74 ? 101 LEU A O   1 
ATOM   674  C  CB  . LEU A 1 92  ? 10.295  8.990   -29.339 1.00 27.59 ? 101 LEU A CB  1 
ATOM   675  C  CG  . LEU A 1 92  ? 10.236  10.244  -28.469 1.00 23.88 ? 101 LEU A CG  1 
ATOM   676  C  CD1 . LEU A 1 92  ? 11.485  10.348  -27.598 1.00 30.39 ? 101 LEU A CD1 1 
ATOM   677  C  CD2 . LEU A 1 92  ? 10.060  11.494  -29.331 1.00 33.52 ? 101 LEU A CD2 1 
ATOM   678  N  N   . PRO A 1 93  ? 10.472  8.487   -32.516 1.00 33.34 ? 102 PRO A N   1 
ATOM   679  C  CA  . PRO A 1 93  ? 11.177  7.651   -33.494 1.00 32.78 ? 102 PRO A CA  1 
ATOM   680  C  C   . PRO A 1 93  ? 12.186  6.755   -32.789 1.00 32.77 ? 102 PRO A C   1 
ATOM   681  O  O   . PRO A 1 93  ? 12.823  7.157   -31.812 1.00 32.92 ? 102 PRO A O   1 
ATOM   682  C  CB  . PRO A 1 93  ? 11.863  8.673   -34.409 1.00 33.86 ? 102 PRO A CB  1 
ATOM   683  C  CG  . PRO A 1 93  ? 11.942  9.936   -33.599 1.00 36.78 ? 102 PRO A CG  1 
ATOM   684  C  CD  . PRO A 1 93  ? 10.715  9.926   -32.729 1.00 30.54 ? 102 PRO A CD  1 
ATOM   685  N  N   . ALA A 1 94  ? 12.316  5.522   -33.296 1.00 35.77 ? 103 ALA A N   1 
ATOM   686  C  CA  . ALA A 1 94  ? 13.073  4.481   -32.601 1.00 34.18 ? 103 ALA A CA  1 
ATOM   687  C  C   . ALA A 1 94  ? 14.457  4.956   -32.176 1.00 34.72 ? 103 ALA A C   1 
ATOM   688  O  O   . ALA A 1 94  ? 14.905  4.671   -31.059 1.00 38.20 ? 103 ALA A O   1 
ATOM   689  C  CB  . ALA A 1 94  ? 13.188  3.242   -33.490 1.00 35.62 ? 103 ALA A CB  1 
ATOM   690  N  N   . GLY A 1 95  ? 15.145  5.691   -33.049 1.00 37.36 ? 104 GLY A N   1 
ATOM   691  C  CA  . GLY A 1 95  ? 16.511  6.085   -32.745 1.00 35.26 ? 104 GLY A CA  1 
ATOM   692  C  C   . GLY A 1 95  ? 16.596  7.082   -31.606 1.00 37.22 ? 104 GLY A C   1 
ATOM   693  O  O   . GLY A 1 95  ? 17.413  6.931   -30.694 1.00 36.98 ? 104 GLY A O   1 
ATOM   694  N  N   . GLN A 1 96  ? 15.751  8.119   -31.643 1.00 34.12 ? 105 GLN A N   1 
ATOM   695  C  CA  . GLN A 1 96  ? 15.823  9.160   -30.622 1.00 33.23 ? 105 GLN A CA  1 
ATOM   696  C  C   . GLN A 1 96  ? 15.481  8.619   -29.238 1.00 31.29 ? 105 GLN A C   1 
ATOM   697  O  O   . GLN A 1 96  ? 16.044  9.071   -28.233 1.00 32.42 ? 105 GLN A O   1 
ATOM   698  C  CB  . GLN A 1 96  ? 14.895  10.319  -30.991 1.00 33.78 ? 105 GLN A CB  1 
ATOM   699  C  CG  . GLN A 1 96  ? 14.899  11.465  -29.983 1.00 34.48 ? 105 GLN A CG  1 
ATOM   700  C  CD  . GLN A 1 96  ? 13.837  12.510  -30.285 1.00 39.71 ? 105 GLN A CD  1 
ATOM   701  O  OE1 . GLN A 1 96  ? 13.111  12.406  -31.279 1.00 40.48 ? 105 GLN A OE1 1 
ATOM   702  N  NE2 . GLN A 1 96  ? 13.738  13.524  -29.425 1.00 39.51 ? 105 GLN A NE2 1 
ATOM   703  N  N   . LYS A 1 97  ? 14.572  7.647   -29.167 1.00 31.18 ? 106 LYS A N   1 
ATOM   704  C  CA  . LYS A 1 97  ? 14.145  7.144   -27.867 1.00 33.05 ? 106 LYS A CA  1 
ATOM   705  C  C   . LYS A 1 97  ? 15.193  6.228   -27.244 1.00 31.20 ? 106 LYS A C   1 
ATOM   706  O  O   . LYS A 1 97  ? 15.375  6.235   -26.022 1.00 29.08 ? 106 LYS A O   1 
ATOM   707  C  CB  . LYS A 1 97  ? 12.815  6.410   -27.999 1.00 33.70 ? 106 LYS A CB  1 
ATOM   708  C  CG  . LYS A 1 97  ? 12.203  6.069   -26.663 1.00 31.44 ? 106 LYS A CG  1 
ATOM   709  C  CD  . LYS A 1 97  ? 10.976  5.234   -26.842 1.00 33.58 ? 106 LYS A CD  1 
ATOM   710  C  CE  . LYS A 1 97  ? 10.356  4.917   -25.501 1.00 30.94 ? 106 LYS A CE  1 
ATOM   711  N  NZ  . LYS A 1 97  ? 9.051   4.242   -25.689 1.00 34.01 ? 106 LYS A NZ  1 
ATOM   712  N  N   . ASN A 1 98  ? 15.878  5.431   -28.067 1.00 32.62 ? 107 ASN A N   1 
ATOM   713  C  CA  . ASN A 1 98  ? 16.941  4.568   -27.562 1.00 32.19 ? 107 ASN A CA  1 
ATOM   714  C  C   . ASN A 1 98  ? 18.014  5.384   -26.855 1.00 31.16 ? 107 ASN A C   1 
ATOM   715  O  O   . ASN A 1 98  ? 18.428  5.052   -25.737 1.00 30.80 ? 107 ASN A O   1 
ATOM   716  C  CB  . ASN A 1 98  ? 17.551  3.772   -28.716 1.00 34.56 ? 107 ASN A CB  1 
ATOM   717  C  CG  . ASN A 1 98  ? 16.596  2.741   -29.287 1.00 38.08 ? 107 ASN A CG  1 
ATOM   718  O  OD1 . ASN A 1 98  ? 15.566  2.442   -28.700 1.00 42.70 ? 107 ASN A OD1 1 
ATOM   719  N  ND2 . ASN A 1 98  ? 16.939  2.195   -30.442 1.00 41.24 ? 107 ASN A ND2 1 
ATOM   720  N  N   . ASP A 1 99  ? 18.478  6.459   -27.493 1.00 30.48 ? 108 ASP A N   1 
ATOM   721  C  CA  . ASP A 1 99  ? 19.518  7.280   -26.887 1.00 28.49 ? 108 ASP A CA  1 
ATOM   722  C  C   . ASP A 1 99  ? 19.029  7.926   -25.597 1.00 29.84 ? 108 ASP A C   1 
ATOM   723  O  O   . ASP A 1 99  ? 19.789  8.055   -24.629 1.00 28.57 ? 108 ASP A O   1 
ATOM   724  C  CB  . ASP A 1 99  ? 20.003  8.337   -27.883 1.00 36.11 ? 108 ASP A CB  1 
ATOM   725  C  CG  . ASP A 1 99  ? 20.539  7.725   -29.169 1.00 37.94 ? 108 ASP A CG  1 
ATOM   726  O  OD1 . ASP A 1 99  ? 20.881  6.523   -29.155 1.00 39.80 ? 108 ASP A OD1 1 
ATOM   727  O  OD2 . ASP A 1 99  ? 20.620  8.442   -30.190 1.00 40.72 ? 108 ASP A OD2 1 
ATOM   728  N  N   . ALA A 1 100 ? 17.755  8.323   -25.557 1.00 26.88 ? 109 ALA A N   1 
ATOM   729  C  CA  . ALA A 1 100 ? 17.222  8.933   -24.345 1.00 27.09 ? 109 ALA A CA  1 
ATOM   730  C  C   . ALA A 1 100 ? 17.045  7.902   -23.232 1.00 22.32 ? 109 ALA A C   1 
ATOM   731  O  O   . ALA A 1 100 ? 17.288  8.199   -22.056 1.00 19.43 ? 109 ALA A O   1 
ATOM   732  C  CB  . ALA A 1 100 ? 15.904  9.638   -24.662 1.00 23.76 ? 109 ALA A CB  1 
ATOM   733  N  N   . ILE A 1 101 ? 16.623  6.687   -23.585 1.00 23.02 ? 110 ILE A N   1 
ATOM   734  C  CA  . ILE A 1 101 ? 16.482  5.635   -22.581 1.00 20.73 ? 110 ILE A CA  1 
ATOM   735  C  C   . ILE A 1 101 ? 17.846  5.237   -22.029 1.00 25.05 ? 110 ILE A C   1 
ATOM   736  O  O   . ILE A 1 101 ? 17.995  4.988   -20.826 1.00 20.42 ? 110 ILE A O   1 
ATOM   737  C  CB  . ILE A 1 101 ? 15.697  4.441   -23.152 1.00 21.21 ? 110 ILE A CB  1 
ATOM   738  C  CG1 . ILE A 1 101 ? 14.219  4.807   -23.323 1.00 18.43 ? 110 ILE A CG1 1 
ATOM   739  C  CG2 . ILE A 1 101 ? 15.831  3.235   -22.238 1.00 20.83 ? 110 ILE A CG2 1 
ATOM   740  C  CD1 . ILE A 1 101 ? 13.540  5.252   -22.036 1.00 20.27 ? 110 ILE A CD1 1 
ATOM   741  N  N   . ASN A 1 102 ? 18.865  5.196   -22.890 1.00 26.16 ? 111 ASN A N   1 
ATOM   742  C  CA  . ASN A 1 102 ? 20.206  4.861   -22.426 1.00 25.67 ? 111 ASN A CA  1 
ATOM   743  C  C   . ASN A 1 102 ? 20.690  5.838   -21.363 1.00 21.15 ? 111 ASN A C   1 
ATOM   744  O  O   . ASN A 1 102 ? 21.351  5.439   -20.398 1.00 24.79 ? 111 ASN A O   1 
ATOM   745  C  CB  . ASN A 1 102 ? 21.177  4.815   -23.602 1.00 28.59 ? 111 ASN A CB  1 
ATOM   746  C  CG  . ASN A 1 102 ? 22.606  4.586   -23.161 1.00 31.02 ? 111 ASN A CG  1 
ATOM   747  O  OD1 . ASN A 1 102 ? 22.966  3.488   -22.729 1.00 34.20 ? 111 ASN A OD1 1 
ATOM   748  N  ND2 . ASN A 1 102 ? 23.428  5.627   -23.254 1.00 31.89 ? 111 ASN A ND2 1 
ATOM   749  N  N   . LYS A 1 103 ? 20.360  7.124   -21.510 1.00 23.36 ? 112 LYS A N   1 
ATOM   750  C  CA  . LYS A 1 103 ? 20.756  8.091   -20.492 1.00 22.62 ? 112 LYS A CA  1 
ATOM   751  C  C   . LYS A 1 103 ? 19.935  7.916   -19.215 1.00 22.79 ? 112 LYS A C   1 
ATOM   752  O  O   . LYS A 1 103 ? 20.446  8.104   -18.103 1.00 22.43 ? 112 LYS A O   1 
ATOM   753  C  CB  . LYS A 1 103 ? 20.649  9.513   -21.051 1.00 22.92 ? 112 LYS A CB  1 
ATOM   754  C  CG  . LYS A 1 103 ? 20.705  10.581  -19.995 1.00 24.56 ? 112 LYS A CG  1 
ATOM   755  C  CD  . LYS A 1 103 ? 20.384  11.952  -20.573 1.00 31.30 ? 112 LYS A CD  1 
ATOM   756  C  CE  . LYS A 1 103 ? 20.622  13.024  -19.544 1.00 34.08 ? 112 LYS A CE  1 
ATOM   757  N  NZ  . LYS A 1 103 ? 19.318  13.568  -19.085 1.00 36.04 ? 112 LYS A NZ  1 
ATOM   758  N  N   . ALA A 1 104 ? 18.655  7.559   -19.347 1.00 21.09 ? 113 ALA A N   1 
ATOM   759  C  CA  . ALA A 1 104 ? 17.855  7.279   -18.160 1.00 20.27 ? 113 ALA A CA  1 
ATOM   760  C  C   . ALA A 1 104 ? 18.442  6.116   -17.370 1.00 16.13 ? 113 ALA A C   1 
ATOM   761  O  O   . ALA A 1 104 ? 18.456  6.137   -16.133 1.00 17.63 ? 113 ALA A O   1 
ATOM   762  C  CB  . ALA A 1 104 ? 16.410  6.986   -18.565 1.00 19.65 ? 113 ALA A CB  1 
ATOM   763  N  N   . ASN A 1 105 ? 18.939  5.100   -18.076 1.00 17.09 ? 114 ASN A N   1 
ATOM   764  C  CA  . ASN A 1 105 ? 19.526  3.941   -17.406 1.00 18.81 ? 114 ASN A CA  1 
ATOM   765  C  C   . ASN A 1 105 ? 20.759  4.326   -16.594 1.00 20.12 ? 114 ASN A C   1 
ATOM   766  O  O   . ASN A 1 105 ? 20.994  3.777   -15.510 1.00 20.04 ? 114 ASN A O   1 
ATOM   767  C  CB  . ASN A 1 105 ? 19.846  2.862   -18.437 1.00 19.38 ? 114 ASN A CB  1 
ATOM   768  C  CG  . ASN A 1 105 ? 18.606  2.119   -18.891 1.00 15.45 ? 114 ASN A CG  1 
ATOM   769  O  OD1 . ASN A 1 105 ? 17.627  2.041   -18.147 1.00 18.22 ? 114 ASN A OD1 1 
ATOM   770  N  ND2 . ASN A 1 105 ? 18.643  1.560   -20.094 1.00 14.34 ? 114 ASN A ND2 1 
ATOM   771  N  N   . GLN A 1 106 ? 21.542  5.289   -17.087 1.00 20.82 ? 115 GLN A N   1 
ATOM   772  C  CA  . GLN A 1 106 ? 22.717  5.739   -16.344 1.00 18.06 ? 115 GLN A CA  1 
ATOM   773  C  C   . GLN A 1 106 ? 22.328  6.399   -15.026 1.00 18.65 ? 115 GLN A C   1 
ATOM   774  O  O   . GLN A 1 106 ? 22.962  6.162   -13.990 1.00 22.06 ? 115 GLN A O   1 
ATOM   775  C  CB  . GLN A 1 106 ? 23.541  6.693   -17.209 1.00 23.79 ? 115 GLN A CB  1 
ATOM   776  C  CG  . GLN A 1 106 ? 24.735  7.309   -16.501 1.00 25.57 ? 115 GLN A CG  1 
ATOM   777  C  CD  . GLN A 1 106 ? 25.817  6.294   -16.188 1.00 31.84 ? 115 GLN A CD  1 
ATOM   778  O  OE1 . GLN A 1 106 ? 25.964  5.288   -16.888 1.00 35.25 ? 115 GLN A OE1 1 
ATOM   779  N  NE2 . GLN A 1 106 ? 26.584  6.554   -15.133 1.00 30.83 ? 115 GLN A NE2 1 
ATOM   780  N  N   . LYS A 1 107 ? 21.279  7.224   -15.038 1.00 16.51 ? 116 LYS A N   1 
ATOM   781  C  CA  . LYS A 1 107 ? 20.845  7.881   -13.810 1.00 19.24 ? 116 LYS A CA  1 
ATOM   782  C  C   . LYS A 1 107 ? 20.319  6.877   -12.789 1.00 20.87 ? 116 LYS A C   1 
ATOM   783  O  O   . LYS A 1 107 ? 20.554  7.031   -11.584 1.00 22.49 ? 116 LYS A O   1 
ATOM   784  C  CB  . LYS A 1 107 ? 19.786  8.932   -14.134 1.00 19.26 ? 116 LYS A CB  1 
ATOM   785  C  CG  . LYS A 1 107 ? 20.281  9.997   -15.091 1.00 22.49 ? 116 LYS A CG  1 
ATOM   786  C  CD  . LYS A 1 107 ? 21.497  10.717  -14.522 1.00 25.03 ? 116 LYS A CD  1 
ATOM   787  C  CE  . LYS A 1 107 ? 21.970  11.812  -15.462 1.00 30.54 ? 116 LYS A CE  1 
ATOM   788  N  NZ  . LYS A 1 107 ? 23.201  12.473  -14.945 1.00 35.38 ? 116 LYS A NZ  1 
ATOM   789  N  N   . MET A 1 108 ? 19.593  5.849   -13.242 1.00 18.98 ? 117 MET A N   1 
ATOM   790  C  CA  . MET A 1 108 ? 19.158  4.814   -12.305 1.00 19.88 ? 117 MET A CA  1 
ATOM   791  C  C   . MET A 1 108 ? 20.349  4.089   -11.695 1.00 18.81 ? 117 MET A C   1 
ATOM   792  O  O   . MET A 1 108 ? 20.391  3.864   -10.479 1.00 21.71 ? 117 MET A O   1 
ATOM   793  C  CB  . MET A 1 108 ? 18.214  3.829   -12.992 1.00 21.20 ? 117 MET A CB  1 
ATOM   794  C  CG  . MET A 1 108 ? 16.811  4.373   -13.126 1.00 20.06 ? 117 MET A CG  1 
ATOM   795  S  SD  . MET A 1 108 ? 15.652  3.217   -13.881 1.00 21.21 ? 117 MET A SD  1 
ATOM   796  C  CE  . MET A 1 108 ? 16.032  3.493   -15.603 1.00 14.09 ? 117 MET A CE  1 
ATOM   797  N  N   . LYS A 1 109 ? 21.329  3.726   -12.527 1.00 20.29 ? 118 LYS A N   1 
ATOM   798  C  CA  . LYS A 1 109 ? 22.570  3.144   -12.023 1.00 22.33 ? 118 LYS A CA  1 
ATOM   799  C  C   . LYS A 1 109 ? 23.202  4.025   -10.950 1.00 26.46 ? 118 LYS A C   1 
ATOM   800  O  O   . LYS A 1 109 ? 23.702  3.522   -9.937  1.00 26.37 ? 118 LYS A O   1 
ATOM   801  C  CB  . LYS A 1 109 ? 23.547  2.935   -13.183 1.00 21.45 ? 118 LYS A CB  1 
ATOM   802  C  CG  . LYS A 1 109 ? 24.942  2.482   -12.740 1.00 28.44 ? 118 LYS A CG  1 
ATOM   803  C  CD  . LYS A 1 109 ? 26.032  2.851   -13.743 1.00 31.60 ? 118 LYS A CD  1 
ATOM   804  C  CE  . LYS A 1 109 ? 25.920  2.065   -15.036 1.00 33.42 ? 118 LYS A CE  1 
ATOM   805  N  NZ  . LYS A 1 109 ? 27.257  1.953   -15.700 1.00 36.86 ? 118 LYS A NZ  1 
ATOM   806  N  N   . GLU A 1 110 ? 23.171  5.346   -11.147 1.00 24.69 ? 119 GLU A N   1 
ATOM   807  C  CA  . GLU A 1 110 ? 23.779  6.281   -10.210 1.00 24.36 ? 119 GLU A CA  1 
ATOM   808  C  C   . GLU A 1 110 ? 22.927  6.546   -8.976  1.00 25.60 ? 119 GLU A C   1 
ATOM   809  O  O   . GLU A 1 110 ? 23.391  7.237   -8.065  1.00 25.65 ? 119 GLU A O   1 
ATOM   810  C  CB  . GLU A 1 110 ? 24.099  7.601   -10.923 1.00 25.60 ? 119 GLU A CB  1 
ATOM   811  C  CG  . GLU A 1 110 ? 25.128  7.453   -12.040 1.00 26.88 ? 119 GLU A CG  1 
ATOM   812  C  CD  . GLU A 1 110 ? 25.278  8.703   -12.891 1.00 28.97 ? 119 GLU A CD  1 
ATOM   813  O  OE1 . GLU A 1 110 ? 24.581  9.709   -12.633 1.00 32.32 ? 119 GLU A OE1 1 
ATOM   814  O  OE2 . GLU A 1 110 ? 26.099  8.674   -13.831 1.00 33.54 ? 119 GLU A OE2 1 
ATOM   815  N  N   . GLY A 1 111 ? 21.704  6.021   -8.910  1.00 20.58 ? 120 GLY A N   1 
ATOM   816  C  CA  . GLY A 1 111 ? 20.866  6.314   -7.763  1.00 17.96 ? 120 GLY A CA  1 
ATOM   817  C  C   . GLY A 1 111 ? 20.263  7.699   -7.771  1.00 22.88 ? 120 GLY A C   1 
ATOM   818  O  O   . GLY A 1 111 ? 19.786  8.170   -6.734  1.00 23.62 ? 120 GLY A O   1 
ATOM   819  N  N   . ASP A 1 112 ? 20.253  8.354   -8.927  1.00 20.62 ? 121 ASP A N   1 
ATOM   820  C  CA  . ASP A 1 112 ? 19.855  9.753   -9.065  1.00 22.98 ? 121 ASP A CA  1 
ATOM   821  C  C   . ASP A 1 112 ? 18.388  9.776   -9.484  1.00 21.42 ? 121 ASP A C   1 
ATOM   822  O  O   . ASP A 1 112 ? 18.069  9.773   -10.673 1.00 19.42 ? 121 ASP A O   1 
ATOM   823  C  CB  . ASP A 1 112 ? 20.735  10.402  -10.127 1.00 21.67 ? 121 ASP A CB  1 
ATOM   824  C  CG  . ASP A 1 112 ? 20.454  11.877  -10.317 1.00 23.07 ? 121 ASP A CG  1 
ATOM   825  O  OD1 . ASP A 1 112 ? 19.544  12.428  -9.660  1.00 23.83 ? 121 ASP A OD1 1 
ATOM   826  O  OD2 . ASP A 1 112 ? 21.155  12.489  -11.152 1.00 26.66 ? 121 ASP A OD2 1 
ATOM   827  N  N   . LYS A 1 113 ? 17.490  9.828   -8.496  1.00 19.22 ? 122 LYS A N   1 
ATOM   828  C  CA  . LYS A 1 113 ? 16.062  9.758   -8.799  1.00 22.44 ? 122 LYS A CA  1 
ATOM   829  C  C   . LYS A 1 113 ? 15.624  10.939  -9.654  1.00 22.46 ? 122 LYS A C   1 
ATOM   830  O  O   . LYS A 1 113 ? 14.935  10.765  -10.664 1.00 18.96 ? 122 LYS A O   1 
ATOM   831  C  CB  . LYS A 1 113 ? 15.235  9.714   -7.514  1.00 19.91 ? 122 LYS A CB  1 
ATOM   832  C  CG  . LYS A 1 113 ? 15.511  8.544   -6.604  1.00 23.52 ? 122 LYS A CG  1 
ATOM   833  C  CD  . LYS A 1 113 ? 14.466  8.494   -5.495  1.00 18.27 ? 122 LYS A CD  1 
ATOM   834  C  CE  . LYS A 1 113 ? 15.020  7.890   -4.213  1.00 24.54 ? 122 LYS A CE  1 
ATOM   835  N  NZ  . LYS A 1 113 ? 13.953  7.673   -3.180  1.00 24.03 ? 122 LYS A NZ  1 
ATOM   836  N  N   . LYS A 1 114 ? 16.005  12.155  -9.251  1.00 21.62 ? 123 LYS A N   1 
ATOM   837  C  CA  . LYS A 1 114 ? 15.621  13.339  -10.014 1.00 21.13 ? 123 LYS A CA  1 
ATOM   838  C  C   . LYS A 1 114 ? 16.176  13.289  -11.432 1.00 22.25 ? 123 LYS A C   1 
ATOM   839  O  O   . LYS A 1 114 ? 15.467  13.601  -12.396 1.00 22.72 ? 123 LYS A O   1 
ATOM   840  C  CB  . LYS A 1 114 ? 16.081  14.600  -9.281  1.00 22.93 ? 123 LYS A CB  1 
ATOM   841  C  CG  . LYS A 1 114 ? 15.939  15.887  -10.082 1.00 29.81 ? 123 LYS A CG  1 
ATOM   842  C  CD  . LYS A 1 114 ? 14.522  16.430  -10.040 1.00 30.52 ? 123 LYS A CD  1 
ATOM   843  C  CE  . LYS A 1 114 ? 14.423  17.749  -10.796 1.00 33.80 ? 123 LYS A CE  1 
ATOM   844  N  NZ  . LYS A 1 114 ? 15.167  18.846  -10.108 1.00 37.38 ? 123 LYS A NZ  1 
ATOM   845  N  N   . GLY A 1 115 ? 17.440  12.896  -11.580 1.00 19.66 ? 124 GLY A N   1 
ATOM   846  C  CA  . GLY A 1 115 ? 18.005  12.757  -12.908 1.00 20.75 ? 124 GLY A CA  1 
ATOM   847  C  C   . GLY A 1 115 ? 17.316  11.690  -13.735 1.00 19.41 ? 124 GLY A C   1 
ATOM   848  O  O   . GLY A 1 115 ? 17.228  11.813  -14.960 1.00 19.01 ? 124 GLY A O   1 
ATOM   849  N  N   . THR A 1 116 ? 16.827  10.629  -13.081 1.00 17.18 ? 125 THR A N   1 
ATOM   850  C  CA  . THR A 1 116 ? 16.072  9.597   -13.788 1.00 17.02 ? 125 THR A CA  1 
ATOM   851  C  C   . THR A 1 116 ? 14.772  10.166  -14.341 1.00 17.46 ? 125 THR A C   1 
ATOM   852  O  O   . THR A 1 116 ? 14.454  9.984   -15.523 1.00 15.15 ? 125 THR A O   1 
ATOM   853  C  CB  . THR A 1 116 ? 15.794  8.424   -12.846 1.00 16.81 ? 125 THR A CB  1 
ATOM   854  O  OG1 . THR A 1 116 ? 17.039  7.853   -12.428 1.00 18.14 ? 125 THR A OG1 1 
ATOM   855  C  CG2 . THR A 1 116 ? 14.959  7.358   -13.545 1.00 19.12 ? 125 THR A CG2 1 
ATOM   856  N  N   . ILE A 1 117 ? 14.017  10.871  -13.497 1.00 16.74 ? 126 ILE A N   1 
ATOM   857  C  CA  . ILE A 1 117 ? 12.768  11.487  -13.941 1.00 17.05 ? 126 ILE A CA  1 
ATOM   858  C  C   . ILE A 1 117 ? 13.023  12.440  -15.099 1.00 18.39 ? 126 ILE A C   1 
ATOM   859  O  O   . ILE A 1 117 ? 12.290  12.444  -16.097 1.00 17.37 ? 126 ILE A O   1 
ATOM   860  C  CB  . ILE A 1 117 ? 12.062  12.180  -12.760 1.00 21.11 ? 126 ILE A CB  1 
ATOM   861  C  CG1 . ILE A 1 117 ? 11.800  11.176  -11.634 1.00 24.63 ? 126 ILE A CG1 1 
ATOM   862  C  CG2 . ILE A 1 117 ? 10.774  12.849  -13.217 1.00 20.21 ? 126 ILE A CG2 1 
ATOM   863  C  CD1 . ILE A 1 117 ? 11.044  9.937   -12.086 1.00 22.34 ? 126 ILE A CD1 1 
ATOM   864  N  N   . GLU A 1 118 ? 14.085  13.241  -15.003 1.00 20.19 ? 127 GLU A N   1 
ATOM   865  C  CA  . GLU A 1 118 ? 14.343  14.224  -16.050 1.00 21.22 ? 127 GLU A CA  1 
ATOM   866  C  C   . GLU A 1 118 ? 14.796  13.557  -17.346 1.00 18.21 ? 127 GLU A C   1 
ATOM   867  O  O   . GLU A 1 118 ? 14.371  13.962  -18.436 1.00 19.16 ? 127 GLU A O   1 
ATOM   868  C  CB  . GLU A 1 118 ? 15.327  15.284  -15.555 1.00 22.67 ? 127 GLU A CB  1 
ATOM   869  C  CG  . GLU A 1 118 ? 14.686  16.292  -14.588 1.00 27.56 ? 127 GLU A CG  1 
ATOM   870  C  CD  . GLU A 1 118 ? 13.377  16.895  -15.121 1.00 30.83 ? 127 GLU A CD  1 
ATOM   871  O  OE1 . GLU A 1 118 ? 13.344  17.337  -16.294 1.00 36.59 ? 127 GLU A OE1 1 
ATOM   872  O  OE2 . GLU A 1 118 ? 12.378  16.925  -14.367 1.00 35.00 ? 127 GLU A OE2 1 
ATOM   873  N  N   . ALA A 1 119 ? 15.636  12.522  -17.254 1.00 15.82 ? 128 ALA A N   1 
ATOM   874  C  CA  . ALA A 1 119 ? 16.039  11.801  -18.459 1.00 19.50 ? 128 ALA A CA  1 
ATOM   875  C  C   . ALA A 1 119 ? 14.854  11.087  -19.100 1.00 17.75 ? 128 ALA A C   1 
ATOM   876  O  O   . ALA A 1 119 ? 14.742  11.030  -20.332 1.00 17.63 ? 128 ALA A O   1 
ATOM   877  C  CB  . ALA A 1 119 ? 17.160  10.810  -18.143 1.00 18.22 ? 128 ALA A CB  1 
ATOM   878  N  N   . LEU A 1 120 ? 13.956  10.532  -18.281 1.00 16.00 ? 129 LEU A N   1 
ATOM   879  C  CA  . LEU A 1 120 ? 12.782  9.874   -18.843 1.00 15.99 ? 129 LEU A CA  1 
ATOM   880  C  C   . LEU A 1 120 ? 11.883  10.864  -19.570 1.00 17.26 ? 129 LEU A C   1 
ATOM   881  O  O   . LEU A 1 120 ? 11.290  10.528  -20.605 1.00 15.41 ? 129 LEU A O   1 
ATOM   882  C  CB  . LEU A 1 120 ? 12.024  9.109   -17.756 1.00 14.18 ? 129 LEU A CB  1 
ATOM   883  C  CG  . LEU A 1 120 ? 12.732  7.821   -17.317 1.00 13.86 ? 129 LEU A CG  1 
ATOM   884  C  CD1 . LEU A 1 120 ? 12.015  7.193   -16.133 1.00 15.69 ? 129 LEU A CD1 1 
ATOM   885  C  CD2 . LEU A 1 120 ? 12.826  6.831   -18.467 1.00 15.19 ? 129 LEU A CD2 1 
ATOM   886  N  N   . LYS A 1 121 ? 11.778  12.093  -19.053 1.00 15.51 ? 130 LYS A N   1 
ATOM   887  C  CA  . LYS A 1 121 ? 11.011  13.126  -19.748 1.00 20.36 ? 130 LYS A CA  1 
ATOM   888  C  C   . LYS A 1 121 ? 11.574  13.379  -21.140 1.00 20.14 ? 130 LYS A C   1 
ATOM   889  O  O   . LYS A 1 121 ? 10.819  13.523  -22.108 1.00 21.36 ? 130 LYS A O   1 
ATOM   890  C  CB  . LYS A 1 121 ? 10.999  14.418  -18.932 1.00 20.52 ? 130 LYS A CB  1 
ATOM   891  C  CG  . LYS A 1 121 ? 10.094  14.402  -17.719 1.00 25.30 ? 130 LYS A CG  1 
ATOM   892  C  CD  . LYS A 1 121 ? 10.081  15.776  -17.055 1.00 26.79 ? 130 LYS A CD  1 
ATOM   893  C  CE  . LYS A 1 121 ? 9.367   15.749  -15.717 1.00 28.53 ? 130 LYS A CE  1 
ATOM   894  N  NZ  . LYS A 1 121 ? 9.400   17.086  -15.060 1.00 35.75 ? 130 LYS A NZ  1 
ATOM   895  N  N   . LEU A 1 122 ? 12.904  13.422  -21.267 1.00 20.60 ? 131 LEU A N   1 
ATOM   896  C  CA  . LEU A 1 122 ? 13.506  13.573  -22.585 1.00 21.46 ? 131 LEU A CA  1 
ATOM   897  C  C   . LEU A 1 122 ? 13.203  12.389  -23.489 1.00 22.56 ? 131 LEU A C   1 
ATOM   898  O  O   . LEU A 1 122 ? 13.203  12.542  -24.716 1.00 25.12 ? 131 LEU A O   1 
ATOM   899  C  CB  . LEU A 1 122 ? 15.016  13.778  -22.457 1.00 23.18 ? 131 LEU A CB  1 
ATOM   900  C  CG  . LEU A 1 122 ? 15.466  15.065  -21.767 1.00 25.76 ? 131 LEU A CG  1 
ATOM   901  C  CD1 . LEU A 1 122 ? 16.985  15.172  -21.809 1.00 29.81 ? 131 LEU A CD1 1 
ATOM   902  C  CD2 . LEU A 1 122 ? 14.825  16.289  -22.405 1.00 29.41 ? 131 LEU A CD2 1 
ATOM   903  N  N   . ALA A 1 123 ? 12.944  11.217  -22.916 1.00 18.93 ? 132 ALA A N   1 
ATOM   904  C  CA  . ALA A 1 123 ? 12.536  10.045  -23.675 1.00 18.85 ? 132 ALA A CA  1 
ATOM   905  C  C   . ALA A 1 123 ? 11.044  10.017  -23.954 1.00 18.33 ? 132 ALA A C   1 
ATOM   906  O  O   . ALA A 1 123 ? 10.552  9.024   -24.499 1.00 21.40 ? 132 ALA A O   1 
ATOM   907  C  CB  . ALA A 1 123 ? 12.939  8.772   -22.929 1.00 18.85 ? 132 ALA A CB  1 
ATOM   908  N  N   . GLY A 1 124 ? 10.323  11.073  -23.588 1.00 19.40 ? 133 GLY A N   1 
ATOM   909  C  CA  . GLY A 1 124 ? 8.883   11.109  -23.758 1.00 20.81 ? 133 GLY A CA  1 
ATOM   910  C  C   . GLY A 1 124 ? 8.103   10.321  -22.737 1.00 18.37 ? 133 GLY A C   1 
ATOM   911  O  O   . GLY A 1 124 ? 6.944   9.974   -22.992 1.00 18.74 ? 133 GLY A O   1 
ATOM   912  N  N   . VAL A 1 125 ? 8.697   10.029  -21.583 1.00 17.02 ? 134 VAL A N   1 
ATOM   913  C  CA  . VAL A 1 125 ? 8.095   9.154   -20.584 1.00 16.93 ? 134 VAL A CA  1 
ATOM   914  C  C   . VAL A 1 125 ? 7.779   9.987   -19.349 1.00 17.74 ? 134 VAL A C   1 
ATOM   915  O  O   . VAL A 1 125 ? 8.677   10.594  -18.755 1.00 17.22 ? 134 VAL A O   1 
ATOM   916  C  CB  . VAL A 1 125 ? 9.033   7.987   -20.232 1.00 15.42 ? 134 VAL A CB  1 
ATOM   917  C  CG1 . VAL A 1 125 ? 8.368   7.046   -19.242 1.00 15.20 ? 134 VAL A CG1 1 
ATOM   918  C  CG2 . VAL A 1 125 ? 9.457   7.240   -21.497 1.00 17.87 ? 134 VAL A CG2 1 
ATOM   919  N  N   . SER A 1 126 ? 6.509   10.020  -18.957 1.00 15.87 ? 135 SER A N   1 
ATOM   920  C  CA  . SER A 1 126 ? 6.146   10.591  -17.669 1.00 14.01 ? 135 SER A CA  1 
ATOM   921  C  C   . SER A 1 126 ? 6.040   9.473   -16.637 1.00 14.13 ? 135 SER A C   1 
ATOM   922  O  O   . SER A 1 126 ? 5.770   8.316   -16.975 1.00 14.13 ? 135 SER A O   1 
ATOM   923  C  CB  . SER A 1 126 ? 4.830   11.366  -17.754 1.00 18.75 ? 135 SER A CB  1 
ATOM   924  O  OG  . SER A 1 126 ? 3.764   10.510  -18.103 1.00 18.87 ? 135 SER A OG  1 
ATOM   925  N  N   . VAL A 1 127 ? 6.253   9.829   -15.372 1.00 13.68 ? 136 VAL A N   1 
ATOM   926  C  CA  . VAL A 1 127 ? 6.269   8.871   -14.270 1.00 13.25 ? 136 VAL A CA  1 
ATOM   927  C  C   . VAL A 1 127 ? 5.232   9.297   -13.241 1.00 13.07 ? 136 VAL A C   1 
ATOM   928  O  O   . VAL A 1 127 ? 5.207   10.460  -12.819 1.00 13.10 ? 136 VAL A O   1 
ATOM   929  C  CB  . VAL A 1 127 ? 7.661   8.765   -13.615 1.00 12.51 ? 136 VAL A CB  1 
ATOM   930  C  CG1 . VAL A 1 127 ? 7.619   7.808   -12.434 1.00 14.89 ? 136 VAL A CG1 1 
ATOM   931  C  CG2 . VAL A 1 127 ? 8.677   8.278   -14.630 1.00 14.92 ? 136 VAL A CG2 1 
ATOM   932  N  N   . ILE A 1 128 ? 4.395   8.349   -12.832 1.00 11.17 ? 137 ILE A N   1 
ATOM   933  C  CA  . ILE A 1 128 ? 3.418   8.544   -11.768 1.00 11.68 ? 137 ILE A CA  1 
ATOM   934  C  C   . ILE A 1 128 ? 3.713   7.518   -10.687 1.00 11.09 ? 137 ILE A C   1 
ATOM   935  O  O   . ILE A 1 128 ? 3.973   6.349   -10.990 1.00 11.45 ? 137 ILE A O   1 
ATOM   936  C  CB  . ILE A 1 128 ? 1.987   8.353   -12.314 1.00 12.61 ? 137 ILE A CB  1 
ATOM   937  C  CG1 . ILE A 1 128 ? 1.595   9.523   -13.215 1.00 15.82 ? 137 ILE A CG1 1 
ATOM   938  C  CG2 . ILE A 1 128 ? 0.982   8.175   -11.177 1.00 13.38 ? 137 ILE A CG2 1 
ATOM   939  C  CD1 . ILE A 1 128 ? 1.288   10.785  -12.462 1.00 20.67 ? 137 ILE A CD1 1 
ATOM   940  N  N   . GLU A 1 129 ? 3.695   7.948   -9.428  1.00 10.26 ? 138 GLU A N   1 
ATOM   941  C  CA  . GLU A 1 129 ? 3.875   7.035   -8.311  1.00 9.33  ? 138 GLU A CA  1 
ATOM   942  C  C   . GLU A 1 129 ? 2.516   6.744   -7.685  1.00 8.01  ? 138 GLU A C   1 
ATOM   943  O  O   . GLU A 1 129 ? 1.780   7.673   -7.328  1.00 11.15 ? 138 GLU A O   1 
ATOM   944  C  CB  . GLU A 1 129 ? 4.825   7.628   -7.271  1.00 10.52 ? 138 GLU A CB  1 
ATOM   945  C  CG  . GLU A 1 129 ? 5.084   6.687   -6.137  1.00 9.59  ? 138 GLU A CG  1 
ATOM   946  C  CD  . GLU A 1 129 ? 5.936   7.279   -5.041  1.00 14.34 ? 138 GLU A CD  1 
ATOM   947  O  OE1 . GLU A 1 129 ? 5.819   8.492   -4.766  1.00 16.65 ? 138 GLU A OE1 1 
ATOM   948  O  OE2 . GLU A 1 129 ? 6.711   6.511   -4.439  1.00 12.79 ? 138 GLU A OE2 1 
ATOM   949  N  N   . ASN A 1 130 ? 2.187   5.457   -7.552  1.00 7.94  ? 139 ASN A N   1 
ATOM   950  C  CA  . ASN A 1 130 ? 0.906   5.027   -6.987  1.00 9.17  ? 139 ASN A CA  1 
ATOM   951  C  C   . ASN A 1 130 ? 1.160   4.547   -5.569  1.00 8.64  ? 139 ASN A C   1 
ATOM   952  O  O   . ASN A 1 130 ? 1.799   3.512   -5.363  1.00 11.03 ? 139 ASN A O   1 
ATOM   953  C  CB  . ASN A 1 130 ? 0.299   3.897   -7.810  1.00 9.31  ? 139 ASN A CB  1 
ATOM   954  C  CG  . ASN A 1 130 ? 0.266   4.201   -9.268  1.00 9.51  ? 139 ASN A CG  1 
ATOM   955  O  OD1 . ASN A 1 130 ? -0.447  5.092   -9.715  1.00 10.20 ? 139 ASN A OD1 1 
ATOM   956  N  ND2 . ASN A 1 130 ? 1.035   3.436   -10.041 1.00 11.16 ? 139 ASN A ND2 1 
ATOM   957  N  N   . GLN A 1 131 ? 0.651   5.284   -4.596  1.00 8.12  ? 140 GLN A N   1 
ATOM   958  C  CA  . GLN A 1 131 ? 0.841   4.953   -3.196  1.00 8.79  ? 140 GLN A CA  1 
ATOM   959  C  C   . GLN A 1 131 ? -0.431  4.312   -2.663  1.00 8.70  ? 140 GLN A C   1 
ATOM   960  O  O   . GLN A 1 131 ? -1.488  4.955   -2.623  1.00 8.64  ? 140 GLN A O   1 
ATOM   961  C  CB  . GLN A 1 131 ? 1.190   6.202   -2.390  1.00 11.10 ? 140 GLN A CB  1 
ATOM   962  C  CG  . GLN A 1 131 ? 2.542   6.820   -2.775  1.00 11.15 ? 140 GLN A CG  1 
ATOM   963  C  CD  . GLN A 1 131 ? 2.929   7.977   -1.885  1.00 17.49 ? 140 GLN A CD  1 
ATOM   964  O  OE1 . GLN A 1 131 ? 2.223   8.309   -0.930  1.00 22.92 ? 140 GLN A OE1 1 
ATOM   965  N  NE2 . GLN A 1 131 ? 4.062   8.598   -2.190  1.00 17.00 ? 140 GLN A NE2 1 
ATOM   966  N  N   . GLU A 1 132 ? -0.329  3.048   -2.273  1.00 8.32  ? 141 GLU A N   1 
ATOM   967  C  CA  . GLU A 1 132 ? -1.440  2.339   -1.663  1.00 8.07  ? 141 GLU A CA  1 
ATOM   968  C  C   . GLU A 1 132 ? -1.491  2.717   -0.191  1.00 8.45  ? 141 GLU A C   1 
ATOM   969  O  O   . GLU A 1 132 ? -0.475  2.644   0.504   1.00 8.92  ? 141 GLU A O   1 
ATOM   970  C  CB  . GLU A 1 132 ? -1.217  0.837   -1.819  1.00 9.77  ? 141 GLU A CB  1 
ATOM   971  C  CG  . GLU A 1 132 ? -2.371  0.005   -1.335  1.00 15.35 ? 141 GLU A CG  1 
ATOM   972  C  CD  . GLU A 1 132 ? -2.127  -1.496  -1.445  1.00 21.41 ? 141 GLU A CD  1 
ATOM   973  O  OE1 . GLU A 1 132 ? -1.032  -1.901  -1.878  1.00 21.62 ? 141 GLU A OE1 1 
ATOM   974  O  OE2 . GLU A 1 132 ? -3.043  -2.273  -1.090  1.00 24.75 ? 141 GLU A OE2 1 
ATOM   975  N  N   . LEU A 1 133 ? -2.677  3.117   0.282   1.00 8.24  ? 142 LEU A N   1 
ATOM   976  C  CA  . LEU A 1 133 ? -2.867  3.619   1.636   1.00 7.11  ? 142 LEU A CA  1 
ATOM   977  C  C   . LEU A 1 133 ? -4.013  2.888   2.312   1.00 7.70  ? 142 LEU A C   1 
ATOM   978  O  O   . LEU A 1 133 ? -4.986  2.492   1.660   1.00 8.88  ? 142 LEU A O   1 
ATOM   979  C  CB  . LEU A 1 133 ? -3.217  5.121   1.636   1.00 9.01  ? 142 LEU A CB  1 
ATOM   980  C  CG  . LEU A 1 133 ? -2.449  6.050   0.683   1.00 9.67  ? 142 LEU A CG  1 
ATOM   981  C  CD1 . LEU A 1 133 ? -3.034  7.453   0.694   1.00 11.77 ? 142 LEU A CD1 1 
ATOM   982  C  CD2 . LEU A 1 133 ? -0.979  6.100   1.049   1.00 10.90 ? 142 LEU A CD2 1 
ATOM   983  N  N   . ILE A 1 134 ? -3.919  2.753   3.635   1.00 8.23  ? 143 ILE A N   1 
ATOM   984  C  CA  . ILE A 1 134 ? -5.063  2.311   4.437   1.00 8.65  ? 143 ILE A CA  1 
ATOM   985  C  C   . ILE A 1 134 ? -5.286  3.264   5.601   1.00 9.41  ? 143 ILE A C   1 
ATOM   986  O  O   . ILE A 1 134 ? -4.331  3.873   6.109   1.00 8.19  ? 143 ILE A O   1 
ATOM   987  C  CB  . ILE A 1 134 ? -4.909  0.879   4.971   1.00 9.01  ? 143 ILE A CB  1 
ATOM   988  C  CG1 . ILE A 1 134 ? -3.665  0.760   5.854   1.00 9.69  ? 143 ILE A CG1 1 
ATOM   989  C  CG2 . ILE A 1 134 ? -4.929  -0.142  3.819   1.00 10.42 ? 143 ILE A CG2 1 
ATOM   990  C  CD1 . ILE A 1 134 ? -3.640  -0.509  6.670   1.00 11.73 ? 143 ILE A CD1 1 
ATOM   991  N  N   . PRO A 1 135 ? -6.528  3.406   6.068   1.00 8.18  ? 144 PRO A N   1 
ATOM   992  C  CA  . PRO A 1 135 ? -6.790  4.170   7.296   1.00 9.60  ? 144 PRO A CA  1 
ATOM   993  C  C   . PRO A 1 135 ? -6.445  3.292   8.489   1.00 9.46  ? 144 PRO A C   1 
ATOM   994  O  O   . PRO A 1 135 ? -7.019  2.217   8.666   1.00 10.39 ? 144 PRO A O   1 
ATOM   995  C  CB  . PRO A 1 135 ? -8.294  4.444   7.220   1.00 10.13 ? 144 PRO A CB  1 
ATOM   996  C  CG  . PRO A 1 135 ? -8.841  3.253   6.445   1.00 9.72  ? 144 PRO A CG  1 
ATOM   997  C  CD  . PRO A 1 135 ? -7.762  2.876   5.453   1.00 9.00  ? 144 PRO A CD  1 
ATOM   998  N  N   . LEU A 1 136 ? -5.503  3.746   9.314   1.00 9.15  ? 145 LEU A N   1 
ATOM   999  C  CA  . LEU A 1 136 ? -4.894  2.838   10.282  1.00 11.50 ? 145 LEU A CA  1 
ATOM   1000 C  C   . LEU A 1 136 ? -5.878  2.409   11.364  1.00 11.24 ? 145 LEU A C   1 
ATOM   1001 O  O   . LEU A 1 136 ? -6.049  1.209   11.623  1.00 11.58 ? 145 LEU A O   1 
ATOM   1002 C  CB  . LEU A 1 136 ? -3.650  3.474   10.894  1.00 10.61 ? 145 LEU A CB  1 
ATOM   1003 C  CG  . LEU A 1 136 ? -2.927  2.650   11.965  1.00 12.25 ? 145 LEU A CG  1 
ATOM   1004 C  CD1 . LEU A 1 136 ? -2.572  1.243   11.486  1.00 11.76 ? 145 LEU A CD1 1 
ATOM   1005 C  CD2 . LEU A 1 136 ? -1.677  3.401   12.420  1.00 14.80 ? 145 LEU A CD2 1 
ATOM   1006 N  N   . GLN A 1 137 ? -6.524  3.370   12.024  1.00 11.88 ? 146 GLN A N   1 
ATOM   1007 C  CA  . GLN A 1 137 ? -7.373  2.987   13.146  1.00 12.43 ? 146 GLN A CA  1 
ATOM   1008 C  C   . GLN A 1 137 ? -8.635  2.292   12.663  1.00 11.54 ? 146 GLN A C   1 
ATOM   1009 O  O   . GLN A 1 137 ? -9.098  1.336   13.294  1.00 12.95 ? 146 GLN A O   1 
ATOM   1010 C  CB  . GLN A 1 137 ? -7.698  4.190   14.030  1.00 15.23 ? 146 GLN A CB  1 
ATOM   1011 C  CG  . GLN A 1 137 ? -8.211  3.790   15.411  1.00 20.60 ? 146 GLN A CG  1 
ATOM   1012 C  CD  . GLN A 1 137 ? -7.256  2.857   16.154  1.00 24.87 ? 146 GLN A CD  1 
ATOM   1013 O  OE1 . GLN A 1 137 ? -6.039  3.077   16.183  1.00 22.40 ? 146 GLN A OE1 1 
ATOM   1014 N  NE2 . GLN A 1 137 ? -7.807  1.799   16.751  1.00 27.16 ? 146 GLN A NE2 1 
ATOM   1015 N  N   . GLN A 1 138 ? -9.195  2.741   11.539  1.00 11.15 ? 147 GLN A N   1 
ATOM   1016 C  CA  . GLN A 1 138 ? -10.372 2.078   10.985  1.00 12.90 ? 147 GLN A CA  1 
ATOM   1017 C  C   . GLN A 1 138 ? -10.063 0.634   10.597  1.00 13.18 ? 147 GLN A C   1 
ATOM   1018 O  O   . GLN A 1 138 ? -10.883 -0.268  10.816  1.00 12.81 ? 147 GLN A O   1 
ATOM   1019 C  CB  . GLN A 1 138 ? -10.912 2.895   9.810   1.00 11.26 ? 147 GLN A CB  1 
ATOM   1020 C  CG  . GLN A 1 138 ? -12.185 2.352   9.180   1.00 13.24 ? 147 GLN A CG  1 
ATOM   1021 C  CD  . GLN A 1 138 ? -12.810 3.327   8.180   1.00 15.67 ? 147 GLN A CD  1 
ATOM   1022 O  OE1 . GLN A 1 138 ? -12.147 4.233   7.654   1.00 14.16 ? 147 GLN A OE1 1 
ATOM   1023 N  NE2 . GLN A 1 138 ? -14.098 3.135   7.903   1.00 17.81 ? 147 GLN A NE2 1 
ATOM   1024 N  N   . THR A 1 139 ? -8.874  0.387   10.042  1.00 10.42 ? 148 THR A N   1 
ATOM   1025 C  CA  . THR A 1 139 ? -8.490  -0.987  9.730   1.00 9.83  ? 148 THR A CA  1 
ATOM   1026 C  C   . THR A 1 139 ? -8.268  -1.803  10.993  1.00 11.20 ? 148 THR A C   1 
ATOM   1027 O  O   . THR A 1 139 ? -8.710  -2.955  11.074  1.00 9.40  ? 148 THR A O   1 
ATOM   1028 C  CB  . THR A 1 139 ? -7.251  -1.017  8.832   1.00 9.46  ? 148 THR A CB  1 
ATOM   1029 O  OG1 . THR A 1 139 ? -7.495  -0.213  7.673   1.00 9.95  ? 148 THR A OG1 1 
ATOM   1030 C  CG2 . THR A 1 139 ? -6.936  -2.441  8.367   1.00 10.06 ? 148 THR A CG2 1 
ATOM   1031 N  N   . ARG A 1 140 ? -7.588  -1.226  11.991  1.00 10.39 ? 149 ARG A N   1 
ATOM   1032 C  CA  . ARG A 1 140 ? -7.420  -1.916  13.268  1.00 11.56 ? 149 ARG A CA  1 
ATOM   1033 C  C   . ARG A 1 140 ? -8.765  -2.345  13.837  1.00 11.71 ? 149 ARG A C   1 
ATOM   1034 O  O   . ARG A 1 140 ? -8.930  -3.487  14.283  1.00 11.34 ? 149 ARG A O   1 
ATOM   1035 C  CB  . ARG A 1 140 ? -6.705  -1.010  14.270  1.00 13.33 ? 149 ARG A CB  1 
ATOM   1036 C  CG  . ARG A 1 140 ? -5.221  -0.905  14.055  1.00 12.36 ? 149 ARG A CG  1 
ATOM   1037 C  CD  . ARG A 1 140 ? -4.660  0.217   14.908  1.00 14.54 ? 149 ARG A CD  1 
ATOM   1038 N  NE  . ARG A 1 140 ? -3.202  0.236   14.898  1.00 13.38 ? 149 ARG A NE  1 
ATOM   1039 C  CZ  . ARG A 1 140 ? -2.476  1.228   15.398  1.00 16.68 ? 149 ARG A CZ  1 
ATOM   1040 N  NH1 . ARG A 1 140 ? -3.083  2.280   15.935  1.00 16.21 ? 149 ARG A NH1 1 
ATOM   1041 N  NH2 . ARG A 1 140 ? -1.148  1.167   15.365  1.00 15.56 ? 149 ARG A NH2 1 
ATOM   1042 N  N   . LYS A 1 141 ? -9.742  -1.434  13.815  1.00 11.81 ? 150 LYS A N   1 
ATOM   1043 C  CA  . LYS A 1 141 ? -11.059 -1.744  14.368  1.00 13.75 ? 150 LYS A CA  1 
ATOM   1044 C  C   . LYS A 1 141 ? -11.741 -2.864  13.592  1.00 13.42 ? 150 LYS A C   1 
ATOM   1045 O  O   . LYS A 1 141 ? -12.361 -3.745  14.191  1.00 12.80 ? 150 LYS A O   1 
ATOM   1046 C  CB  . LYS A 1 141 ? -11.936 -0.492  14.409  1.00 14.25 ? 150 LYS A CB  1 
ATOM   1047 C  CG  . LYS A 1 141 ? -13.302 -0.721  15.059  1.00 17.07 ? 150 LYS A CG  1 
ATOM   1048 C  CD  . LYS A 1 141 ? -14.066 0.589   15.206  1.00 21.41 ? 150 LYS A CD  1 
ATOM   1049 C  CE  . LYS A 1 141 ? -15.466 0.367   15.759  1.00 30.26 ? 150 LYS A CE  1 
ATOM   1050 N  NZ  . LYS A 1 141 ? -16.283 1.613   15.671  1.00 31.25 ? 150 LYS A NZ  1 
ATOM   1051 N  N   . ASP A 1 142 ? -11.646 -2.846  12.260  1.00 12.38 ? 151 ASP A N   1 
ATOM   1052 C  CA  . ASP A 1 142 ? -12.200 -3.944  11.466  1.00 10.76 ? 151 ASP A CA  1 
ATOM   1053 C  C   . ASP A 1 142 ? -11.618 -5.285  11.902  1.00 10.75 ? 151 ASP A C   1 
ATOM   1054 O  O   . ASP A 1 142 ? -12.345 -6.274  12.048  1.00 10.58 ? 151 ASP A O   1 
ATOM   1055 C  CB  . ASP A 1 142 ? -11.909 -3.735  9.978   1.00 10.00 ? 151 ASP A CB  1 
ATOM   1056 C  CG  . ASP A 1 142 ? -12.681 -2.583  9.352   1.00 14.99 ? 151 ASP A CG  1 
ATOM   1057 O  OD1 . ASP A 1 142 ? -13.681 -2.108  9.934   1.00 16.99 ? 151 ASP A OD1 1 
ATOM   1058 O  OD2 . ASP A 1 142 ? -12.271 -2.175  8.234   1.00 12.31 ? 151 ASP A OD2 1 
ATOM   1059 N  N   . VAL A 1 143 ? -10.298 -5.351  12.095  1.00 9.71  ? 152 VAL A N   1 
ATOM   1060 C  CA  . VAL A 1 143 ? -9.661  -6.626  12.419  1.00 10.45 ? 152 VAL A CA  1 
ATOM   1061 C  C   . VAL A 1 143 ? -10.068 -7.097  13.806  1.00 11.30 ? 152 VAL A C   1 
ATOM   1062 O  O   . VAL A 1 143 ? -10.456 -8.255  13.995  1.00 10.98 ? 152 VAL A O   1 
ATOM   1063 C  CB  . VAL A 1 143 ? -8.134  -6.527  12.280  1.00 10.44 ? 152 VAL A CB  1 
ATOM   1064 C  CG1 . VAL A 1 143 ? -7.473  -7.833  12.729  1.00 14.20 ? 152 VAL A CG1 1 
ATOM   1065 C  CG2 . VAL A 1 143 ? -7.785  -6.234  10.845  1.00 13.52 ? 152 VAL A CG2 1 
ATOM   1066 N  N   . THR A 1 144 ? -9.970  -6.210  14.797  1.00 10.88 ? 153 THR A N   1 
ATOM   1067 C  CA  . THR A 1 144 ? -10.300 -6.607  16.161  1.00 12.33 ? 153 THR A CA  1 
ATOM   1068 C  C   . THR A 1 144 ? -11.763 -7.001  16.269  1.00 11.53 ? 153 THR A C   1 
ATOM   1069 O  O   . THR A 1 144 ? -12.100 -7.996  16.924  1.00 11.60 ? 153 THR A O   1 
ATOM   1070 C  CB  . THR A 1 144 ? -9.970  -5.475  17.126  1.00 15.13 ? 153 THR A CB  1 
ATOM   1071 O  OG1 . THR A 1 144 ? -8.558  -5.238  17.102  1.00 18.70 ? 153 THR A OG1 1 
ATOM   1072 C  CG2 . THR A 1 144 ? -10.385 -5.859  18.540  1.00 16.32 ? 153 THR A CG2 1 
ATOM   1073 N  N   . THR A 1 145 ? -12.646 -6.244  15.614  1.00 10.80 ? 154 THR A N   1 
ATOM   1074 C  CA  . THR A 1 145 ? -14.064 -6.575  15.660  1.00 10.42 ? 154 THR A CA  1 
ATOM   1075 C  C   . THR A 1 145 ? -14.349 -7.873  14.914  1.00 11.39 ? 154 THR A C   1 
ATOM   1076 O  O   . THR A 1 145 ? -15.154 -8.689  15.370  1.00 11.34 ? 154 THR A O   1 
ATOM   1077 C  CB  . THR A 1 145 ? -14.906 -5.413  15.124  1.00 11.20 ? 154 THR A CB  1 
ATOM   1078 O  OG1 . THR A 1 145 ? -14.562 -4.210  15.824  1.00 15.65 ? 154 THR A OG1 1 
ATOM   1079 C  CG2 . THR A 1 145 ? -16.382 -5.697  15.346  1.00 13.41 ? 154 THR A CG2 1 
ATOM   1080 N  N   . ALA A 1 146 ? -13.675 -8.105  13.782  1.00 9.95  ? 155 ALA A N   1 
ATOM   1081 C  CA  . ALA A 1 146 ? -13.872 -9.366  13.073  1.00 9.98  ? 155 ALA A CA  1 
ATOM   1082 C  C   . ALA A 1 146 ? -13.461 -10.558 13.932  1.00 9.43  ? 155 ALA A C   1 
ATOM   1083 O  O   . ALA A 1 146 ? -14.144 -11.589 13.935  1.00 10.21 ? 155 ALA A O   1 
ATOM   1084 C  CB  . ALA A 1 146 ? -13.104 -9.367  11.748  1.00 10.18 ? 155 ALA A CB  1 
ATOM   1085 N  N   . LEU A 1 147 ? -12.338 -10.442 14.652  1.00 9.82  ? 156 LEU A N   1 
ATOM   1086 C  CA  . LEU A 1 147 ? -11.928 -11.520 15.550  1.00 10.19 ? 156 LEU A CA  1 
ATOM   1087 C  C   . LEU A 1 147 ? -12.979 -11.759 16.626  1.00 11.98 ? 156 LEU A C   1 
ATOM   1088 O  O   . LEU A 1 147 ? -13.317 -12.912 16.932  1.00 11.35 ? 156 LEU A O   1 
ATOM   1089 C  CB  . LEU A 1 147 ? -10.575 -11.198 16.181  1.00 12.38 ? 156 LEU A CB  1 
ATOM   1090 C  CG  . LEU A 1 147 ? -9.348  -11.534 15.349  1.00 16.33 ? 156 LEU A CG  1 
ATOM   1091 C  CD1 . LEU A 1 147 ? -8.125  -10.883 15.968  1.00 15.46 ? 156 LEU A CD1 1 
ATOM   1092 C  CD2 . LEU A 1 147 ? -9.183  -13.046 15.243  1.00 14.05 ? 156 LEU A CD2 1 
ATOM   1093 N  N   . SER A 1 148 ? -13.525 -10.680 17.195  1.00 11.44 ? 157 SER A N   1 
ATOM   1094 C  CA  . SER A 1 148 ? -14.578 -10.827 18.196  1.00 13.09 ? 157 SER A CA  1 
ATOM   1095 C  C   . SER A 1 148 ? -15.792 -11.542 17.616  1.00 13.53 ? 157 SER A C   1 
ATOM   1096 O  O   . SER A 1 148 ? -16.383 -12.413 18.266  1.00 12.95 ? 157 SER A O   1 
ATOM   1097 C  CB  . SER A 1 148 ? -14.971 -9.453  18.728  1.00 13.35 ? 157 SER A CB  1 
ATOM   1098 O  OG  A SER A 1 148 ? -13.892 -8.842  19.419  0.55 17.46 ? 157 SER A OG  1 
ATOM   1099 O  OG  B SER A 1 148 ? -15.885 -9.562  19.803  0.45 16.73 ? 157 SER A OG  1 
ATOM   1100 N  N   . LEU A 1 149 ? -16.185 -11.183 16.393  1.00 10.88 ? 158 LEU A N   1 
ATOM   1101 C  CA  . LEU A 1 149 ? -17.293 -11.873 15.744  1.00 10.53 ? 158 LEU A CA  1 
ATOM   1102 C  C   . LEU A 1 149 ? -16.965 -13.340 15.506  1.00 11.85 ? 158 LEU A C   1 
ATOM   1103 O  O   . LEU A 1 149 ? -17.831 -14.211 15.666  1.00 12.04 ? 158 LEU A O   1 
ATOM   1104 C  CB  . LEU A 1 149 ? -17.641 -11.174 14.424  1.00 10.97 ? 158 LEU A CB  1 
ATOM   1105 C  CG  . LEU A 1 149 ? -18.256 -9.785  14.590  1.00 10.74 ? 158 LEU A CG  1 
ATOM   1106 C  CD1 . LEU A 1 149 ? -18.223 -9.011  13.274  1.00 10.69 ? 158 LEU A CD1 1 
ATOM   1107 C  CD2 . LEU A 1 149 ? -19.692 -9.889  15.104  1.00 14.51 ? 158 LEU A CD2 1 
ATOM   1108 N  N   . MET A 1 150 ? -15.718 -13.639 15.122  1.00 11.18 ? 159 MET A N   1 
ATOM   1109 C  CA  . MET A 1 150 ? -15.318 -15.034 14.966  1.00 11.17 ? 159 MET A CA  1 
ATOM   1110 C  C   . MET A 1 150 ? -15.414 -15.784 16.293  1.00 12.42 ? 159 MET A C   1 
ATOM   1111 O  O   . MET A 1 150 ? -15.904 -16.920 16.331  1.00 12.74 ? 159 MET A O   1 
ATOM   1112 C  CB  . MET A 1 150 ? -13.910 -15.127 14.381  1.00 11.74 ? 159 MET A CB  1 
ATOM   1113 C  CG  . MET A 1 150 ? -13.815 -14.637 12.927  1.00 10.51 ? 159 MET A CG  1 
ATOM   1114 S  SD  . MET A 1 150 ? -12.128 -14.828 12.307  1.00 12.54 ? 159 MET A SD  1 
ATOM   1115 C  CE  . MET A 1 150 ? -12.090 -13.550 11.033  1.00 10.08 ? 159 MET A CE  1 
ATOM   1116 N  N   . ASN A 1 151 ? -14.982 -15.157 17.388  1.00 13.18 ? 160 ASN A N   1 
ATOM   1117 C  CA  . ASN A 1 151 ? -15.118 -15.794 18.701  1.00 11.82 ? 160 ASN A CA  1 
ATOM   1118 C  C   . ASN A 1 151 ? -16.574 -16.118 18.996  1.00 13.47 ? 160 ASN A C   1 
ATOM   1119 O  O   . ASN A 1 151 ? -16.886 -17.143 19.622  1.00 13.46 ? 160 ASN A O   1 
ATOM   1120 C  CB  . ASN A 1 151 ? -14.570 -14.879 19.799  1.00 14.68 ? 160 ASN A CB  1 
ATOM   1121 C  CG  . ASN A 1 151 ? -13.069 -14.688 19.726  1.00 13.28 ? 160 ASN A CG  1 
ATOM   1122 O  OD1 . ASN A 1 151 ? -12.352 -15.495 19.140  1.00 17.08 ? 160 ASN A OD1 1 
ATOM   1123 N  ND2 . ASN A 1 151 ? -12.590 -13.611 20.327  1.00 16.38 ? 160 ASN A ND2 1 
ATOM   1124 N  N   . GLU A 1 152 ? -17.483 -15.250 18.561  1.00 11.65 ? 161 GLU A N   1 
ATOM   1125 C  CA  . GLU A 1 152 ? -18.904 -15.460 18.795  1.00 13.83 ? 161 GLU A CA  1 
ATOM   1126 C  C   . GLU A 1 152 ? -19.539 -16.437 17.817  1.00 14.11 ? 161 GLU A C   1 
ATOM   1127 O  O   . GLU A 1 152 ? -20.717 -16.764 17.984  1.00 18.85 ? 161 GLU A O   1 
ATOM   1128 C  CB  . GLU A 1 152 ? -19.644 -14.122 18.751  1.00 15.37 ? 161 GLU A CB  1 
ATOM   1129 C  CG  . GLU A 1 152 ? -19.223 -13.154 19.836  1.00 18.76 ? 161 GLU A CG  1 
ATOM   1130 C  CD  . GLU A 1 152 ? -19.767 -11.754 19.611  1.00 25.80 ? 161 GLU A CD  1 
ATOM   1131 O  OE1 . GLU A 1 152 ? -20.430 -11.529 18.581  1.00 26.98 ? 161 GLU A OE1 1 
ATOM   1132 O  OE2 . GLU A 1 152 ? -19.527 -10.877 20.461  1.00 33.70 ? 161 GLU A OE2 1 
ATOM   1133 N  N   . GLY A 1 153 ? -18.805 -16.909 16.809  1.00 13.48 ? 162 GLY A N   1 
ATOM   1134 C  CA  . GLY A 1 153 ? -19.376 -17.771 15.797  1.00 14.97 ? 162 GLY A CA  1 
ATOM   1135 C  C   . GLY A 1 153 ? -20.059 -17.053 14.653  1.00 13.66 ? 162 GLY A C   1 
ATOM   1136 O  O   . GLY A 1 153 ? -20.711 -17.714 13.837  1.00 15.16 ? 162 GLY A O   1 
ATOM   1137 N  N   . LYS A 1 154 ? -19.928 -15.727 14.567  1.00 12.59 ? 163 LYS A N   1 
ATOM   1138 C  CA  . LYS A 1 154 ? -20.594 -14.932 13.521  1.00 11.30 ? 163 LYS A CA  1 
ATOM   1139 C  C   . LYS A 1 154 ? -19.641 -14.723 12.340  1.00 12.76 ? 163 LYS A C   1 
ATOM   1140 O  O   . LYS A 1 154 ? -19.157 -13.619 12.066  1.00 12.34 ? 163 LYS A O   1 
ATOM   1141 C  CB  . LYS A 1 154 ? -21.088 -13.610 14.097  1.00 13.39 ? 163 LYS A CB  1 
ATOM   1142 C  CG  . LYS A 1 154 ? -22.197 -13.768 15.134  1.00 16.86 ? 163 LYS A CG  1 
ATOM   1143 C  CD  . LYS A 1 154 ? -22.642 -12.425 15.687  1.00 20.63 ? 163 LYS A CD  1 
ATOM   1144 C  CE  . LYS A 1 154 ? -23.709 -12.601 16.758  1.00 28.73 ? 163 LYS A CE  1 
ATOM   1145 N  NZ  . LYS A 1 154 ? -23.591 -11.546 17.794  1.00 36.90 ? 163 LYS A NZ  1 
ATOM   1146 N  N   . TYR A 1 155 ? -19.391 -15.828 11.634  1.00 11.62 ? 164 TYR A N   1 
ATOM   1147 C  CA  . TYR A 1 155 ? -18.317 -15.868 10.647  1.00 12.15 ? 164 TYR A CA  1 
ATOM   1148 C  C   . TYR A 1 155 ? -18.639 -15.026 9.422   1.00 13.64 ? 164 TYR A C   1 
ATOM   1149 O  O   . TYR A 1 155 ? -17.773 -14.288 8.942   1.00 9.86  ? 164 TYR A O   1 
ATOM   1150 C  CB  . TYR A 1 155 ? -18.008 -17.311 10.260  1.00 13.30 ? 164 TYR A CB  1 
ATOM   1151 C  CG  . TYR A 1 155 ? -17.595 -18.152 11.440  1.00 14.25 ? 164 TYR A CG  1 
ATOM   1152 C  CD1 . TYR A 1 155 ? -16.415 -17.893 12.119  1.00 15.22 ? 164 TYR A CD1 1 
ATOM   1153 C  CD2 . TYR A 1 155 ? -18.398 -19.194 11.886  1.00 18.94 ? 164 TYR A CD2 1 
ATOM   1154 C  CE1 . TYR A 1 155 ? -16.035 -18.669 13.209  1.00 15.46 ? 164 TYR A CE1 1 
ATOM   1155 C  CE2 . TYR A 1 155 ? -18.030 -19.962 12.970  1.00 19.86 ? 164 TYR A CE2 1 
ATOM   1156 C  CZ  . TYR A 1 155 ? -16.852 -19.691 13.624  1.00 18.62 ? 164 TYR A CZ  1 
ATOM   1157 O  OH  . TYR A 1 155 ? -16.467 -20.453 14.712  1.00 21.52 ? 164 TYR A OH  1 
ATOM   1158 N  N   . TYR A 1 156 ? -19.861 -15.128 8.894   1.00 13.60 ? 165 TYR A N   1 
ATOM   1159 C  CA  . TYR A 1 156 ? -20.219 -14.309 7.740   1.00 12.55 ? 165 TYR A CA  1 
ATOM   1160 C  C   . TYR A 1 156 ? -20.063 -12.826 8.050   1.00 10.35 ? 165 TYR A C   1 
ATOM   1161 O  O   . TYR A 1 156 ? -19.541 -12.052 7.231   1.00 10.83 ? 165 TYR A O   1 
ATOM   1162 C  CB  . TYR A 1 156 ? -21.656 -14.599 7.305   1.00 12.25 ? 165 TYR A CB  1 
ATOM   1163 C  CG  . TYR A 1 156 ? -21.959 -13.993 5.957   1.00 12.92 ? 165 TYR A CG  1 
ATOM   1164 C  CD1 . TYR A 1 156 ? -21.555 -14.630 4.789   1.00 13.20 ? 165 TYR A CD1 1 
ATOM   1165 C  CD2 . TYR A 1 156 ? -22.639 -12.786 5.847   1.00 13.95 ? 165 TYR A CD2 1 
ATOM   1166 C  CE1 . TYR A 1 156 ? -21.814 -14.078 3.541   1.00 13.24 ? 165 TYR A CE1 1 
ATOM   1167 C  CE2 . TYR A 1 156 ? -22.900 -12.224 4.599   1.00 14.03 ? 165 TYR A CE2 1 
ATOM   1168 C  CZ  . TYR A 1 156 ? -22.483 -12.878 3.459   1.00 14.67 ? 165 TYR A CZ  1 
ATOM   1169 O  OH  . TYR A 1 156 ? -22.738 -12.343 2.214   1.00 15.53 ? 165 TYR A OH  1 
ATOM   1170 N  N   . GLN A 1 157 ? -20.504 -12.412 9.238   1.00 10.56 ? 166 GLN A N   1 
ATOM   1171 C  CA  . GLN A 1 157 ? -20.393 -11.014 9.625   1.00 10.59 ? 166 GLN A CA  1 
ATOM   1172 C  C   . GLN A 1 157 ? -18.934 -10.597 9.765   1.00 11.25 ? 166 GLN A C   1 
ATOM   1173 O  O   . GLN A 1 157 ? -18.566 -9.472  9.408   1.00 9.54  ? 166 GLN A O   1 
ATOM   1174 C  CB  . GLN A 1 157 ? -21.145 -10.780 10.939  1.00 12.37 ? 166 GLN A CB  1 
ATOM   1175 C  CG  . GLN A 1 157 ? -22.651 -11.060 10.856  1.00 15.30 ? 166 GLN A CG  1 
ATOM   1176 C  CD  . GLN A 1 157 ? -23.035 -12.476 11.257  1.00 13.83 ? 166 GLN A CD  1 
ATOM   1177 O  OE1 . GLN A 1 157 ? -22.368 -13.448 10.914  1.00 14.45 ? 166 GLN A OE1 1 
ATOM   1178 N  NE2 . GLN A 1 157 ? -24.146 -12.591 11.990  1.00 21.22 ? 166 GLN A NE2 1 
ATOM   1179 N  N   . ALA A 1 158 ? -18.086 -11.490 10.285  1.00 10.18 ? 167 ALA A N   1 
ATOM   1180 C  CA  . ALA A 1 158 ? -16.654 -11.210 10.299  1.00 9.44  ? 167 ALA A CA  1 
ATOM   1181 C  C   . ALA A 1 158 ? -16.117 -11.014 8.884   1.00 10.06 ? 167 ALA A C   1 
ATOM   1182 O  O   . ALA A 1 158 ? -15.314 -10.103 8.638   1.00 9.31  ? 167 ALA A O   1 
ATOM   1183 C  CB  . ALA A 1 158 ? -15.900 -12.346 10.994  1.00 10.36 ? 167 ALA A CB  1 
ATOM   1184 N  N   . GLY A 1 159 ? -16.552 -11.861 7.947   1.00 8.73  ? 168 GLY A N   1 
ATOM   1185 C  CA  . GLY A 1 159 ? -16.107 -11.729 6.570   1.00 8.06  ? 168 GLY A CA  1 
ATOM   1186 C  C   . GLY A 1 159 ? -16.468 -10.388 5.971   1.00 9.40  ? 168 GLY A C   1 
ATOM   1187 O  O   . GLY A 1 159 ? -15.683 -9.805  5.212   1.00 8.41  ? 168 GLY A O   1 
ATOM   1188 N  N   . LEU A 1 160 ? -17.650 -9.872  6.308   1.00 9.02  ? 169 LEU A N   1 
ATOM   1189 C  CA  . LEU A 1 160 ? -18.046 -8.548  5.835   1.00 9.02  ? 169 LEU A CA  1 
ATOM   1190 C  C   . LEU A 1 160 ? -17.087 -7.469  6.320   1.00 10.72 ? 169 LEU A C   1 
ATOM   1191 O  O   . LEU A 1 160 ? -16.743 -6.547  5.566   1.00 9.68  ? 169 LEU A O   1 
ATOM   1192 C  CB  . LEU A 1 160 ? -19.458 -8.232  6.313   1.00 10.12 ? 169 LEU A CB  1 
ATOM   1193 C  CG  . LEU A 1 160 ? -20.613 -9.045  5.755   1.00 12.72 ? 169 LEU A CG  1 
ATOM   1194 C  CD1 . LEU A 1 160 ? -21.891 -8.622  6.474   1.00 13.20 ? 169 LEU A CD1 1 
ATOM   1195 C  CD2 . LEU A 1 160 ? -20.761 -8.852  4.249   1.00 14.62 ? 169 LEU A CD2 1 
ATOM   1196 N  N   . LEU A 1 161 ? -16.648 -7.554  7.579   1.00 10.33 ? 170 LEU A N   1 
ATOM   1197 C  CA  . LEU A 1 161 ? -15.718 -6.553  8.102   1.00 11.06 ? 170 LEU A CA  1 
ATOM   1198 C  C   . LEU A 1 161 ? -14.336 -6.692  7.477   1.00 8.78  ? 170 LEU A C   1 
ATOM   1199 O  O   . LEU A 1 161 ? -13.659 -5.687  7.222   1.00 10.60 ? 170 LEU A O   1 
ATOM   1200 C  CB  . LEU A 1 161 ? -15.607 -6.683  9.614   1.00 12.38 ? 170 LEU A CB  1 
ATOM   1201 C  CG  . LEU A 1 161 ? -16.611 -5.909  10.437  1.00 17.23 ? 170 LEU A CG  1 
ATOM   1202 C  CD1 . LEU A 1 161 ? -16.297 -6.145  11.884  1.00 16.58 ? 170 LEU A CD1 1 
ATOM   1203 C  CD2 . LEU A 1 161 ? -16.523 -4.429  10.111  1.00 17.65 ? 170 LEU A CD2 1 
ATOM   1204 N  N   . LEU A 1 162 ? -13.882 -7.925  7.250   1.00 8.85  ? 171 LEU A N   1 
ATOM   1205 C  CA  . LEU A 1 162 ? -12.610 -8.113  6.555   1.00 7.79  ? 171 LEU A CA  1 
ATOM   1206 C  C   . LEU A 1 162 ? -12.669 -7.543  5.140   1.00 8.59  ? 171 LEU A C   1 
ATOM   1207 O  O   . LEU A 1 162 ? -11.712 -6.906  4.677   1.00 9.79  ? 171 LEU A O   1 
ATOM   1208 C  CB  . LEU A 1 162 ? -12.238 -9.595  6.540   1.00 8.49  ? 171 LEU A CB  1 
ATOM   1209 C  CG  . LEU A 1 162 ? -12.015 -10.218 7.922   1.00 8.10  ? 171 LEU A CG  1 
ATOM   1210 C  CD1 . LEU A 1 162 ? -11.778 -11.699 7.744   1.00 9.80  ? 171 LEU A CD1 1 
ATOM   1211 C  CD2 . LEU A 1 162 ? -10.842 -9.569  8.634   1.00 9.64  ? 171 LEU A CD2 1 
ATOM   1212 N  N   . LYS A 1 163 ? -13.796 -7.737  4.446   1.00 7.80  ? 172 LYS A N   1 
ATOM   1213 C  CA  . LYS A 1 163 ? -13.946 -7.171  3.108   1.00 9.74  ? 172 LYS A CA  1 
ATOM   1214 C  C   . LYS A 1 163 ? -13.961 -5.651  3.163   1.00 10.23 ? 172 LYS A C   1 
ATOM   1215 O  O   . LYS A 1 163 ? -13.332 -4.987  2.326   1.00 8.84  ? 172 LYS A O   1 
ATOM   1216 C  CB  . LYS A 1 163 ? -15.229 -7.704  2.459   1.00 10.20 ? 172 LYS A CB  1 
ATOM   1217 C  CG  . LYS A 1 163 ? -15.426 -7.242  1.000   1.00 12.78 ? 172 LYS A CG  1 
ATOM   1218 C  CD  . LYS A 1 163 ? -14.238 -7.684  0.138   1.00 17.29 ? 172 LYS A CD  1 
ATOM   1219 C  CE  . LYS A 1 163 ? -14.435 -7.372  -1.349  1.00 24.17 ? 172 LYS A CE  1 
ATOM   1220 N  NZ  . LYS A 1 163 ? -13.324 -7.952  -2.170  1.00 31.49 ? 172 LYS A NZ  1 
ATOM   1221 N  N   . SER A 1 164 ? -14.661 -5.086  4.151   1.00 9.96  ? 173 SER A N   1 
ATOM   1222 C  CA  . SER A 1 164 ? -14.672 -3.639  4.331   1.00 10.42 ? 173 SER A CA  1 
ATOM   1223 C  C   . SER A 1 164 ? -13.266 -3.093  4.534   1.00 10.68 ? 173 SER A C   1 
ATOM   1224 O  O   . SER A 1 164 ? -12.911 -2.052  3.964   1.00 11.89 ? 173 SER A O   1 
ATOM   1225 C  CB  . SER A 1 164 ? -15.552 -3.267  5.512   1.00 13.96 ? 173 SER A CB  1 
ATOM   1226 O  OG  . SER A 1 164 ? -15.573 -1.860  5.659   1.00 15.30 ? 173 SER A OG  1 
ATOM   1227 N  N   . ALA A 1 165 ? -12.440 -3.789  5.325   1.00 9.07  ? 174 ALA A N   1 
ATOM   1228 C  CA  . ALA A 1 165 ? -11.054 -3.351  5.476   1.00 9.89  ? 174 ALA A CA  1 
ATOM   1229 C  C   . ALA A 1 165 ? -10.334 -3.318  4.132   1.00 10.13 ? 174 ALA A C   1 
ATOM   1230 O  O   . ALA A 1 165 ? -9.609  -2.359  3.827   1.00 10.53 ? 174 ALA A O   1 
ATOM   1231 C  CB  . ALA A 1 165 ? -10.314 -4.249  6.471   1.00 8.93  ? 174 ALA A CB  1 
ATOM   1232 N  N   . GLN A 1 166 ? -10.520 -4.349  3.310   1.00 9.75  ? 175 GLN A N   1 
ATOM   1233 C  CA  . GLN A 1 166 ? -9.883  -4.374  1.997   1.00 11.10 ? 175 GLN A CA  1 
ATOM   1234 C  C   . GLN A 1 166 ? -10.411 -3.263  1.102   1.00 12.43 ? 175 GLN A C   1 
ATOM   1235 O  O   . GLN A 1 166 ? -9.654  -2.661  0.330   1.00 11.69 ? 175 GLN A O   1 
ATOM   1236 C  CB  . GLN A 1 166 ? -10.132 -5.721  1.329   1.00 12.00 ? 175 GLN A CB  1 
ATOM   1237 C  CG  . GLN A 1 166 ? -9.410  -6.865  1.995   1.00 12.55 ? 175 GLN A CG  1 
ATOM   1238 C  CD  . GLN A 1 166 ? -9.618  -8.165  1.261   1.00 17.58 ? 175 GLN A CD  1 
ATOM   1239 O  OE1 . GLN A 1 166 ? -8.669  -8.761  0.751   1.00 19.83 ? 175 GLN A OE1 1 
ATOM   1240 N  NE2 . GLN A 1 166 ? -10.874 -8.606  1.184   1.00 19.83 ? 175 GLN A NE2 1 
ATOM   1241 N  N   . ASP A 1 167 ? -11.716 -3.008  1.160   1.00 11.13 ? 176 ASP A N   1 
ATOM   1242 C  CA  . ASP A 1 167 ? -12.301 -1.965  0.329   1.00 12.62 ? 176 ASP A CA  1 
ATOM   1243 C  C   . ASP A 1 167 ? -11.841 -0.582  0.749   1.00 13.76 ? 176 ASP A C   1 
ATOM   1244 O  O   . ASP A 1 167 ? -12.009 0.375   -0.024  1.00 13.88 ? 176 ASP A O   1 
ATOM   1245 C  CB  . ASP A 1 167 ? -13.826 -2.023  0.395   1.00 14.78 ? 176 ASP A CB  1 
ATOM   1246 C  CG  . ASP A 1 167 ? -14.396 -3.217  -0.323  1.00 17.49 ? 176 ASP A CG  1 
ATOM   1247 O  OD1 . ASP A 1 167 ? -13.688 -3.800  -1.164  1.00 19.77 ? 176 ASP A OD1 1 
ATOM   1248 O  OD2 . ASP A 1 167 ? -15.567 -3.551  -0.047  1.00 18.05 ? 176 ASP A OD2 1 
ATOM   1249 N  N   . GLY A 1 168 ? -11.274 -0.453  1.953   1.00 10.61 ? 177 GLY A N   1 
ATOM   1250 C  CA  . GLY A 1 168 ? -10.731 0.805   2.422   1.00 11.19 ? 177 GLY A CA  1 
ATOM   1251 C  C   . GLY A 1 168 ? -9.358  1.139   1.886   1.00 9.46  ? 177 GLY A C   1 
ATOM   1252 O  O   . GLY A 1 168 ? -8.872  2.251   2.118   1.00 11.53 ? 177 GLY A O   1 
ATOM   1253 N  N   . ILE A 1 169 ? -8.719  0.208   1.181   1.00 10.15 ? 178 ILE A N   1 
ATOM   1254 C  CA  . ILE A 1 169 ? -7.463  0.517   0.505   1.00 9.52  ? 178 ILE A CA  1 
ATOM   1255 C  C   . ILE A 1 169 ? -7.733  1.537   -0.590  1.00 12.40 ? 178 ILE A C   1 
ATOM   1256 O  O   . ILE A 1 169 ? -8.619  1.343   -1.434  1.00 14.00 ? 178 ILE A O   1 
ATOM   1257 C  CB  . ILE A 1 169 ? -6.858  -0.752  -0.109  1.00 10.81 ? 178 ILE A CB  1 
ATOM   1258 C  CG1 . ILE A 1 169 ? -6.504  -1.778  0.972   1.00 11.88 ? 178 ILE A CG1 1 
ATOM   1259 C  CG2 . ILE A 1 169 ? -5.652  -0.393  -0.948  1.00 14.03 ? 178 ILE A CG2 1 
ATOM   1260 C  CD1 . ILE A 1 169 ? -6.174  -3.135  0.411   1.00 12.98 ? 178 ILE A CD1 1 
ATOM   1261 N  N   . VAL A 1 170 ? -6.959  2.619   -0.603  1.00 9.27  ? 179 VAL A N   1 
ATOM   1262 C  CA  . VAL A 1 170 ? -7.049  3.606   -1.671  1.00 8.98  ? 179 VAL A CA  1 
ATOM   1263 C  C   . VAL A 1 170 ? -5.679  3.742   -2.314  1.00 8.48  ? 179 VAL A C   1 
ATOM   1264 O  O   . VAL A 1 170 ? -4.657  3.373   -1.735  1.00 9.11  ? 179 VAL A O   1 
ATOM   1265 C  CB  . VAL A 1 170 ? -7.561  4.980   -1.192  1.00 10.32 ? 179 VAL A CB  1 
ATOM   1266 C  CG1 . VAL A 1 170 ? -8.920  4.838   -0.508  1.00 11.60 ? 179 VAL A CG1 1 
ATOM   1267 C  CG2 . VAL A 1 170 ? -6.557  5.643   -0.270  1.00 12.02 ? 179 VAL A CG2 1 
ATOM   1268 N  N   . VAL A 1 171 ? -5.660  4.260   -3.532  1.00 8.66  ? 180 VAL A N   1 
ATOM   1269 C  CA  . VAL A 1 171 ? -4.414  4.457   -4.266  1.00 9.20  ? 180 VAL A CA  1 
ATOM   1270 C  C   . VAL A 1 171 ? -4.326  5.927   -4.632  1.00 7.80  ? 180 VAL A C   1 
ATOM   1271 O  O   . VAL A 1 171 ? -5.128  6.424   -5.438  1.00 8.90  ? 180 VAL A O   1 
ATOM   1272 C  CB  . VAL A 1 171 ? -4.329  3.569   -5.512  1.00 9.79  ? 180 VAL A CB  1 
ATOM   1273 C  CG1 . VAL A 1 171 ? -3.033  3.854   -6.280  1.00 9.93  ? 180 VAL A CG1 1 
ATOM   1274 C  CG2 . VAL A 1 171 ? -4.407  2.092   -5.127  1.00 12.04 ? 180 VAL A CG2 1 
ATOM   1275 N  N   . ASP A 1 172 ? -3.365  6.624   -4.038  1.00 7.34  ? 181 ASP A N   1 
ATOM   1276 C  CA  . ASP A 1 172 ? -3.054  8.005   -4.389  1.00 7.94  ? 181 ASP A CA  1 
ATOM   1277 C  C   . ASP A 1 172 ? -2.004  7.960   -5.490  1.00 8.11  ? 181 ASP A C   1 
ATOM   1278 O  O   . ASP A 1 172 ? -0.846  7.586   -5.246  1.00 8.69  ? 181 ASP A O   1 
ATOM   1279 C  CB  . ASP A 1 172 ? -2.493  8.734   -3.169  1.00 10.01 ? 181 ASP A CB  1 
ATOM   1280 C  CG  A ASP A 1 172 ? -2.350  10.234  -3.386  0.51 15.61 ? 181 ASP A CG  1 
ATOM   1281 C  CG  B ASP A 1 172 ? -3.571  9.308   -2.274  0.49 12.87 ? 181 ASP A CG  1 
ATOM   1282 O  OD1 A ASP A 1 172 ? -2.073  10.663  -4.524  0.51 17.05 ? 181 ASP A OD1 1 
ATOM   1283 O  OD1 B ASP A 1 172 ? -4.752  8.930   -2.423  0.49 14.19 ? 181 ASP A OD1 1 
ATOM   1284 O  OD2 A ASP A 1 172 ? -2.519  10.990  -2.409  0.51 20.63 ? 181 ASP A OD2 1 
ATOM   1285 O  OD2 B ASP A 1 172 ? -3.225  10.136  -1.405  0.49 15.81 ? 181 ASP A OD2 1 
ATOM   1286 N  N   . SER A 1 173 ? -2.392  8.343   -6.697  1.00 8.23  ? 182 SER A N   1 
ATOM   1287 C  CA  . SER A 1 173 ? -1.477  8.399   -7.829  1.00 8.98  ? 182 SER A CA  1 
ATOM   1288 C  C   . SER A 1 173 ? -1.060  9.848   -8.019  1.00 12.56 ? 182 SER A C   1 
ATOM   1289 O  O   . SER A 1 173 ? -1.910  10.714  -8.260  1.00 16.52 ? 182 SER A O   1 
ATOM   1290 C  CB  . SER A 1 173 ? -2.158  7.863   -9.089  1.00 10.06 ? 182 SER A CB  1 
ATOM   1291 O  OG  . SER A 1 173 ? -2.536  6.505   -8.919  1.00 9.82  ? 182 SER A OG  1 
ATOM   1292 N  N   . GLN A 1 174 ? 0.234   10.113  -7.889  1.00 14.91 ? 183 GLN A N   1 
ATOM   1293 C  CA  . GLN A 1 174 ? 0.730   11.478  -7.965  1.00 17.80 ? 183 GLN A CA  1 
ATOM   1294 C  C   . GLN A 1 174 ? 1.908   11.555  -8.918  1.00 15.94 ? 183 GLN A C   1 
ATOM   1295 O  O   . GLN A 1 174 ? 2.721   10.631  -9.007  1.00 14.50 ? 183 GLN A O   1 
ATOM   1296 C  CB  . GLN A 1 174 ? 1.163   12.001  -6.596  1.00 19.62 ? 183 GLN A CB  1 
ATOM   1297 C  CG  . GLN A 1 174 ? 0.008   12.500  -5.742  1.00 25.68 ? 183 GLN A CG  1 
ATOM   1298 C  CD  . GLN A 1 174 ? 0.421   12.832  -4.314  1.00 32.22 ? 183 GLN A CD  1 
ATOM   1299 O  OE1 . GLN A 1 174 ? 0.136   13.920  -3.811  1.00 41.29 ? 183 GLN A OE1 1 
ATOM   1300 N  NE2 . GLN A 1 174 ? 1.075   11.887  -3.649  1.00 31.48 ? 183 GLN A NE2 1 
ATOM   1301 N  N   . SER A 1 175 ? 1.972   12.661  -9.645  1.00 17.78 ? 184 SER A N   1 
ATOM   1302 C  CA  . SER A 1 175 ? 3.157   12.964  -10.427 1.00 20.75 ? 184 SER A CA  1 
ATOM   1303 C  C   . SER A 1 175 ? 4.345   13.153  -9.496  1.00 21.14 ? 184 SER A C   1 
ATOM   1304 O  O   . SER A 1 175 ? 4.199   13.540  -8.333  1.00 21.56 ? 184 SER A O   1 
ATOM   1305 C  CB  . SER A 1 175 ? 2.906   14.231  -11.229 1.00 23.60 ? 184 SER A CB  1 
ATOM   1306 O  OG  . SER A 1 175 ? 2.596   15.261  -10.326 1.00 28.55 ? 184 SER A OG  1 
ATOM   1307 N  N   . VAL A 1 176 ? 5.529   12.844  -10.011 1.00 25.90 ? 185 VAL A N   1 
ATOM   1308 C  CA  . VAL A 1 176 ? 6.740   12.818  -9.202  1.00 26.24 ? 185 VAL A CA  1 
ATOM   1309 C  C   . VAL A 1 176 ? 7.289   14.235  -9.099  1.00 29.07 ? 185 VAL A C   1 
ATOM   1310 O  O   . VAL A 1 176 ? 7.641   14.850  -10.111 1.00 30.68 ? 185 VAL A O   1 
ATOM   1311 C  CB  . VAL A 1 176 ? 7.776   11.858  -9.799  1.00 25.78 ? 185 VAL A CB  1 
ATOM   1312 C  CG1 . VAL A 1 176 ? 8.986   11.754  -8.887  1.00 28.19 ? 185 VAL A CG1 1 
ATOM   1313 C  CG2 . VAL A 1 176 ? 7.149   10.497  -10.022 1.00 23.95 ? 185 VAL A CG2 1 
ATOM   1314 N  N   . GLN A 1 177 ? 7.352   14.753  -7.873  1.00 27.64 ? 186 GLN A N   1 
ATOM   1315 C  CA  . GLN A 1 177 ? 7.880   16.088  -7.588  1.00 30.29 ? 186 GLN A CA  1 
ATOM   1316 C  C   . GLN A 1 177 ? 8.894   15.918  -6.461  1.00 34.66 ? 186 GLN A C   1 
ATOM   1317 O  O   . GLN A 1 177 ? 8.547   15.993  -5.278  1.00 34.32 ? 186 GLN A O   1 
ATOM   1318 C  CB  . GLN A 1 177 ? 6.764   17.055  -7.207  1.00 30.97 ? 186 GLN A CB  1 
ATOM   1319 N  N   . LEU A 1 178 ? 10.145  15.678  -6.835  1.00 30.35 ? 187 LEU A N   1 
ATOM   1320 C  CA  . LEU A 1 178 ? 11.196  15.415  -5.859  1.00 33.37 ? 187 LEU A CA  1 
ATOM   1321 C  C   . LEU A 1 178 ? 11.803  16.706  -5.315  1.00 35.84 ? 187 LEU A C   1 
ATOM   1322 O  O   . LEU A 1 178 ? 11.553  17.082  -4.167  1.00 38.73 ? 187 LEU A O   1 
ATOM   1323 C  CB  . LEU A 1 178 ? 12.274  14.536  -6.484  1.00 26.75 ? 187 LEU A CB  1 
ATOM   1324 C  CG  . LEU A 1 178 ? 11.739  13.204  -7.003  1.00 29.06 ? 187 LEU A CG  1 
ATOM   1325 C  CD1 . LEU A 1 178 ? 12.852  12.378  -7.608  1.00 33.64 ? 187 LEU A CD1 1 
ATOM   1326 C  CD2 . LEU A 1 178 ? 11.036  12.437  -5.883  1.00 30.25 ? 187 LEU A CD2 1 
HETATM 1327 CL CL  . CL  B 2 .   ? -8.962  -24.579 10.393  1.00 29.80 ? 201 CL  A CL  1 
HETATM 1328 CL CL  . CL  C 2 .   ? -16.252 9.945   12.247  1.00 41.53 ? 202 CL  A CL  1 
HETATM 1329 CL CL  . CL  D 2 .   ? -0.663  7.441   14.196  1.00 52.43 ? 203 CL  A CL  1 
HETATM 1330 CL CL  . CL  E 2 .   ? -19.008 -7.898  18.514  1.00 48.60 ? 204 CL  A CL  1 
HETATM 1331 NA NA  . NA  F 3 .   ? -11.523 -13.559 0.102   1.00 13.82 ? 205 NA  A NA  1 
HETATM 1332 O  O   . HOH G 4 .   ? 17.912  15.025  -18.355 1.00 32.17 ? 301 HOH A O   1 
HETATM 1333 O  O   . HOH G 4 .   ? -16.773 -3.761  1.728   1.00 25.82 ? 302 HOH A O   1 
HETATM 1334 O  O   . HOH G 4 .   ? 6.701   -4.550  21.876  1.00 38.08 ? 303 HOH A O   1 
HETATM 1335 O  O   . HOH G 4 .   ? -11.122 -10.646 0.338   1.00 23.85 ? 304 HOH A O   1 
HETATM 1336 O  O   . HOH G 4 .   ? 25.783  4.886   -19.070 1.00 35.28 ? 305 HOH A O   1 
HETATM 1337 O  O   . HOH G 4 .   ? -14.583 -19.160 16.576  1.00 13.82 ? 306 HOH A O   1 
HETATM 1338 O  O   . HOH G 4 .   ? 6.248   2.309   21.166  1.00 26.60 ? 307 HOH A O   1 
HETATM 1339 O  O   . HOH G 4 .   ? -11.025 -11.901 19.778  1.00 29.15 ? 308 HOH A O   1 
HETATM 1340 O  O   . HOH G 4 .   ? 2.564   10.559  -22.533 1.00 22.33 ? 309 HOH A O   1 
HETATM 1341 O  O   . HOH G 4 .   ? 6.013   10.061  -0.260  1.00 25.14 ? 310 HOH A O   1 
HETATM 1342 O  O   . HOH G 4 .   ? 8.845   14.822  -22.792 1.00 34.30 ? 311 HOH A O   1 
HETATM 1343 O  O   . HOH G 4 .   ? -13.603 -0.511  6.952   1.00 15.12 ? 312 HOH A O   1 
HETATM 1344 O  O   . HOH G 4 .   ? -1.980  13.417  -2.128  1.00 36.89 ? 313 HOH A O   1 
HETATM 1345 O  O   . HOH G 4 .   ? 2.539   -4.844  20.631  1.00 36.68 ? 314 HOH A O   1 
HETATM 1346 O  O   . HOH G 4 .   ? -6.746  8.207   -3.785  1.00 10.67 ? 315 HOH A O   1 
HETATM 1347 O  O   . HOH G 4 .   ? 7.988   -6.272  16.071  1.00 30.87 ? 316 HOH A O   1 
HETATM 1348 O  O   . HOH G 4 .   ? 1.917   8.208   -23.841 1.00 23.82 ? 317 HOH A O   1 
HETATM 1349 O  O   . HOH G 4 .   ? 7.066   9.906   -3.056  1.00 16.55 ? 318 HOH A O   1 
HETATM 1350 O  O   . HOH G 4 .   ? 3.567   -12.054 11.177  1.00 30.72 ? 319 HOH A O   1 
HETATM 1351 O  O   . HOH G 4 .   ? -2.626  -4.796  -1.021  1.00 30.07 ? 320 HOH A O   1 
HETATM 1352 O  O   . HOH G 4 .   ? 17.104  10.728  -21.714 1.00 25.41 ? 321 HOH A O   1 
HETATM 1353 O  O   . HOH G 4 .   ? 8.148   11.175  5.928   1.00 29.93 ? 322 HOH A O   1 
HETATM 1354 O  O   . HOH G 4 .   ? -3.738  10.872  6.799   1.00 14.83 ? 323 HOH A O   1 
HETATM 1355 O  O   . HOH G 4 .   ? 3.173   4.704   -26.053 1.00 27.11 ? 324 HOH A O   1 
HETATM 1356 O  O   . HOH G 4 .   ? -6.387  -21.695 1.250   1.00 26.04 ? 325 HOH A O   1 
HETATM 1357 O  O   . HOH G 4 .   ? 4.223   13.954  -22.994 1.00 31.53 ? 326 HOH A O   1 
HETATM 1358 O  O   . HOH G 4 .   ? 23.168  3.660   -19.915 1.00 28.41 ? 327 HOH A O   1 
HETATM 1359 O  O   . HOH G 4 .   ? 13.914  16.684  -18.734 1.00 29.92 ? 328 HOH A O   1 
HETATM 1360 O  O   . HOH G 4 .   ? -0.684  -2.524  20.952  1.00 37.08 ? 329 HOH A O   1 
HETATM 1361 O  O   . HOH G 4 .   ? -9.922  8.774   1.148   1.00 26.14 ? 330 HOH A O   1 
HETATM 1362 O  O   . HOH G 4 .   ? 3.400   4.341   -0.643  1.00 22.02 ? 331 HOH A O   1 
HETATM 1363 O  O   . HOH G 4 .   ? -16.690 8.575   8.419   1.00 29.14 ? 332 HOH A O   1 
HETATM 1364 O  O   . HOH G 4 .   ? 1.391   14.250  3.127   1.00 35.51 ? 333 HOH A O   1 
HETATM 1365 O  O   . HOH G 4 .   ? 1.740   -12.582 8.715   1.00 20.89 ? 334 HOH A O   1 
HETATM 1366 O  O   . HOH G 4 .   ? 3.173   1.867   18.354  1.00 25.61 ? 335 HOH A O   1 
HETATM 1367 O  O   . HOH G 4 .   ? 21.006  2.309   -8.414  1.00 21.52 ? 336 HOH A O   1 
HETATM 1368 O  O   . HOH G 4 .   ? -10.306 4.384   2.806   1.00 13.35 ? 337 HOH A O   1 
HETATM 1369 O  O   . HOH G 4 .   ? 21.102  15.051  -11.905 1.00 33.04 ? 338 HOH A O   1 
HETATM 1370 O  O   . HOH G 4 .   ? 1.603   10.966  12.760  1.00 30.05 ? 339 HOH A O   1 
HETATM 1371 O  O   . HOH G 4 .   ? 6.486   13.177  -5.598  1.00 30.82 ? 340 HOH A O   1 
HETATM 1372 O  O   . HOH G 4 .   ? 23.810  14.370  -16.740 1.00 37.71 ? 341 HOH A O   1 
HETATM 1373 O  O   . HOH G 4 .   ? 13.970  11.574  -3.011  1.00 33.10 ? 342 HOH A O   1 
HETATM 1374 O  O   . HOH G 4 .   ? -12.689 0.240   -2.622  1.00 26.10 ? 343 HOH A O   1 
HETATM 1375 O  O   . HOH G 4 .   ? -6.507  -4.611  15.376  1.00 21.85 ? 344 HOH A O   1 
HETATM 1376 O  O   . HOH G 4 .   ? -6.522  12.106  8.564   1.00 24.63 ? 345 HOH A O   1 
HETATM 1377 O  O   . HOH G 4 .   ? 1.300   9.299   -4.418  1.00 21.26 ? 346 HOH A O   1 
HETATM 1378 O  O   . HOH G 4 .   ? 5.616   -6.833  3.932   1.00 24.43 ? 347 HOH A O   1 
HETATM 1379 O  O   . HOH G 4 .   ? 5.204   -2.425  0.747   1.00 15.61 ? 348 HOH A O   1 
HETATM 1380 O  O   . HOH G 4 .   ? 5.708   -1.437  9.539   1.00 17.43 ? 349 HOH A O   1 
HETATM 1381 O  O   . HOH G 4 .   ? 10.976  6.222   15.441  1.00 21.21 ? 350 HOH A O   1 
HETATM 1382 O  O   . HOH G 4 .   ? 9.594   0.343   8.455   1.00 27.49 ? 351 HOH A O   1 
HETATM 1383 O  O   . HOH G 4 .   ? 0.677   10.688  16.670  1.00 30.92 ? 352 HOH A O   1 
HETATM 1384 O  O   . HOH G 4 .   ? -5.206  6.058   -8.489  1.00 9.94  ? 353 HOH A O   1 
HETATM 1385 O  O   . HOH G 4 .   ? 12.891  7.727   5.432   1.00 28.54 ? 354 HOH A O   1 
HETATM 1386 O  O   . HOH G 4 .   ? -6.617  -29.525 2.023   1.00 35.67 ? 355 HOH A O   1 
HETATM 1387 O  O   . HOH G 4 .   ? -9.266  -0.194  5.568   1.00 13.07 ? 356 HOH A O   1 
HETATM 1388 O  O   . HOH G 4 .   ? 6.971   -1.618  -4.112  1.00 23.24 ? 357 HOH A O   1 
HETATM 1389 O  O   . HOH G 4 .   ? 8.330   7.237   -24.857 1.00 21.19 ? 358 HOH A O   1 
HETATM 1390 O  O   . HOH G 4 .   ? -18.064 -5.728  3.285   1.00 19.39 ? 359 HOH A O   1 
HETATM 1391 O  O   . HOH G 4 .   ? 3.024   8.624   -16.222 1.00 16.55 ? 360 HOH A O   1 
HETATM 1392 O  O   . HOH G 4 .   ? 9.657   11.416  -16.303 1.00 18.81 ? 361 HOH A O   1 
HETATM 1393 O  O   . HOH G 4 .   ? 5.441   10.381  6.819   1.00 29.46 ? 362 HOH A O   1 
HETATM 1394 O  O   . HOH G 4 .   ? -16.486 -19.480 18.182  1.00 17.73 ? 363 HOH A O   1 
HETATM 1395 O  O   . HOH G 4 .   ? 18.987  13.546  -16.225 1.00 25.11 ? 364 HOH A O   1 
HETATM 1396 O  O   . HOH G 4 .   ? 3.683   10.239  -5.068  1.00 26.61 ? 365 HOH A O   1 
HETATM 1397 O  O   . HOH G 4 .   ? -8.485  -9.312  19.801  1.00 26.73 ? 366 HOH A O   1 
HETATM 1398 O  O   . HOH G 4 .   ? -17.884 -10.515 2.647   1.00 14.63 ? 367 HOH A O   1 
HETATM 1399 O  O   . HOH G 4 .   ? 3.021   10.656  -28.432 1.00 20.62 ? 368 HOH A O   1 
HETATM 1400 O  O   . HOH G 4 .   ? -9.382  12.112  1.811   1.00 22.27 ? 369 HOH A O   1 
HETATM 1401 O  O   . HOH G 4 .   ? -17.026 -5.531  -1.361  1.00 29.01 ? 370 HOH A O   1 
HETATM 1402 O  O   . HOH G 4 .   ? 2.226   2.262   -19.539 1.00 25.65 ? 371 HOH A O   1 
HETATM 1403 O  O   . HOH G 4 .   ? 8.712   8.544   6.712   1.00 16.43 ? 372 HOH A O   1 
HETATM 1404 O  O   . HOH G 4 .   ? -2.452  -0.066  18.771  1.00 29.73 ? 373 HOH A O   1 
HETATM 1405 O  O   . HOH G 4 .   ? -2.113  -16.301 14.834  1.00 17.24 ? 374 HOH A O   1 
HETATM 1406 O  O   . HOH G 4 .   ? 4.966   12.222  -29.721 1.00 27.55 ? 375 HOH A O   1 
HETATM 1407 O  O   . HOH G 4 .   ? -6.082  -7.684  1.062   1.00 23.24 ? 376 HOH A O   1 
HETATM 1408 O  O   . HOH G 4 .   ? -11.524 -5.474  -1.743  1.00 31.51 ? 377 HOH A O   1 
HETATM 1409 O  O   . HOH G 4 .   ? 8.590   -2.694  14.702  1.00 29.48 ? 378 HOH A O   1 
HETATM 1410 O  O   . HOH G 4 .   ? -0.576  -14.247 15.801  1.00 21.45 ? 379 HOH A O   1 
HETATM 1411 O  O   . HOH G 4 .   ? 3.207   10.055  1.044   1.00 23.46 ? 380 HOH A O   1 
HETATM 1412 O  O   . HOH G 4 .   ? -19.072 -12.351 4.469   1.00 14.34 ? 381 HOH A O   1 
HETATM 1413 O  O   . HOH G 4 .   ? -15.159 -1.564  12.280  1.00 24.44 ? 382 HOH A O   1 
HETATM 1414 O  O   . HOH G 4 .   ? -1.351  5.440   -12.375 1.00 17.17 ? 383 HOH A O   1 
HETATM 1415 O  O   . HOH G 4 .   ? 3.103   3.999   -21.986 1.00 22.83 ? 384 HOH A O   1 
HETATM 1416 O  O   . HOH G 4 .   ? -3.594  -10.871 17.866  1.00 27.39 ? 385 HOH A O   1 
HETATM 1417 O  O   . HOH G 4 .   ? -10.650 6.448   8.748   1.00 13.38 ? 386 HOH A O   1 
HETATM 1418 O  O   . HOH G 4 .   ? 7.974   5.660   -28.133 1.00 30.10 ? 387 HOH A O   1 
HETATM 1419 O  O   . HOH G 4 .   ? -12.118 3.562   4.876   1.00 12.07 ? 388 HOH A O   1 
HETATM 1420 O  O   . HOH G 4 .   ? -20.145 -7.107  9.749   1.00 17.47 ? 389 HOH A O   1 
HETATM 1421 O  O   . HOH G 4 .   ? 1.299   -6.307  18.459  1.00 28.04 ? 390 HOH A O   1 
HETATM 1422 O  O   . HOH G 4 .   ? 16.384  6.597   -9.932  1.00 21.77 ? 391 HOH A O   1 
HETATM 1423 O  O   . HOH G 4 .   ? -6.253  -0.810  18.265  1.00 33.14 ? 392 HOH A O   1 
HETATM 1424 O  O   . HOH G 4 .   ? 11.184  17.390  -1.332  1.00 42.21 ? 393 HOH A O   1 
HETATM 1425 O  O   . HOH G 4 .   ? 0.953   0.792   -4.928  1.00 17.57 ? 394 HOH A O   1 
HETATM 1426 O  O   . HOH G 4 .   ? -1.414  -6.477  0.985   1.00 19.55 ? 395 HOH A O   1 
HETATM 1427 O  O   . HOH G 4 .   ? -13.122 -20.972 14.672  1.00 26.60 ? 396 HOH A O   1 
HETATM 1428 O  O   . HOH G 4 .   ? 17.962  2.250   -25.223 1.00 29.64 ? 397 HOH A O   1 
HETATM 1429 O  O   . HOH G 4 .   ? -9.731  -1.441  -2.293  1.00 22.42 ? 398 HOH A O   1 
HETATM 1430 O  O   . HOH G 4 .   ? -13.753 0.444   11.303  1.00 20.86 ? 399 HOH A O   1 
HETATM 1431 O  O   . HOH G 4 .   ? -8.558  -11.032 -1.061  1.00 28.18 ? 400 HOH A O   1 
HETATM 1432 O  O   . HOH G 4 .   ? -8.438  -13.873 -0.453  1.00 24.81 ? 401 HOH A O   1 
HETATM 1433 O  O   . HOH G 4 .   ? -6.063  -11.964 19.181  1.00 23.60 ? 402 HOH A O   1 
HETATM 1434 O  O   . HOH G 4 .   ? -4.751  -11.825 0.510   1.00 22.69 ? 403 HOH A O   1 
HETATM 1435 O  O   . HOH G 4 .   ? -14.354 0.135   2.651   1.00 17.14 ? 404 HOH A O   1 
HETATM 1436 O  O   . HOH G 4 .   ? -9.893  7.343   14.865  1.00 29.39 ? 405 HOH A O   1 
HETATM 1437 O  O   . HOH G 4 .   ? 5.997   13.325  -12.872 1.00 29.82 ? 406 HOH A O   1 
HETATM 1438 O  O   . HOH G 4 .   ? 0.862   0.932   -14.343 1.00 22.21 ? 407 HOH A O   1 
HETATM 1439 O  O   . HOH G 4 .   ? 7.427   -2.173  2.464   1.00 28.11 ? 408 HOH A O   1 
HETATM 1440 O  O   . HOH G 4 .   ? 7.515   12.485  -15.070 1.00 21.62 ? 409 HOH A O   1 
HETATM 1441 O  O   . HOH G 4 .   ? -18.428 -20.740 16.913  1.00 25.04 ? 410 HOH A O   1 
HETATM 1442 O  O   . HOH G 4 .   ? -10.973 -9.371  19.299  1.00 20.65 ? 411 HOH A O   1 
HETATM 1443 O  O   . HOH G 4 .   ? 5.412   1.016   -21.147 1.00 26.49 ? 412 HOH A O   1 
HETATM 1444 O  O   . HOH G 4 .   ? -25.297 -10.383 13.627  1.00 27.67 ? 413 HOH A O   1 
HETATM 1445 O  O   . HOH G 4 .   ? -0.056  -4.580  -3.282  1.00 32.74 ? 414 HOH A O   1 
HETATM 1446 O  O   . HOH G 4 .   ? 7.993   -1.445  7.634   1.00 26.16 ? 415 HOH A O   1 
HETATM 1447 O  O   . HOH G 4 .   ? 6.682   13.780  -22.793 1.00 32.81 ? 416 HOH A O   1 
HETATM 1448 O  O   . HOH G 4 .   ? -6.165  -23.708 2.929   1.00 20.75 ? 417 HOH A O   1 
HETATM 1449 O  O   . HOH G 4 .   ? -21.812 -16.591 20.770  1.00 28.28 ? 418 HOH A O   1 
HETATM 1450 O  O   . HOH G 4 .   ? 4.915   11.653  -21.556 1.00 28.29 ? 419 HOH A O   1 
HETATM 1451 O  O   . HOH G 4 .   ? 3.252   11.621  11.138  1.00 27.09 ? 420 HOH A O   1 
HETATM 1452 O  O   . HOH G 4 .   ? 6.379   -0.751  -1.492  1.00 17.67 ? 421 HOH A O   1 
HETATM 1453 O  O   . HOH G 4 .   ? 4.241   -9.815  14.108  1.00 33.77 ? 422 HOH A O   1 
HETATM 1454 O  O   . HOH G 4 .   ? 17.727  19.593  -11.520 1.00 35.31 ? 423 HOH A O   1 
HETATM 1455 O  O   . HOH G 4 .   ? 3.291   9.524   18.800  1.00 25.17 ? 424 HOH A O   1 
HETATM 1456 O  O   . HOH G 4 .   ? -7.868  -2.401  17.967  1.00 32.54 ? 425 HOH A O   1 
HETATM 1457 O  O   . HOH G 4 .   ? 6.907   -7.717  12.175  1.00 29.22 ? 426 HOH A O   1 
HETATM 1458 O  O   . HOH G 4 .   ? -17.563 -9.812  -1.971  1.00 11.54 ? 427 HOH A O   1 
HETATM 1459 O  O   . HOH G 4 .   ? 6.137   3.411   19.047  1.00 25.74 ? 428 HOH A O   1 
HETATM 1460 O  O   . HOH G 4 .   ? 18.219  10.861  -5.703  1.00 31.09 ? 429 HOH A O   1 
HETATM 1461 O  O   . HOH G 4 .   ? 3.770   2.690   20.948  1.00 29.80 ? 430 HOH A O   1 
HETATM 1462 O  O   . HOH G 4 .   ? 16.701  10.877  -2.713  1.00 35.70 ? 431 HOH A O   1 
HETATM 1463 O  O   . HOH G 4 .   ? -11.468 -24.727 11.373  1.00 25.62 ? 432 HOH A O   1 
HETATM 1464 O  O   . HOH G 4 .   ? 8.803   3.005   18.112  1.00 23.62 ? 433 HOH A O   1 
HETATM 1465 O  O   . HOH G 4 .   ? 10.598  1.768   -24.596 1.00 32.50 ? 434 HOH A O   1 
HETATM 1466 O  O   . HOH G 4 .   ? 15.271  8.115   -35.016 1.00 35.78 ? 435 HOH A O   1 
HETATM 1467 O  O   . HOH G 4 .   ? 22.749  9.952   -6.615  1.00 34.74 ? 436 HOH A O   1 
HETATM 1468 O  O   . HOH G 4 .   ? 3.057   4.725   17.175  1.00 19.52 ? 437 HOH A O   1 
HETATM 1469 O  O   . HOH G 4 .   ? 0.578   -15.486 6.957   1.00 37.32 ? 438 HOH A O   1 
HETATM 1470 O  O   . HOH G 4 .   ? 9.009   1.812   13.067  1.00 25.13 ? 439 HOH A O   1 
HETATM 1471 O  O   . HOH G 4 .   ? 11.195  8.578   7.975   1.00 29.96 ? 440 HOH A O   1 
HETATM 1472 O  O   . HOH G 4 .   ? -10.975 1.801   17.209  1.00 30.27 ? 441 HOH A O   1 
HETATM 1473 O  O   . HOH G 4 .   ? -7.289  7.246   15.815  1.00 36.24 ? 442 HOH A O   1 
HETATM 1474 O  O   . HOH G 4 .   ? 4.468   -3.359  -5.914  1.00 25.04 ? 443 HOH A O   1 
HETATM 1475 O  O   . HOH G 4 .   ? -12.200 3.539   0.543   1.00 14.75 ? 444 HOH A O   1 
HETATM 1476 O  O   . HOH G 4 .   ? -0.399  3.959   16.815  1.00 18.91 ? 445 HOH A O   1 
HETATM 1477 O  O   . HOH G 4 .   ? 1.881   -14.104 2.632   1.00 26.22 ? 446 HOH A O   1 
HETATM 1478 O  O   . HOH G 4 .   ? 0.628   0.302   18.464  1.00 26.86 ? 447 HOH A O   1 
HETATM 1479 O  O   . HOH G 4 .   ? 13.102  13.794  -0.850  1.00 34.84 ? 448 HOH A O   1 
HETATM 1480 O  O   . HOH G 4 .   ? -23.752 -17.235 16.841  1.00 36.71 ? 449 HOH A O   1 
HETATM 1481 O  O   . HOH G 4 .   ? 20.114  1.237   -23.018 1.00 20.28 ? 450 HOH A O   1 
HETATM 1482 O  O   . HOH G 4 .   ? -4.183  6.491   13.392  1.00 30.45 ? 451 HOH A O   1 
HETATM 1483 O  O   . HOH G 4 .   ? -0.731  -0.100  -6.825  1.00 33.27 ? 452 HOH A O   1 
HETATM 1484 O  O   . HOH G 4 .   ? -0.311  17.842  4.951   1.00 36.10 ? 453 HOH A O   1 
HETATM 1485 O  O   . HOH G 4 .   ? -7.999  14.846  1.537   1.00 18.62 ? 454 HOH A O   1 
HETATM 1486 O  O   . HOH G 4 .   ? 19.189  11.344  -26.005 1.00 37.82 ? 455 HOH A O   1 
HETATM 1487 O  O   . HOH G 4 .   ? 10.989  15.704  -10.110 1.00 33.03 ? 456 HOH A O   1 
HETATM 1488 O  O   . HOH G 4 .   ? 4.355   -7.708  14.987  1.00 33.79 ? 457 HOH A O   1 
HETATM 1489 O  O   . HOH G 4 .   ? 13.945  13.607  1.369   1.00 38.27 ? 458 HOH A O   1 
HETATM 1490 O  O   . HOH G 4 .   ? 8.452   2.219   20.787  1.00 35.11 ? 459 HOH A O   1 
HETATM 1491 O  O   . HOH G 4 .   ? 4.797   4.589   -27.315 1.00 28.65 ? 460 HOH A O   1 
HETATM 1492 O  O   . HOH G 4 .   ? 3.414   12.643  4.055   1.00 20.75 ? 461 HOH A O   1 
HETATM 1493 O  O   . HOH G 4 .   ? 5.889   1.478   23.457  1.00 37.62 ? 462 HOH A O   1 
HETATM 1494 O  O   . HOH G 4 .   ? 6.544   -7.455  7.743   1.00 32.93 ? 463 HOH A O   1 
HETATM 1495 O  O   . HOH G 4 .   ? 20.138  14.388  -22.575 1.00 37.07 ? 464 HOH A O   1 
HETATM 1496 O  O   . HOH G 4 .   ? -11.620 0.992   5.910   1.00 14.80 ? 465 HOH A O   1 
HETATM 1497 O  O   . HOH G 4 .   ? 13.415  21.789  -11.559 1.00 34.68 ? 466 HOH A O   1 
HETATM 1498 O  O   . HOH G 4 .   ? -5.412  14.557  8.292   1.00 31.12 ? 467 HOH A O   1 
HETATM 1499 O  O   . HOH G 4 .   ? -19.945 -4.718  4.729   1.00 30.92 ? 468 HOH A O   1 
HETATM 1500 O  O   . HOH G 4 .   ? 13.289  -1.789  5.823   1.00 38.78 ? 469 HOH A O   1 
HETATM 1501 O  O   . HOH G 4 .   ? 13.015  6.415   13.428  1.00 33.84 ? 470 HOH A O   1 
HETATM 1502 O  O   . HOH G 4 .   ? 9.580   -3.372  5.527   1.00 36.10 ? 471 HOH A O   1 
HETATM 1503 O  O   . HOH G 4 .   ? -1.668  -7.122  19.321  1.00 29.99 ? 472 HOH A O   1 
HETATM 1504 O  O   . HOH G 4 .   ? -2.222  1.388   -9.036  1.00 33.13 ? 473 HOH A O   1 
HETATM 1505 O  O   . HOH G 4 .   ? -12.202 3.590   14.340  1.00 28.78 ? 474 HOH A O   1 
HETATM 1506 O  O   . HOH G 4 .   ? -6.783  -25.469 8.837   1.00 33.19 ? 475 HOH A O   1 
HETATM 1507 O  O   . HOH G 4 .   ? -13.812 2.751   2.721   1.00 14.46 ? 476 HOH A O   1 
HETATM 1508 O  O   . HOH G 4 .   ? 1.953   14.753  -23.245 1.00 23.74 ? 477 HOH A O   1 
HETATM 1509 O  O   . HOH G 4 .   ? 6.963   13.852  -20.508 1.00 32.31 ? 478 HOH A O   1 
HETATM 1510 O  O   . HOH G 4 .   ? -2.246  -8.426  -0.608  1.00 29.32 ? 479 HOH A O   1 
HETATM 1511 O  O   . HOH G 4 .   ? -10.222 -1.359  17.906  1.00 33.71 ? 480 HOH A O   1 
HETATM 1512 O  O   . HOH G 4 .   ? -8.474  2.784   -6.219  1.00 27.66 ? 481 HOH A O   1 
HETATM 1513 O  O   . HOH G 4 .   ? 5.404   12.489  12.630  1.00 28.23 ? 482 HOH A O   1 
HETATM 1514 O  O   . HOH G 4 .   ? -18.966 -8.160  1.507   1.00 24.06 ? 483 HOH A O   1 
HETATM 1515 O  O   . HOH G 4 .   ? -19.435 -2.232  -1.298  1.00 24.98 ? 484 HOH A O   1 
HETATM 1516 O  O   . HOH G 4 .   ? 25.311  13.936  -11.336 1.00 40.00 ? 485 HOH A O   1 
HETATM 1517 O  O   . HOH G 4 .   ? 4.271   -11.684 9.210   1.00 31.66 ? 486 HOH A O   1 
HETATM 1518 O  O   . HOH G 4 .   ? 0.971   9.747   19.165  1.00 32.91 ? 487 HOH A O   1 
HETATM 1519 O  O   . HOH G 4 .   ? 5.388   -9.174  8.262   1.00 34.17 ? 488 HOH A O   1 
HETATM 1520 O  O   . HOH G 4 .   ? -24.911 -10.656 7.731   1.00 25.74 ? 489 HOH A O   1 
HETATM 1521 O  O   . HOH G 4 .   ? 24.855  9.571   -19.293 1.00 38.95 ? 490 HOH A O   1 
HETATM 1522 O  O   . HOH G 4 .   ? -1.155  -8.061  -3.451  0.50 29.86 ? 491 HOH A O   1 
HETATM 1523 O  O   . HOH G 4 .   ? -22.992 -7.503  9.786   1.00 30.32 ? 492 HOH A O   1 
HETATM 1524 O  O   . HOH G 4 .   ? 12.170  -4.924  6.346   1.00 40.82 ? 493 HOH A O   1 
# 
loop_
_pdbx_poly_seq_scheme.asym_id 
_pdbx_poly_seq_scheme.entity_id 
_pdbx_poly_seq_scheme.seq_id 
_pdbx_poly_seq_scheme.mon_id 
_pdbx_poly_seq_scheme.ndb_seq_num 
_pdbx_poly_seq_scheme.pdb_seq_num 
_pdbx_poly_seq_scheme.auth_seq_num 
_pdbx_poly_seq_scheme.pdb_mon_id 
_pdbx_poly_seq_scheme.auth_mon_id 
_pdbx_poly_seq_scheme.pdb_strand_id 
_pdbx_poly_seq_scheme.pdb_ins_code 
_pdbx_poly_seq_scheme.hetero 
A 1 1   MET 1   10  ?   ?   ?   A . n 
A 1 2   ALA 2   11  ?   ?   ?   A . n 
A 1 3   ALA 3   12  ?   ?   ?   A . n 
A 1 4   THR 4   13  ?   ?   ?   A . n 
A 1 5   ASN 5   14  ?   ?   ?   A . n 
A 1 6   MET 6   15  ?   ?   ?   A . n 
A 1 7   THR 7   16  ?   ?   ?   A . n 
A 1 8   ASP 8   17  ?   ?   ?   A . n 
A 1 9   ASN 9   18  18  ASN ASN A . n 
A 1 10  VAL 10  19  19  VAL VAL A . n 
A 1 11  THR 11  20  20  THR THR A . n 
A 1 12  LEU 12  21  21  LEU LEU A . n 
A 1 13  ASN 13  22  22  ASN ASN A . n 
A 1 14  ASN 14  23  23  ASN ASN A . n 
A 1 15  ASP 15  24  24  ASP ASP A . n 
A 1 16  LYS 16  25  25  LYS LYS A . n 
A 1 17  ILE 17  26  26  ILE ILE A . n 
A 1 18  SER 18  27  27  SER SER A . n 
A 1 19  GLY 19  28  28  GLY GLY A . n 
A 1 20  GLN 20  29  29  GLN GLN A . n 
A 1 21  ALA 21  30  30  ALA ALA A . n 
A 1 22  TRP 22  31  31  TRP TRP A . n 
A 1 23  GLN 23  32  32  GLN GLN A . n 
A 1 24  ALA 24  33  33  ALA ALA A . n 
A 1 25  MET 25  34  34  MET MET A . n 
A 1 26  ARG 26  35  35  ARG ARG A . n 
A 1 27  ASP 27  36  36  ASP ASP A . n 
A 1 28  ILE 28  37  37  ILE ILE A . n 
A 1 29  GLY 29  38  38  GLY GLY A . n 
A 1 30  MET 30  39  39  MET MET A . n 
A 1 31  SER 31  40  40  SER SER A . n 
A 1 32  ARG 32  41  41  ARG ARG A . n 
A 1 33  PHE 33  42  42  PHE PHE A . n 
A 1 34  GLU 34  43  43  GLU GLU A . n 
A 1 35  LEU 35  44  44  LEU LEU A . n 
A 1 36  PHE 36  45  45  PHE PHE A . n 
A 1 37  ASN 37  46  46  ASN ASN A . n 
A 1 38  GLY 38  47  47  GLY GLY A . n 
A 1 39  ARG 39  48  48  ARG ARG A . n 
A 1 40  THR 40  49  49  THR THR A . n 
A 1 41  GLN 41  50  50  GLN GLN A . n 
A 1 42  LYS 42  51  51  LYS LYS A . n 
A 1 43  ALA 43  52  52  ALA ALA A . n 
A 1 44  GLU 44  53  53  GLU GLU A . n 
A 1 45  GLN 45  54  54  GLN GLN A . n 
A 1 46  LEU 46  55  55  LEU LEU A . n 
A 1 47  ALA 47  56  56  ALA ALA A . n 
A 1 48  ALA 48  57  57  ALA ALA A . n 
A 1 49  GLN 49  58  58  GLN GLN A . n 
A 1 50  ALA 50  59  59  ALA ALA A . n 
A 1 51  GLU 51  60  60  GLU GLU A . n 
A 1 52  LYS 52  61  61  LYS LYS A . n 
A 1 53  LEU 53  62  62  LEU LEU A . n 
A 1 54  LEU 54  63  63  LEU LEU A . n 
A 1 55  ASN 55  64  64  ASN ASN A . n 
A 1 56  ASP 56  65  65  ASP ASP A . n 
A 1 57  ASP 57  66  66  ASP ASP A . n 
A 1 58  SER 58  67  67  SER SER A . n 
A 1 59  THR 59  68  68  THR THR A . n 
A 1 60  ASP 60  69  69  ASP ASP A . n 
A 1 61  TRP 61  70  70  TRP TRP A . n 
A 1 62  ASN 62  71  71  ASN ASN A . n 
A 1 63  LEU 63  72  72  LEU LEU A . n 
A 1 64  TYR 64  73  73  TYR TYR A . n 
A 1 65  VAL 65  74  74  VAL VAL A . n 
A 1 66  LYS 66  75  75  LYS LYS A . n 
A 1 67  SER 67  76  76  SER SER A . n 
A 1 68  ASP 68  77  77  ASP ASP A . n 
A 1 69  LYS 69  78  78  LYS LYS A . n 
A 1 70  LYS 70  79  79  LYS LYS A . n 
A 1 71  ALA 71  80  80  ALA ALA A . n 
A 1 72  PRO 72  81  81  PRO PRO A . n 
A 1 73  VAL 73  82  82  VAL VAL A . n 
A 1 74  GLU 74  83  83  GLU GLU A . n 
A 1 75  GLY 75  84  84  GLY GLY A . n 
A 1 76  ASP 76  85  85  ASP ASP A . n 
A 1 77  HIS 77  86  86  HIS HIS A . n 
A 1 78  TYR 78  87  87  TYR TYR A . n 
A 1 79  ILE 79  88  88  ILE ILE A . n 
A 1 80  ARG 80  89  89  ARG ARG A . n 
A 1 81  ILE 81  90  90  ILE ILE A . n 
A 1 82  ASN 82  91  91  ASN ASN A . n 
A 1 83  SER 83  92  92  SER SER A . n 
A 1 84  SER 84  93  93  SER SER A . n 
A 1 85  ILE 85  94  94  ILE ILE A . n 
A 1 86  THR 86  95  95  THR THR A . n 
A 1 87  VAL 87  96  96  VAL VAL A . n 
A 1 88  ALA 88  97  97  ALA ALA A . n 
A 1 89  GLU 89  98  98  GLU GLU A . n 
A 1 90  ASP 90  99  99  ASP ASP A . n 
A 1 91  TYR 91  100 100 TYR TYR A . n 
A 1 92  LEU 92  101 101 LEU LEU A . n 
A 1 93  PRO 93  102 102 PRO PRO A . n 
A 1 94  ALA 94  103 103 ALA ALA A . n 
A 1 95  GLY 95  104 104 GLY GLY A . n 
A 1 96  GLN 96  105 105 GLN GLN A . n 
A 1 97  LYS 97  106 106 LYS LYS A . n 
A 1 98  ASN 98  107 107 ASN ASN A . n 
A 1 99  ASP 99  108 108 ASP ASP A . n 
A 1 100 ALA 100 109 109 ALA ALA A . n 
A 1 101 ILE 101 110 110 ILE ILE A . n 
A 1 102 ASN 102 111 111 ASN ASN A . n 
A 1 103 LYS 103 112 112 LYS LYS A . n 
A 1 104 ALA 104 113 113 ALA ALA A . n 
A 1 105 ASN 105 114 114 ASN ASN A . n 
A 1 106 GLN 106 115 115 GLN GLN A . n 
A 1 107 LYS 107 116 116 LYS LYS A . n 
A 1 108 MET 108 117 117 MET MET A . n 
A 1 109 LYS 109 118 118 LYS LYS A . n 
A 1 110 GLU 110 119 119 GLU GLU A . n 
A 1 111 GLY 111 120 120 GLY GLY A . n 
A 1 112 ASP 112 121 121 ASP ASP A . n 
A 1 113 LYS 113 122 122 LYS LYS A . n 
A 1 114 LYS 114 123 123 LYS LYS A . n 
A 1 115 GLY 115 124 124 GLY GLY A . n 
A 1 116 THR 116 125 125 THR THR A . n 
A 1 117 ILE 117 126 126 ILE ILE A . n 
A 1 118 GLU 118 127 127 GLU GLU A . n 
A 1 119 ALA 119 128 128 ALA ALA A . n 
A 1 120 LEU 120 129 129 LEU LEU A . n 
A 1 121 LYS 121 130 130 LYS LYS A . n 
A 1 122 LEU 122 131 131 LEU LEU A . n 
A 1 123 ALA 123 132 132 ALA ALA A . n 
A 1 124 GLY 124 133 133 GLY GLY A . n 
A 1 125 VAL 125 134 134 VAL VAL A . n 
A 1 126 SER 126 135 135 SER SER A . n 
A 1 127 VAL 127 136 136 VAL VAL A . n 
A 1 128 ILE 128 137 137 ILE ILE A . n 
A 1 129 GLU 129 138 138 GLU GLU A . n 
A 1 130 ASN 130 139 139 ASN ASN A . n 
A 1 131 GLN 131 140 140 GLN GLN A . n 
A 1 132 GLU 132 141 141 GLU GLU A . n 
A 1 133 LEU 133 142 142 LEU LEU A . n 
A 1 134 ILE 134 143 143 ILE ILE A . n 
A 1 135 PRO 135 144 144 PRO PRO A . n 
A 1 136 LEU 136 145 145 LEU LEU A . n 
A 1 137 GLN 137 146 146 GLN GLN A . n 
A 1 138 GLN 138 147 147 GLN GLN A . n 
A 1 139 THR 139 148 148 THR THR A . n 
A 1 140 ARG 140 149 149 ARG ARG A . n 
A 1 141 LYS 141 150 150 LYS LYS A . n 
A 1 142 ASP 142 151 151 ASP ASP A . n 
A 1 143 VAL 143 152 152 VAL VAL A . n 
A 1 144 THR 144 153 153 THR THR A . n 
A 1 145 THR 145 154 154 THR THR A . n 
A 1 146 ALA 146 155 155 ALA ALA A . n 
A 1 147 LEU 147 156 156 LEU LEU A . n 
A 1 148 SER 148 157 157 SER SER A . n 
A 1 149 LEU 149 158 158 LEU LEU A . n 
A 1 150 MET 150 159 159 MET MET A . n 
A 1 151 ASN 151 160 160 ASN ASN A . n 
A 1 152 GLU 152 161 161 GLU GLU A . n 
A 1 153 GLY 153 162 162 GLY GLY A . n 
A 1 154 LYS 154 163 163 LYS LYS A . n 
A 1 155 TYR 155 164 164 TYR TYR A . n 
A 1 156 TYR 156 165 165 TYR TYR A . n 
A 1 157 GLN 157 166 166 GLN GLN A . n 
A 1 158 ALA 158 167 167 ALA ALA A . n 
A 1 159 GLY 159 168 168 GLY GLY A . n 
A 1 160 LEU 160 169 169 LEU LEU A . n 
A 1 161 LEU 161 170 170 LEU LEU A . n 
A 1 162 LEU 162 171 171 LEU LEU A . n 
A 1 163 LYS 163 172 172 LYS LYS A . n 
A 1 164 SER 164 173 173 SER SER A . n 
A 1 165 ALA 165 174 174 ALA ALA A . n 
A 1 166 GLN 166 175 175 GLN GLN A . n 
A 1 167 ASP 167 176 176 ASP ASP A . n 
A 1 168 GLY 168 177 177 GLY GLY A . n 
A 1 169 ILE 169 178 178 ILE ILE A . n 
A 1 170 VAL 170 179 179 VAL VAL A . n 
A 1 171 VAL 171 180 180 VAL VAL A . n 
A 1 172 ASP 172 181 181 ASP ASP A . n 
A 1 173 SER 173 182 182 SER SER A . n 
A 1 174 GLN 174 183 183 GLN GLN A . n 
A 1 175 SER 175 184 184 SER SER A . n 
A 1 176 VAL 176 185 185 VAL VAL A . n 
A 1 177 GLN 177 186 186 GLN GLN A . n 
A 1 178 LEU 178 187 187 LEU LEU A . n 
A 1 179 GLU 179 188 ?   ?   ?   A . n 
A 1 180 HIS 180 189 ?   ?   ?   A . n 
A 1 181 HIS 181 190 ?   ?   ?   A . n 
A 1 182 HIS 182 191 ?   ?   ?   A . n 
A 1 183 HIS 183 192 ?   ?   ?   A . n 
A 1 184 HIS 184 193 ?   ?   ?   A . n 
A 1 185 HIS 185 194 ?   ?   ?   A . n 
# 
loop_
_pdbx_nonpoly_scheme.asym_id 
_pdbx_nonpoly_scheme.entity_id 
_pdbx_nonpoly_scheme.mon_id 
_pdbx_nonpoly_scheme.ndb_seq_num 
_pdbx_nonpoly_scheme.pdb_seq_num 
_pdbx_nonpoly_scheme.auth_seq_num 
_pdbx_nonpoly_scheme.pdb_mon_id 
_pdbx_nonpoly_scheme.auth_mon_id 
_pdbx_nonpoly_scheme.pdb_strand_id 
_pdbx_nonpoly_scheme.pdb_ins_code 
B 2 CL  1   201 1   CL  CL  A . 
C 2 CL  1   202 2   CL  CL  A . 
D 2 CL  1   203 3   CL  CL  A . 
E 2 CL  1   204 4   CL  CL  A . 
F 3 NA  1   205 1   NA  NA  A . 
G 4 HOH 1   301 150 HOH HOH A . 
G 4 HOH 2   302 160 HOH HOH A . 
G 4 HOH 3   303 175 HOH HOH A . 
G 4 HOH 4   304 132 HOH HOH A . 
G 4 HOH 5   305 181 HOH HOH A . 
G 4 HOH 6   306 133 HOH HOH A . 
G 4 HOH 7   307 45  HOH HOH A . 
G 4 HOH 8   308 100 HOH HOH A . 
G 4 HOH 9   309 77  HOH HOH A . 
G 4 HOH 10  310 1   HOH HOH A . 
G 4 HOH 11  311 109 HOH HOH A . 
G 4 HOH 12  312 5   HOH HOH A . 
G 4 HOH 13  313 185 HOH HOH A . 
G 4 HOH 14  314 169 HOH HOH A . 
G 4 HOH 15  315 3   HOH HOH A . 
G 4 HOH 16  316 96  HOH HOH A . 
G 4 HOH 17  317 105 HOH HOH A . 
G 4 HOH 18  318 14  HOH HOH A . 
G 4 HOH 19  319 85  HOH HOH A . 
G 4 HOH 20  320 59  HOH HOH A . 
G 4 HOH 21  321 102 HOH HOH A . 
G 4 HOH 22  322 119 HOH HOH A . 
G 4 HOH 23  323 11  HOH HOH A . 
G 4 HOH 24  324 122 HOH HOH A . 
G 4 HOH 25  325 128 HOH HOH A . 
G 4 HOH 26  326 118 HOH HOH A . 
G 4 HOH 27  327 147 HOH HOH A . 
G 4 HOH 28  328 152 HOH HOH A . 
G 4 HOH 29  329 174 HOH HOH A . 
G 4 HOH 30  330 176 HOH HOH A . 
G 4 HOH 31  331 177 HOH HOH A . 
G 4 HOH 32  332 106 HOH HOH A . 
G 4 HOH 33  333 186 HOH HOH A . 
G 4 HOH 34  334 24  HOH HOH A . 
G 4 HOH 35  335 48  HOH HOH A . 
G 4 HOH 36  336 63  HOH HOH A . 
G 4 HOH 37  337 13  HOH HOH A . 
G 4 HOH 38  338 89  HOH HOH A . 
G 4 HOH 39  339 80  HOH HOH A . 
G 4 HOH 40  340 187 HOH HOH A . 
G 4 HOH 41  341 154 HOH HOH A . 
G 4 HOH 42  342 188 HOH HOH A . 
G 4 HOH 43  343 162 HOH HOH A . 
G 4 HOH 44  344 115 HOH HOH A . 
G 4 HOH 45  345 91  HOH HOH A . 
G 4 HOH 46  346 79  HOH HOH A . 
G 4 HOH 47  347 56  HOH HOH A . 
G 4 HOH 48  348 61  HOH HOH A . 
G 4 HOH 49  349 18  HOH HOH A . 
G 4 HOH 50  350 25  HOH HOH A . 
G 4 HOH 51  351 44  HOH HOH A . 
G 4 HOH 52  352 137 HOH HOH A . 
G 4 HOH 53  353 7   HOH HOH A . 
G 4 HOH 54  354 120 HOH HOH A . 
G 4 HOH 55  355 164 HOH HOH A . 
G 4 HOH 56  356 6   HOH HOH A . 
G 4 HOH 57  357 90  HOH HOH A . 
G 4 HOH 58  358 42  HOH HOH A . 
G 4 HOH 59  359 65  HOH HOH A . 
G 4 HOH 60  360 27  HOH HOH A . 
G 4 HOH 61  361 19  HOH HOH A . 
G 4 HOH 62  362 138 HOH HOH A . 
G 4 HOH 63  363 12  HOH HOH A . 
G 4 HOH 64  364 53  HOH HOH A . 
G 4 HOH 65  365 156 HOH HOH A . 
G 4 HOH 66  366 28  HOH HOH A . 
G 4 HOH 67  367 9   HOH HOH A . 
G 4 HOH 68  368 20  HOH HOH A . 
G 4 HOH 69  369 37  HOH HOH A . 
G 4 HOH 70  370 49  HOH HOH A . 
G 4 HOH 71  371 76  HOH HOH A . 
G 4 HOH 72  372 21  HOH HOH A . 
G 4 HOH 73  373 75  HOH HOH A . 
G 4 HOH 74  374 39  HOH HOH A . 
G 4 HOH 75  375 74  HOH HOH A . 
G 4 HOH 76  376 41  HOH HOH A . 
G 4 HOH 77  377 107 HOH HOH A . 
G 4 HOH 78  378 103 HOH HOH A . 
G 4 HOH 79  379 29  HOH HOH A . 
G 4 HOH 80  380 38  HOH HOH A . 
G 4 HOH 81  381 8   HOH HOH A . 
G 4 HOH 82  382 66  HOH HOH A . 
G 4 HOH 83  383 15  HOH HOH A . 
G 4 HOH 84  384 40  HOH HOH A . 
G 4 HOH 85  385 104 HOH HOH A . 
G 4 HOH 86  386 4   HOH HOH A . 
G 4 HOH 87  387 35  HOH HOH A . 
G 4 HOH 88  388 10  HOH HOH A . 
G 4 HOH 89  389 51  HOH HOH A . 
G 4 HOH 90  390 68  HOH HOH A . 
G 4 HOH 91  391 47  HOH HOH A . 
G 4 HOH 92  392 173 HOH HOH A . 
G 4 HOH 93  393 190 HOH HOH A . 
G 4 HOH 94  394 31  HOH HOH A . 
G 4 HOH 95  395 26  HOH HOH A . 
G 4 HOH 96  396 165 HOH HOH A . 
G 4 HOH 97  397 69  HOH HOH A . 
G 4 HOH 98  398 99  HOH HOH A . 
G 4 HOH 99  399 50  HOH HOH A . 
G 4 HOH 100 400 71  HOH HOH A . 
G 4 HOH 101 401 142 HOH HOH A . 
G 4 HOH 102 402 86  HOH HOH A . 
G 4 HOH 103 403 62  HOH HOH A . 
G 4 HOH 104 404 36  HOH HOH A . 
G 4 HOH 105 405 121 HOH HOH A . 
G 4 HOH 106 406 95  HOH HOH A . 
G 4 HOH 107 407 34  HOH HOH A . 
G 4 HOH 108 408 127 HOH HOH A . 
G 4 HOH 109 409 17  HOH HOH A . 
G 4 HOH 110 410 64  HOH HOH A . 
G 4 HOH 111 411 32  HOH HOH A . 
G 4 HOH 112 412 83  HOH HOH A . 
G 4 HOH 113 413 92  HOH HOH A . 
G 4 HOH 114 414 101 HOH HOH A . 
G 4 HOH 115 415 116 HOH HOH A . 
G 4 HOH 116 416 145 HOH HOH A . 
G 4 HOH 117 417 126 HOH HOH A . 
G 4 HOH 118 418 108 HOH HOH A . 
G 4 HOH 119 419 144 HOH HOH A . 
G 4 HOH 120 420 97  HOH HOH A . 
G 4 HOH 121 421 22  HOH HOH A . 
G 4 HOH 122 422 98  HOH HOH A . 
G 4 HOH 123 423 151 HOH HOH A . 
G 4 HOH 124 424 81  HOH HOH A . 
G 4 HOH 125 425 168 HOH HOH A . 
G 4 HOH 126 426 60  HOH HOH A . 
G 4 HOH 127 427 2   HOH HOH A . 
G 4 HOH 128 428 88  HOH HOH A . 
G 4 HOH 129 429 87  HOH HOH A . 
G 4 HOH 130 430 57  HOH HOH A . 
G 4 HOH 131 431 124 HOH HOH A . 
G 4 HOH 132 432 114 HOH HOH A . 
G 4 HOH 133 433 55  HOH HOH A . 
G 4 HOH 134 434 94  HOH HOH A . 
G 4 HOH 135 435 117 HOH HOH A . 
G 4 HOH 136 436 182 HOH HOH A . 
G 4 HOH 137 437 16  HOH HOH A . 
G 4 HOH 138 438 167 HOH HOH A . 
G 4 HOH 139 439 46  HOH HOH A . 
G 4 HOH 140 440 58  HOH HOH A . 
G 4 HOH 141 441 93  HOH HOH A . 
G 4 HOH 142 442 141 HOH HOH A . 
G 4 HOH 143 443 143 HOH HOH A . 
G 4 HOH 144 444 161 HOH HOH A . 
G 4 HOH 145 445 33  HOH HOH A . 
G 4 HOH 146 446 84  HOH HOH A . 
G 4 HOH 147 447 123 HOH HOH A . 
G 4 HOH 148 448 191 HOH HOH A . 
G 4 HOH 149 449 183 HOH HOH A . 
G 4 HOH 150 450 148 HOH HOH A . 
G 4 HOH 151 451 172 HOH HOH A . 
G 4 HOH 152 452 158 HOH HOH A . 
G 4 HOH 153 453 140 HOH HOH A . 
G 4 HOH 154 454 113 HOH HOH A . 
G 4 HOH 155 455 178 HOH HOH A . 
G 4 HOH 156 456 155 HOH HOH A . 
G 4 HOH 157 457 135 HOH HOH A . 
G 4 HOH 158 458 189 HOH HOH A . 
G 4 HOH 159 459 136 HOH HOH A . 
G 4 HOH 160 460 43  HOH HOH A . 
G 4 HOH 161 461 30  HOH HOH A . 
G 4 HOH 162 462 171 HOH HOH A . 
G 4 HOH 163 463 130 HOH HOH A . 
G 4 HOH 164 464 179 HOH HOH A . 
G 4 HOH 165 465 23  HOH HOH A . 
G 4 HOH 166 466 180 HOH HOH A . 
G 4 HOH 167 467 110 HOH HOH A . 
G 4 HOH 168 468 125 HOH HOH A . 
G 4 HOH 169 469 192 HOH HOH A . 
G 4 HOH 170 470 139 HOH HOH A . 
G 4 HOH 171 471 129 HOH HOH A . 
G 4 HOH 172 472 134 HOH HOH A . 
G 4 HOH 173 473 157 HOH HOH A . 
G 4 HOH 174 474 159 HOH HOH A . 
G 4 HOH 175 475 166 HOH HOH A . 
G 4 HOH 176 476 54  HOH HOH A . 
G 4 HOH 177 477 82  HOH HOH A . 
G 4 HOH 178 478 146 HOH HOH A . 
G 4 HOH 179 479 67  HOH HOH A . 
G 4 HOH 180 480 111 HOH HOH A . 
G 4 HOH 181 481 163 HOH HOH A . 
G 4 HOH 182 482 112 HOH HOH A . 
G 4 HOH 183 483 70  HOH HOH A . 
G 4 HOH 184 484 52  HOH HOH A . 
G 4 HOH 185 485 153 HOH HOH A . 
G 4 HOH 186 486 78  HOH HOH A . 
G 4 HOH 187 487 170 HOH HOH A . 
G 4 HOH 188 488 131 HOH HOH A . 
G 4 HOH 189 489 184 HOH HOH A . 
G 4 HOH 190 490 149 HOH HOH A . 
G 4 HOH 191 491 73  HOH HOH A . 
G 4 HOH 192 492 72  HOH HOH A . 
G 4 HOH 193 493 193 HOH HOH A . 
# 
_pdbx_struct_assembly.id                   1 
_pdbx_struct_assembly.details              author_and_software_defined_assembly 
_pdbx_struct_assembly.method_details       PISA 
_pdbx_struct_assembly.oligomeric_details   tetrameric 
_pdbx_struct_assembly.oligomeric_count     4 
# 
_pdbx_struct_assembly_gen.assembly_id       1 
_pdbx_struct_assembly_gen.oper_expression   1,2,3,4 
_pdbx_struct_assembly_gen.asym_id_list      A,B,C,D,E,F,G 
# 
loop_
_pdbx_struct_assembly_prop.biol_id 
_pdbx_struct_assembly_prop.type 
_pdbx_struct_assembly_prop.value 
_pdbx_struct_assembly_prop.details 
1 'ABSA (A^2)' 14420 ? 
1 MORE         -249  ? 
1 'SSA (A^2)'  26940 ? 
# 
loop_
_pdbx_struct_oper_list.id 
_pdbx_struct_oper_list.type 
_pdbx_struct_oper_list.name 
_pdbx_struct_oper_list.symmetry_operation 
_pdbx_struct_oper_list.matrix[1][1] 
_pdbx_struct_oper_list.matrix[1][2] 
_pdbx_struct_oper_list.matrix[1][3] 
_pdbx_struct_oper_list.vector[1] 
_pdbx_struct_oper_list.matrix[2][1] 
_pdbx_struct_oper_list.matrix[2][2] 
_pdbx_struct_oper_list.matrix[2][3] 
_pdbx_struct_oper_list.vector[2] 
_pdbx_struct_oper_list.matrix[3][1] 
_pdbx_struct_oper_list.matrix[3][2] 
_pdbx_struct_oper_list.matrix[3][3] 
_pdbx_struct_oper_list.vector[3] 
1 'identity operation'         1_555  x,y,z           1.0000000000  0.0000000000  0.0000000000  0.0000000000   0.0000000000  1.0000000000  0.0000000000  0.0000000000   0.0000000000  0.0000000000  1.0000000000  0.0000000000   
2 'crystal symmetry operation' 8_544  x,-y-1/2,-z-1/2 -0.1457305414 -0.5547646265 0.8191451755  -2.9691753261  -0.5547646265 -0.6397345268 -0.5319548331 -15.6951259034 0.8191451755  -0.5319548331 -0.2145349318 -7.5330051924  
3 'crystal symmetry operation' 11_554 -x+1/2,y,-z-1/2 0.0579134597  0.1788089627  -0.9821778790 -18.0628223936 0.1788089627  -0.9697776365 -0.1660081041 -6.4871194890  -0.9821778790 -0.1660081041 -0.0881358232 -20.6366468535 
4 'crystal symmetry operation' 14_545 -x+1/2,-y-1/2,z -0.9121829183 0.3759556638  0.1630327035  -13.6424557286 0.3759556638  0.6095121633  0.6979629372  9.4532873639   0.1630327035  0.6979629372  -0.6973292450 -14.4509428209   
# 
_pdbx_struct_special_symmetry.id              1 
_pdbx_struct_special_symmetry.PDB_model_num   1 
_pdbx_struct_special_symmetry.auth_asym_id    A 
_pdbx_struct_special_symmetry.auth_comp_id    HOH 
_pdbx_struct_special_symmetry.auth_seq_id     491 
_pdbx_struct_special_symmetry.PDB_ins_code    ? 
_pdbx_struct_special_symmetry.label_asym_id   G 
_pdbx_struct_special_symmetry.label_comp_id   HOH 
_pdbx_struct_special_symmetry.label_seq_id    . 
# 
_pdbx_struct_conn_angle.id                    1 
_pdbx_struct_conn_angle.ptnr1_label_atom_id   O 
_pdbx_struct_conn_angle.ptnr1_label_alt_id    ? 
_pdbx_struct_conn_angle.ptnr1_label_asym_id   G 
_pdbx_struct_conn_angle.ptnr1_label_comp_id   HOH 
_pdbx_struct_conn_angle.ptnr1_label_seq_id    . 
_pdbx_struct_conn_angle.ptnr1_auth_atom_id    ? 
_pdbx_struct_conn_angle.ptnr1_auth_asym_id    A 
_pdbx_struct_conn_angle.ptnr1_auth_comp_id    HOH 
_pdbx_struct_conn_angle.ptnr1_auth_seq_id     304 
_pdbx_struct_conn_angle.ptnr1_PDB_ins_code    ? 
_pdbx_struct_conn_angle.ptnr1_symmetry        1_555 
_pdbx_struct_conn_angle.ptnr2_label_atom_id   NA 
_pdbx_struct_conn_angle.ptnr2_label_alt_id    ? 
_pdbx_struct_conn_angle.ptnr2_label_asym_id   F 
_pdbx_struct_conn_angle.ptnr2_label_comp_id   NA 
_pdbx_struct_conn_angle.ptnr2_label_seq_id    . 
_pdbx_struct_conn_angle.ptnr2_auth_atom_id    ? 
_pdbx_struct_conn_angle.ptnr2_auth_asym_id    A 
_pdbx_struct_conn_angle.ptnr2_auth_comp_id    NA 
_pdbx_struct_conn_angle.ptnr2_auth_seq_id     205 
_pdbx_struct_conn_angle.ptnr2_PDB_ins_code    ? 
_pdbx_struct_conn_angle.ptnr2_symmetry        1_555 
_pdbx_struct_conn_angle.ptnr3_label_atom_id   O 
_pdbx_struct_conn_angle.ptnr3_label_alt_id    ? 
_pdbx_struct_conn_angle.ptnr3_label_asym_id   G 
_pdbx_struct_conn_angle.ptnr3_label_comp_id   HOH 
_pdbx_struct_conn_angle.ptnr3_label_seq_id    . 
_pdbx_struct_conn_angle.ptnr3_auth_atom_id    ? 
_pdbx_struct_conn_angle.ptnr3_auth_asym_id    A 
_pdbx_struct_conn_angle.ptnr3_auth_comp_id    HOH 
_pdbx_struct_conn_angle.ptnr3_auth_seq_id     401 
_pdbx_struct_conn_angle.ptnr3_PDB_ins_code    ? 
_pdbx_struct_conn_angle.ptnr3_symmetry        1_555 
_pdbx_struct_conn_angle.value                 88.8 
_pdbx_struct_conn_angle.value_esd             ? 
# 
loop_
_pdbx_audit_revision_history.ordinal 
_pdbx_audit_revision_history.data_content_type 
_pdbx_audit_revision_history.major_revision 
_pdbx_audit_revision_history.minor_revision 
_pdbx_audit_revision_history.revision_date 
1 'Structure model' 1 0 2019-02-06 
2 'Structure model' 1 1 2019-02-13 
3 'Structure model' 1 2 2023-11-22 
# 
_pdbx_audit_revision_details.ordinal             1 
_pdbx_audit_revision_details.revision_ordinal    1 
_pdbx_audit_revision_details.data_content_type   'Structure model' 
_pdbx_audit_revision_details.provider            repository 
_pdbx_audit_revision_details.type                'Initial release' 
_pdbx_audit_revision_details.description         ? 
_pdbx_audit_revision_details.details             ? 
# 
loop_
_pdbx_audit_revision_group.ordinal 
_pdbx_audit_revision_group.revision_ordinal 
_pdbx_audit_revision_group.data_content_type 
_pdbx_audit_revision_group.group 
1 2 'Structure model' 'Data collection'        
2 2 'Structure model' 'Database references'    
3 3 'Structure model' 'Data collection'        
4 3 'Structure model' 'Database references'    
5 3 'Structure model' 'Derived calculations'   
6 3 'Structure model' 'Refinement description' 
# 
loop_
_pdbx_audit_revision_category.ordinal 
_pdbx_audit_revision_category.revision_ordinal 
_pdbx_audit_revision_category.data_content_type 
_pdbx_audit_revision_category.category 
1 2 'Structure model' citation                      
2 2 'Structure model' citation_author               
3 3 'Structure model' chem_comp_atom                
4 3 'Structure model' chem_comp_bond                
5 3 'Structure model' database_2                    
6 3 'Structure model' pdbx_initial_refinement_model 
7 3 'Structure model' pdbx_struct_conn_angle        
8 3 'Structure model' struct_conn                   
# 
loop_
_pdbx_audit_revision_item.ordinal 
_pdbx_audit_revision_item.revision_ordinal 
_pdbx_audit_revision_item.data_content_type 
_pdbx_audit_revision_item.item 
1  2 'Structure model' '_citation.journal_volume'                  
2  2 'Structure model' '_citation.page_first'                      
3  2 'Structure model' '_citation.page_last'                       
4  2 'Structure model' '_citation.pdbx_database_id_PubMed'         
5  2 'Structure model' '_citation.title'                           
6  2 'Structure model' '_citation.year'                            
7  2 'Structure model' '_citation_author.name'                     
8  3 'Structure model' '_database_2.pdbx_DOI'                      
9  3 'Structure model' '_database_2.pdbx_database_accession'       
10 3 'Structure model' '_pdbx_struct_conn_angle.ptnr1_auth_seq_id' 
11 3 'Structure model' '_pdbx_struct_conn_angle.ptnr3_auth_seq_id' 
12 3 'Structure model' '_struct_conn.pdbx_dist_value'              
13 3 'Structure model' '_struct_conn.ptnr2_auth_seq_id'            
# 
loop_
_software.citation_id 
_software.classification 
_software.compiler_name 
_software.compiler_version 
_software.contact_author 
_software.contact_author_email 
_software.date 
_software.description 
_software.dependencies 
_software.hardware 
_software.language 
_software.location 
_software.mods 
_software.name 
_software.os 
_software.os_version 
_software.type 
_software.version 
_software.pdbx_ordinal 
? refinement       ? ? ? ? ? ? ? ? ? ? ? PHENIX   ? ? ? '(1.10.1_2155: ???)' 1 
? 'data reduction' ? ? ? ? ? ? ? ? ? ? ? HKL-2000 ? ? ? .                    2 
? 'data scaling'   ? ? ? ? ? ? ? ? ? ? ? HKL-2000 ? ? ? .                    3 
? phasing          ? ? ? ? ? ? ? ? ? ? ? MOLREP   ? ? ? .                    4 
# 
loop_
_pdbx_validate_close_contact.id 
_pdbx_validate_close_contact.PDB_model_num 
_pdbx_validate_close_contact.auth_atom_id_1 
_pdbx_validate_close_contact.auth_asym_id_1 
_pdbx_validate_close_contact.auth_comp_id_1 
_pdbx_validate_close_contact.auth_seq_id_1 
_pdbx_validate_close_contact.PDB_ins_code_1 
_pdbx_validate_close_contact.label_alt_id_1 
_pdbx_validate_close_contact.auth_atom_id_2 
_pdbx_validate_close_contact.auth_asym_id_2 
_pdbx_validate_close_contact.auth_comp_id_2 
_pdbx_validate_close_contact.auth_seq_id_2 
_pdbx_validate_close_contact.PDB_ins_code_2 
_pdbx_validate_close_contact.label_alt_id_2 
_pdbx_validate_close_contact.dist 
1 1 O   A HOH 324 ? ? O A HOH 460 ? ? 2.06 
2 1 O   A HOH 319 ? ? O A HOH 486 ? ? 2.12 
3 1 O   A HOH 463 ? ? O A HOH 488 ? ? 2.13 
4 1 NZ  A LYS 112 ? ? O A HOH 301 ? ? 2.15 
5 1 OD2 A ASP 176 ? ? O A HOH 302 ? ? 2.16 
# 
loop_
_pdbx_validate_symm_contact.id 
_pdbx_validate_symm_contact.PDB_model_num 
_pdbx_validate_symm_contact.auth_atom_id_1 
_pdbx_validate_symm_contact.auth_asym_id_1 
_pdbx_validate_symm_contact.auth_comp_id_1 
_pdbx_validate_symm_contact.auth_seq_id_1 
_pdbx_validate_symm_contact.PDB_ins_code_1 
_pdbx_validate_symm_contact.label_alt_id_1 
_pdbx_validate_symm_contact.site_symmetry_1 
_pdbx_validate_symm_contact.auth_atom_id_2 
_pdbx_validate_symm_contact.auth_asym_id_2 
_pdbx_validate_symm_contact.auth_comp_id_2 
_pdbx_validate_symm_contact.auth_seq_id_2 
_pdbx_validate_symm_contact.PDB_ins_code_2 
_pdbx_validate_symm_contact.label_alt_id_2 
_pdbx_validate_symm_contact.site_symmetry_2 
_pdbx_validate_symm_contact.dist 
1 1 O A HOH 308 ? ? 1_555 O A HOH 308 ? ? 2_555 2.00 
2 1 O A HOH 401 ? ? 1_555 O A HOH 443 ? ? 8_544 2.12 
# 
loop_
_pdbx_unobs_or_zero_occ_atoms.id 
_pdbx_unobs_or_zero_occ_atoms.PDB_model_num 
_pdbx_unobs_or_zero_occ_atoms.polymer_flag 
_pdbx_unobs_or_zero_occ_atoms.occupancy_flag 
_pdbx_unobs_or_zero_occ_atoms.auth_asym_id 
_pdbx_unobs_or_zero_occ_atoms.auth_comp_id 
_pdbx_unobs_or_zero_occ_atoms.auth_seq_id 
_pdbx_unobs_or_zero_occ_atoms.PDB_ins_code 
_pdbx_unobs_or_zero_occ_atoms.auth_atom_id 
_pdbx_unobs_or_zero_occ_atoms.label_alt_id 
_pdbx_unobs_or_zero_occ_atoms.label_asym_id 
_pdbx_unobs_or_zero_occ_atoms.label_comp_id 
_pdbx_unobs_or_zero_occ_atoms.label_seq_id 
_pdbx_unobs_or_zero_occ_atoms.label_atom_id 
1 1 Y 1 A GLU 83  ? CG  ? A GLU 74  CG  
2 1 Y 1 A GLU 83  ? CD  ? A GLU 74  CD  
3 1 Y 1 A GLU 83  ? OE1 ? A GLU 74  OE1 
4 1 Y 1 A GLU 83  ? OE2 ? A GLU 74  OE2 
5 1 Y 1 A GLN 186 ? CG  ? A GLN 177 CG  
6 1 Y 1 A GLN 186 ? CD  ? A GLN 177 CD  
7 1 Y 1 A GLN 186 ? OE1 ? A GLN 177 OE1 
8 1 Y 1 A GLN 186 ? NE2 ? A GLN 177 NE2 
# 
loop_
_pdbx_unobs_or_zero_occ_residues.id 
_pdbx_unobs_or_zero_occ_residues.PDB_model_num 
_pdbx_unobs_or_zero_occ_residues.polymer_flag 
_pdbx_unobs_or_zero_occ_residues.occupancy_flag 
_pdbx_unobs_or_zero_occ_residues.auth_asym_id 
_pdbx_unobs_or_zero_occ_residues.auth_comp_id 
_pdbx_unobs_or_zero_occ_residues.auth_seq_id 
_pdbx_unobs_or_zero_occ_residues.PDB_ins_code 
_pdbx_unobs_or_zero_occ_residues.label_asym_id 
_pdbx_unobs_or_zero_occ_residues.label_comp_id 
_pdbx_unobs_or_zero_occ_residues.label_seq_id 
1  1 Y 1 A MET 10  ? A MET 1   
2  1 Y 1 A ALA 11  ? A ALA 2   
3  1 Y 1 A ALA 12  ? A ALA 3   
4  1 Y 1 A THR 13  ? A THR 4   
5  1 Y 1 A ASN 14  ? A ASN 5   
6  1 Y 1 A MET 15  ? A MET 6   
7  1 Y 1 A THR 16  ? A THR 7   
8  1 Y 1 A ASP 17  ? A ASP 8   
9  1 Y 1 A GLU 188 ? A GLU 179 
10 1 Y 1 A HIS 189 ? A HIS 180 
11 1 Y 1 A HIS 190 ? A HIS 181 
12 1 Y 1 A HIS 191 ? A HIS 182 
13 1 Y 1 A HIS 192 ? A HIS 183 
14 1 Y 1 A HIS 193 ? A HIS 184 
15 1 Y 1 A HIS 194 ? A HIS 185 
# 
loop_
_chem_comp_atom.comp_id 
_chem_comp_atom.atom_id 
_chem_comp_atom.type_symbol 
_chem_comp_atom.pdbx_aromatic_flag 
_chem_comp_atom.pdbx_stereo_config 
_chem_comp_atom.pdbx_ordinal 
ALA N    N  N N 1   
ALA CA   C  N S 2   
ALA C    C  N N 3   
ALA O    O  N N 4   
ALA CB   C  N N 5   
ALA OXT  O  N N 6   
ALA H    H  N N 7   
ALA H2   H  N N 8   
ALA HA   H  N N 9   
ALA HB1  H  N N 10  
ALA HB2  H  N N 11  
ALA HB3  H  N N 12  
ALA HXT  H  N N 13  
ARG N    N  N N 14  
ARG CA   C  N S 15  
ARG C    C  N N 16  
ARG O    O  N N 17  
ARG CB   C  N N 18  
ARG CG   C  N N 19  
ARG CD   C  N N 20  
ARG NE   N  N N 21  
ARG CZ   C  N N 22  
ARG NH1  N  N N 23  
ARG NH2  N  N N 24  
ARG OXT  O  N N 25  
ARG H    H  N N 26  
ARG H2   H  N N 27  
ARG HA   H  N N 28  
ARG HB2  H  N N 29  
ARG HB3  H  N N 30  
ARG HG2  H  N N 31  
ARG HG3  H  N N 32  
ARG HD2  H  N N 33  
ARG HD3  H  N N 34  
ARG HE   H  N N 35  
ARG HH11 H  N N 36  
ARG HH12 H  N N 37  
ARG HH21 H  N N 38  
ARG HH22 H  N N 39  
ARG HXT  H  N N 40  
ASN N    N  N N 41  
ASN CA   C  N S 42  
ASN C    C  N N 43  
ASN O    O  N N 44  
ASN CB   C  N N 45  
ASN CG   C  N N 46  
ASN OD1  O  N N 47  
ASN ND2  N  N N 48  
ASN OXT  O  N N 49  
ASN H    H  N N 50  
ASN H2   H  N N 51  
ASN HA   H  N N 52  
ASN HB2  H  N N 53  
ASN HB3  H  N N 54  
ASN HD21 H  N N 55  
ASN HD22 H  N N 56  
ASN HXT  H  N N 57  
ASP N    N  N N 58  
ASP CA   C  N S 59  
ASP C    C  N N 60  
ASP O    O  N N 61  
ASP CB   C  N N 62  
ASP CG   C  N N 63  
ASP OD1  O  N N 64  
ASP OD2  O  N N 65  
ASP OXT  O  N N 66  
ASP H    H  N N 67  
ASP H2   H  N N 68  
ASP HA   H  N N 69  
ASP HB2  H  N N 70  
ASP HB3  H  N N 71  
ASP HD2  H  N N 72  
ASP HXT  H  N N 73  
CL  CL   CL N N 74  
GLN N    N  N N 75  
GLN CA   C  N S 76  
GLN C    C  N N 77  
GLN O    O  N N 78  
GLN CB   C  N N 79  
GLN CG   C  N N 80  
GLN CD   C  N N 81  
GLN OE1  O  N N 82  
GLN NE2  N  N N 83  
GLN OXT  O  N N 84  
GLN H    H  N N 85  
GLN H2   H  N N 86  
GLN HA   H  N N 87  
GLN HB2  H  N N 88  
GLN HB3  H  N N 89  
GLN HG2  H  N N 90  
GLN HG3  H  N N 91  
GLN HE21 H  N N 92  
GLN HE22 H  N N 93  
GLN HXT  H  N N 94  
GLU N    N  N N 95  
GLU CA   C  N S 96  
GLU C    C  N N 97  
GLU O    O  N N 98  
GLU CB   C  N N 99  
GLU CG   C  N N 100 
GLU CD   C  N N 101 
GLU OE1  O  N N 102 
GLU OE2  O  N N 103 
GLU OXT  O  N N 104 
GLU H    H  N N 105 
GLU H2   H  N N 106 
GLU HA   H  N N 107 
GLU HB2  H  N N 108 
GLU HB3  H  N N 109 
GLU HG2  H  N N 110 
GLU HG3  H  N N 111 
GLU HE2  H  N N 112 
GLU HXT  H  N N 113 
GLY N    N  N N 114 
GLY CA   C  N N 115 
GLY C    C  N N 116 
GLY O    O  N N 117 
GLY OXT  O  N N 118 
GLY H    H  N N 119 
GLY H2   H  N N 120 
GLY HA2  H  N N 121 
GLY HA3  H  N N 122 
GLY HXT  H  N N 123 
HIS N    N  N N 124 
HIS CA   C  N S 125 
HIS C    C  N N 126 
HIS O    O  N N 127 
HIS CB   C  N N 128 
HIS CG   C  Y N 129 
HIS ND1  N  Y N 130 
HIS CD2  C  Y N 131 
HIS CE1  C  Y N 132 
HIS NE2  N  Y N 133 
HIS OXT  O  N N 134 
HIS H    H  N N 135 
HIS H2   H  N N 136 
HIS HA   H  N N 137 
HIS HB2  H  N N 138 
HIS HB3  H  N N 139 
HIS HD1  H  N N 140 
HIS HD2  H  N N 141 
HIS HE1  H  N N 142 
HIS HE2  H  N N 143 
HIS HXT  H  N N 144 
HOH O    O  N N 145 
HOH H1   H  N N 146 
HOH H2   H  N N 147 
ILE N    N  N N 148 
ILE CA   C  N S 149 
ILE C    C  N N 150 
ILE O    O  N N 151 
ILE CB   C  N S 152 
ILE CG1  C  N N 153 
ILE CG2  C  N N 154 
ILE CD1  C  N N 155 
ILE OXT  O  N N 156 
ILE H    H  N N 157 
ILE H2   H  N N 158 
ILE HA   H  N N 159 
ILE HB   H  N N 160 
ILE HG12 H  N N 161 
ILE HG13 H  N N 162 
ILE HG21 H  N N 163 
ILE HG22 H  N N 164 
ILE HG23 H  N N 165 
ILE HD11 H  N N 166 
ILE HD12 H  N N 167 
ILE HD13 H  N N 168 
ILE HXT  H  N N 169 
LEU N    N  N N 170 
LEU CA   C  N S 171 
LEU C    C  N N 172 
LEU O    O  N N 173 
LEU CB   C  N N 174 
LEU CG   C  N N 175 
LEU CD1  C  N N 176 
LEU CD2  C  N N 177 
LEU OXT  O  N N 178 
LEU H    H  N N 179 
LEU H2   H  N N 180 
LEU HA   H  N N 181 
LEU HB2  H  N N 182 
LEU HB3  H  N N 183 
LEU HG   H  N N 184 
LEU HD11 H  N N 185 
LEU HD12 H  N N 186 
LEU HD13 H  N N 187 
LEU HD21 H  N N 188 
LEU HD22 H  N N 189 
LEU HD23 H  N N 190 
LEU HXT  H  N N 191 
LYS N    N  N N 192 
LYS CA   C  N S 193 
LYS C    C  N N 194 
LYS O    O  N N 195 
LYS CB   C  N N 196 
LYS CG   C  N N 197 
LYS CD   C  N N 198 
LYS CE   C  N N 199 
LYS NZ   N  N N 200 
LYS OXT  O  N N 201 
LYS H    H  N N 202 
LYS H2   H  N N 203 
LYS HA   H  N N 204 
LYS HB2  H  N N 205 
LYS HB3  H  N N 206 
LYS HG2  H  N N 207 
LYS HG3  H  N N 208 
LYS HD2  H  N N 209 
LYS HD3  H  N N 210 
LYS HE2  H  N N 211 
LYS HE3  H  N N 212 
LYS HZ1  H  N N 213 
LYS HZ2  H  N N 214 
LYS HZ3  H  N N 215 
LYS HXT  H  N N 216 
MET N    N  N N 217 
MET CA   C  N S 218 
MET C    C  N N 219 
MET O    O  N N 220 
MET CB   C  N N 221 
MET CG   C  N N 222 
MET SD   S  N N 223 
MET CE   C  N N 224 
MET OXT  O  N N 225 
MET H    H  N N 226 
MET H2   H  N N 227 
MET HA   H  N N 228 
MET HB2  H  N N 229 
MET HB3  H  N N 230 
MET HG2  H  N N 231 
MET HG3  H  N N 232 
MET HE1  H  N N 233 
MET HE2  H  N N 234 
MET HE3  H  N N 235 
MET HXT  H  N N 236 
NA  NA   NA N N 237 
PHE N    N  N N 238 
PHE CA   C  N S 239 
PHE C    C  N N 240 
PHE O    O  N N 241 
PHE CB   C  N N 242 
PHE CG   C  Y N 243 
PHE CD1  C  Y N 244 
PHE CD2  C  Y N 245 
PHE CE1  C  Y N 246 
PHE CE2  C  Y N 247 
PHE CZ   C  Y N 248 
PHE OXT  O  N N 249 
PHE H    H  N N 250 
PHE H2   H  N N 251 
PHE HA   H  N N 252 
PHE HB2  H  N N 253 
PHE HB3  H  N N 254 
PHE HD1  H  N N 255 
PHE HD2  H  N N 256 
PHE HE1  H  N N 257 
PHE HE2  H  N N 258 
PHE HZ   H  N N 259 
PHE HXT  H  N N 260 
PRO N    N  N N 261 
PRO CA   C  N S 262 
PRO C    C  N N 263 
PRO O    O  N N 264 
PRO CB   C  N N 265 
PRO CG   C  N N 266 
PRO CD   C  N N 267 
PRO OXT  O  N N 268 
PRO H    H  N N 269 
PRO HA   H  N N 270 
PRO HB2  H  N N 271 
PRO HB3  H  N N 272 
PRO HG2  H  N N 273 
PRO HG3  H  N N 274 
PRO HD2  H  N N 275 
PRO HD3  H  N N 276 
PRO HXT  H  N N 277 
SER N    N  N N 278 
SER CA   C  N S 279 
SER C    C  N N 280 
SER O    O  N N 281 
SER CB   C  N N 282 
SER OG   O  N N 283 
SER OXT  O  N N 284 
SER H    H  N N 285 
SER H2   H  N N 286 
SER HA   H  N N 287 
SER HB2  H  N N 288 
SER HB3  H  N N 289 
SER HG   H  N N 290 
SER HXT  H  N N 291 
THR N    N  N N 292 
THR CA   C  N S 293 
THR C    C  N N 294 
THR O    O  N N 295 
THR CB   C  N R 296 
THR OG1  O  N N 297 
THR CG2  C  N N 298 
THR OXT  O  N N 299 
THR H    H  N N 300 
THR H2   H  N N 301 
THR HA   H  N N 302 
THR HB   H  N N 303 
THR HG1  H  N N 304 
THR HG21 H  N N 305 
THR HG22 H  N N 306 
THR HG23 H  N N 307 
THR HXT  H  N N 308 
TRP N    N  N N 309 
TRP CA   C  N S 310 
TRP C    C  N N 311 
TRP O    O  N N 312 
TRP CB   C  N N 313 
TRP CG   C  Y N 314 
TRP CD1  C  Y N 315 
TRP CD2  C  Y N 316 
TRP NE1  N  Y N 317 
TRP CE2  C  Y N 318 
TRP CE3  C  Y N 319 
TRP CZ2  C  Y N 320 
TRP CZ3  C  Y N 321 
TRP CH2  C  Y N 322 
TRP OXT  O  N N 323 
TRP H    H  N N 324 
TRP H2   H  N N 325 
TRP HA   H  N N 326 
TRP HB2  H  N N 327 
TRP HB3  H  N N 328 
TRP HD1  H  N N 329 
TRP HE1  H  N N 330 
TRP HE3  H  N N 331 
TRP HZ2  H  N N 332 
TRP HZ3  H  N N 333 
TRP HH2  H  N N 334 
TRP HXT  H  N N 335 
TYR N    N  N N 336 
TYR CA   C  N S 337 
TYR C    C  N N 338 
TYR O    O  N N 339 
TYR CB   C  N N 340 
TYR CG   C  Y N 341 
TYR CD1  C  Y N 342 
TYR CD2  C  Y N 343 
TYR CE1  C  Y N 344 
TYR CE2  C  Y N 345 
TYR CZ   C  Y N 346 
TYR OH   O  N N 347 
TYR OXT  O  N N 348 
TYR H    H  N N 349 
TYR H2   H  N N 350 
TYR HA   H  N N 351 
TYR HB2  H  N N 352 
TYR HB3  H  N N 353 
TYR HD1  H  N N 354 
TYR HD2  H  N N 355 
TYR HE1  H  N N 356 
TYR HE2  H  N N 357 
TYR HH   H  N N 358 
TYR HXT  H  N N 359 
VAL N    N  N N 360 
VAL CA   C  N S 361 
VAL C    C  N N 362 
VAL O    O  N N 363 
VAL CB   C  N N 364 
VAL CG1  C  N N 365 
VAL CG2  C  N N 366 
VAL OXT  O  N N 367 
VAL H    H  N N 368 
VAL H2   H  N N 369 
VAL HA   H  N N 370 
VAL HB   H  N N 371 
VAL HG11 H  N N 372 
VAL HG12 H  N N 373 
VAL HG13 H  N N 374 
VAL HG21 H  N N 375 
VAL HG22 H  N N 376 
VAL HG23 H  N N 377 
VAL HXT  H  N N 378 
# 
loop_
_chem_comp_bond.comp_id 
_chem_comp_bond.atom_id_1 
_chem_comp_bond.atom_id_2 
_chem_comp_bond.value_order 
_chem_comp_bond.pdbx_aromatic_flag 
_chem_comp_bond.pdbx_stereo_config 
_chem_comp_bond.pdbx_ordinal 
ALA N   CA   sing N N 1   
ALA N   H    sing N N 2   
ALA N   H2   sing N N 3   
ALA CA  C    sing N N 4   
ALA CA  CB   sing N N 5   
ALA CA  HA   sing N N 6   
ALA C   O    doub N N 7   
ALA C   OXT  sing N N 8   
ALA CB  HB1  sing N N 9   
ALA CB  HB2  sing N N 10  
ALA CB  HB3  sing N N 11  
ALA OXT HXT  sing N N 12  
ARG N   CA   sing N N 13  
ARG N   H    sing N N 14  
ARG N   H2   sing N N 15  
ARG CA  C    sing N N 16  
ARG CA  CB   sing N N 17  
ARG CA  HA   sing N N 18  
ARG C   O    doub N N 19  
ARG C   OXT  sing N N 20  
ARG CB  CG   sing N N 21  
ARG CB  HB2  sing N N 22  
ARG CB  HB3  sing N N 23  
ARG CG  CD   sing N N 24  
ARG CG  HG2  sing N N 25  
ARG CG  HG3  sing N N 26  
ARG CD  NE   sing N N 27  
ARG CD  HD2  sing N N 28  
ARG CD  HD3  sing N N 29  
ARG NE  CZ   sing N N 30  
ARG NE  HE   sing N N 31  
ARG CZ  NH1  sing N N 32  
ARG CZ  NH2  doub N N 33  
ARG NH1 HH11 sing N N 34  
ARG NH1 HH12 sing N N 35  
ARG NH2 HH21 sing N N 36  
ARG NH2 HH22 sing N N 37  
ARG OXT HXT  sing N N 38  
ASN N   CA   sing N N 39  
ASN N   H    sing N N 40  
ASN N   H2   sing N N 41  
ASN CA  C    sing N N 42  
ASN CA  CB   sing N N 43  
ASN CA  HA   sing N N 44  
ASN C   O    doub N N 45  
ASN C   OXT  sing N N 46  
ASN CB  CG   sing N N 47  
ASN CB  HB2  sing N N 48  
ASN CB  HB3  sing N N 49  
ASN CG  OD1  doub N N 50  
ASN CG  ND2  sing N N 51  
ASN ND2 HD21 sing N N 52  
ASN ND2 HD22 sing N N 53  
ASN OXT HXT  sing N N 54  
ASP N   CA   sing N N 55  
ASP N   H    sing N N 56  
ASP N   H2   sing N N 57  
ASP CA  C    sing N N 58  
ASP CA  CB   sing N N 59  
ASP CA  HA   sing N N 60  
ASP C   O    doub N N 61  
ASP C   OXT  sing N N 62  
ASP CB  CG   sing N N 63  
ASP CB  HB2  sing N N 64  
ASP CB  HB3  sing N N 65  
ASP CG  OD1  doub N N 66  
ASP CG  OD2  sing N N 67  
ASP OD2 HD2  sing N N 68  
ASP OXT HXT  sing N N 69  
GLN N   CA   sing N N 70  
GLN N   H    sing N N 71  
GLN N   H2   sing N N 72  
GLN CA  C    sing N N 73  
GLN CA  CB   sing N N 74  
GLN CA  HA   sing N N 75  
GLN C   O    doub N N 76  
GLN C   OXT  sing N N 77  
GLN CB  CG   sing N N 78  
GLN CB  HB2  sing N N 79  
GLN CB  HB3  sing N N 80  
GLN CG  CD   sing N N 81  
GLN CG  HG2  sing N N 82  
GLN CG  HG3  sing N N 83  
GLN CD  OE1  doub N N 84  
GLN CD  NE2  sing N N 85  
GLN NE2 HE21 sing N N 86  
GLN NE2 HE22 sing N N 87  
GLN OXT HXT  sing N N 88  
GLU N   CA   sing N N 89  
GLU N   H    sing N N 90  
GLU N   H2   sing N N 91  
GLU CA  C    sing N N 92  
GLU CA  CB   sing N N 93  
GLU CA  HA   sing N N 94  
GLU C   O    doub N N 95  
GLU C   OXT  sing N N 96  
GLU CB  CG   sing N N 97  
GLU CB  HB2  sing N N 98  
GLU CB  HB3  sing N N 99  
GLU CG  CD   sing N N 100 
GLU CG  HG2  sing N N 101 
GLU CG  HG3  sing N N 102 
GLU CD  OE1  doub N N 103 
GLU CD  OE2  sing N N 104 
GLU OE2 HE2  sing N N 105 
GLU OXT HXT  sing N N 106 
GLY N   CA   sing N N 107 
GLY N   H    sing N N 108 
GLY N   H2   sing N N 109 
GLY CA  C    sing N N 110 
GLY CA  HA2  sing N N 111 
GLY CA  HA3  sing N N 112 
GLY C   O    doub N N 113 
GLY C   OXT  sing N N 114 
GLY OXT HXT  sing N N 115 
HIS N   CA   sing N N 116 
HIS N   H    sing N N 117 
HIS N   H2   sing N N 118 
HIS CA  C    sing N N 119 
HIS CA  CB   sing N N 120 
HIS CA  HA   sing N N 121 
HIS C   O    doub N N 122 
HIS C   OXT  sing N N 123 
HIS CB  CG   sing N N 124 
HIS CB  HB2  sing N N 125 
HIS CB  HB3  sing N N 126 
HIS CG  ND1  sing Y N 127 
HIS CG  CD2  doub Y N 128 
HIS ND1 CE1  doub Y N 129 
HIS ND1 HD1  sing N N 130 
HIS CD2 NE2  sing Y N 131 
HIS CD2 HD2  sing N N 132 
HIS CE1 NE2  sing Y N 133 
HIS CE1 HE1  sing N N 134 
HIS NE2 HE2  sing N N 135 
HIS OXT HXT  sing N N 136 
HOH O   H1   sing N N 137 
HOH O   H2   sing N N 138 
ILE N   CA   sing N N 139 
ILE N   H    sing N N 140 
ILE N   H2   sing N N 141 
ILE CA  C    sing N N 142 
ILE CA  CB   sing N N 143 
ILE CA  HA   sing N N 144 
ILE C   O    doub N N 145 
ILE C   OXT  sing N N 146 
ILE CB  CG1  sing N N 147 
ILE CB  CG2  sing N N 148 
ILE CB  HB   sing N N 149 
ILE CG1 CD1  sing N N 150 
ILE CG1 HG12 sing N N 151 
ILE CG1 HG13 sing N N 152 
ILE CG2 HG21 sing N N 153 
ILE CG2 HG22 sing N N 154 
ILE CG2 HG23 sing N N 155 
ILE CD1 HD11 sing N N 156 
ILE CD1 HD12 sing N N 157 
ILE CD1 HD13 sing N N 158 
ILE OXT HXT  sing N N 159 
LEU N   CA   sing N N 160 
LEU N   H    sing N N 161 
LEU N   H2   sing N N 162 
LEU CA  C    sing N N 163 
LEU CA  CB   sing N N 164 
LEU CA  HA   sing N N 165 
LEU C   O    doub N N 166 
LEU C   OXT  sing N N 167 
LEU CB  CG   sing N N 168 
LEU CB  HB2  sing N N 169 
LEU CB  HB3  sing N N 170 
LEU CG  CD1  sing N N 171 
LEU CG  CD2  sing N N 172 
LEU CG  HG   sing N N 173 
LEU CD1 HD11 sing N N 174 
LEU CD1 HD12 sing N N 175 
LEU CD1 HD13 sing N N 176 
LEU CD2 HD21 sing N N 177 
LEU CD2 HD22 sing N N 178 
LEU CD2 HD23 sing N N 179 
LEU OXT HXT  sing N N 180 
LYS N   CA   sing N N 181 
LYS N   H    sing N N 182 
LYS N   H2   sing N N 183 
LYS CA  C    sing N N 184 
LYS CA  CB   sing N N 185 
LYS CA  HA   sing N N 186 
LYS C   O    doub N N 187 
LYS C   OXT  sing N N 188 
LYS CB  CG   sing N N 189 
LYS CB  HB2  sing N N 190 
LYS CB  HB3  sing N N 191 
LYS CG  CD   sing N N 192 
LYS CG  HG2  sing N N 193 
LYS CG  HG3  sing N N 194 
LYS CD  CE   sing N N 195 
LYS CD  HD2  sing N N 196 
LYS CD  HD3  sing N N 197 
LYS CE  NZ   sing N N 198 
LYS CE  HE2  sing N N 199 
LYS CE  HE3  sing N N 200 
LYS NZ  HZ1  sing N N 201 
LYS NZ  HZ2  sing N N 202 
LYS NZ  HZ3  sing N N 203 
LYS OXT HXT  sing N N 204 
MET N   CA   sing N N 205 
MET N   H    sing N N 206 
MET N   H2   sing N N 207 
MET CA  C    sing N N 208 
MET CA  CB   sing N N 209 
MET CA  HA   sing N N 210 
MET C   O    doub N N 211 
MET C   OXT  sing N N 212 
MET CB  CG   sing N N 213 
MET CB  HB2  sing N N 214 
MET CB  HB3  sing N N 215 
MET CG  SD   sing N N 216 
MET CG  HG2  sing N N 217 
MET CG  HG3  sing N N 218 
MET SD  CE   sing N N 219 
MET CE  HE1  sing N N 220 
MET CE  HE2  sing N N 221 
MET CE  HE3  sing N N 222 
MET OXT HXT  sing N N 223 
PHE N   CA   sing N N 224 
PHE N   H    sing N N 225 
PHE N   H2   sing N N 226 
PHE CA  C    sing N N 227 
PHE CA  CB   sing N N 228 
PHE CA  HA   sing N N 229 
PHE C   O    doub N N 230 
PHE C   OXT  sing N N 231 
PHE CB  CG   sing N N 232 
PHE CB  HB2  sing N N 233 
PHE CB  HB3  sing N N 234 
PHE CG  CD1  doub Y N 235 
PHE CG  CD2  sing Y N 236 
PHE CD1 CE1  sing Y N 237 
PHE CD1 HD1  sing N N 238 
PHE CD2 CE2  doub Y N 239 
PHE CD2 HD2  sing N N 240 
PHE CE1 CZ   doub Y N 241 
PHE CE1 HE1  sing N N 242 
PHE CE2 CZ   sing Y N 243 
PHE CE2 HE2  sing N N 244 
PHE CZ  HZ   sing N N 245 
PHE OXT HXT  sing N N 246 
PRO N   CA   sing N N 247 
PRO N   CD   sing N N 248 
PRO N   H    sing N N 249 
PRO CA  C    sing N N 250 
PRO CA  CB   sing N N 251 
PRO CA  HA   sing N N 252 
PRO C   O    doub N N 253 
PRO C   OXT  sing N N 254 
PRO CB  CG   sing N N 255 
PRO CB  HB2  sing N N 256 
PRO CB  HB3  sing N N 257 
PRO CG  CD   sing N N 258 
PRO CG  HG2  sing N N 259 
PRO CG  HG3  sing N N 260 
PRO CD  HD2  sing N N 261 
PRO CD  HD3  sing N N 262 
PRO OXT HXT  sing N N 263 
SER N   CA   sing N N 264 
SER N   H    sing N N 265 
SER N   H2   sing N N 266 
SER CA  C    sing N N 267 
SER CA  CB   sing N N 268 
SER CA  HA   sing N N 269 
SER C   O    doub N N 270 
SER C   OXT  sing N N 271 
SER CB  OG   sing N N 272 
SER CB  HB2  sing N N 273 
SER CB  HB3  sing N N 274 
SER OG  HG   sing N N 275 
SER OXT HXT  sing N N 276 
THR N   CA   sing N N 277 
THR N   H    sing N N 278 
THR N   H2   sing N N 279 
THR CA  C    sing N N 280 
THR CA  CB   sing N N 281 
THR CA  HA   sing N N 282 
THR C   O    doub N N 283 
THR C   OXT  sing N N 284 
THR CB  OG1  sing N N 285 
THR CB  CG2  sing N N 286 
THR CB  HB   sing N N 287 
THR OG1 HG1  sing N N 288 
THR CG2 HG21 sing N N 289 
THR CG2 HG22 sing N N 290 
THR CG2 HG23 sing N N 291 
THR OXT HXT  sing N N 292 
TRP N   CA   sing N N 293 
TRP N   H    sing N N 294 
TRP N   H2   sing N N 295 
TRP CA  C    sing N N 296 
TRP CA  CB   sing N N 297 
TRP CA  HA   sing N N 298 
TRP C   O    doub N N 299 
TRP C   OXT  sing N N 300 
TRP CB  CG   sing N N 301 
TRP CB  HB2  sing N N 302 
TRP CB  HB3  sing N N 303 
TRP CG  CD1  doub Y N 304 
TRP CG  CD2  sing Y N 305 
TRP CD1 NE1  sing Y N 306 
TRP CD1 HD1  sing N N 307 
TRP CD2 CE2  doub Y N 308 
TRP CD2 CE3  sing Y N 309 
TRP NE1 CE2  sing Y N 310 
TRP NE1 HE1  sing N N 311 
TRP CE2 CZ2  sing Y N 312 
TRP CE3 CZ3  doub Y N 313 
TRP CE3 HE3  sing N N 314 
TRP CZ2 CH2  doub Y N 315 
TRP CZ2 HZ2  sing N N 316 
TRP CZ3 CH2  sing Y N 317 
TRP CZ3 HZ3  sing N N 318 
TRP CH2 HH2  sing N N 319 
TRP OXT HXT  sing N N 320 
TYR N   CA   sing N N 321 
TYR N   H    sing N N 322 
TYR N   H2   sing N N 323 
TYR CA  C    sing N N 324 
TYR CA  CB   sing N N 325 
TYR CA  HA   sing N N 326 
TYR C   O    doub N N 327 
TYR C   OXT  sing N N 328 
TYR CB  CG   sing N N 329 
TYR CB  HB2  sing N N 330 
TYR CB  HB3  sing N N 331 
TYR CG  CD1  doub Y N 332 
TYR CG  CD2  sing Y N 333 
TYR CD1 CE1  sing Y N 334 
TYR CD1 HD1  sing N N 335 
TYR CD2 CE2  doub Y N 336 
TYR CD2 HD2  sing N N 337 
TYR CE1 CZ   doub Y N 338 
TYR CE1 HE1  sing N N 339 
TYR CE2 CZ   sing Y N 340 
TYR CE2 HE2  sing N N 341 
TYR CZ  OH   sing N N 342 
TYR OH  HH   sing N N 343 
TYR OXT HXT  sing N N 344 
VAL N   CA   sing N N 345 
VAL N   H    sing N N 346 
VAL N   H2   sing N N 347 
VAL CA  C    sing N N 348 
VAL CA  CB   sing N N 349 
VAL CA  HA   sing N N 350 
VAL C   O    doub N N 351 
VAL C   OXT  sing N N 352 
VAL CB  CG1  sing N N 353 
VAL CB  CG2  sing N N 354 
VAL CB  HB   sing N N 355 
VAL CG1 HG11 sing N N 356 
VAL CG1 HG12 sing N N 357 
VAL CG1 HG13 sing N N 358 
VAL CG2 HG21 sing N N 359 
VAL CG2 HG22 sing N N 360 
VAL CG2 HG23 sing N N 361 
VAL OXT HXT  sing N N 362 
# 
loop_
_pdbx_entity_nonpoly.entity_id 
_pdbx_entity_nonpoly.name 
_pdbx_entity_nonpoly.comp_id 
2 'CHLORIDE ION' CL  
3 'SODIUM ION'   NA  
4 water          HOH 
# 
_pdbx_initial_refinement_model.id               1 
_pdbx_initial_refinement_model.entity_id_list   ? 
_pdbx_initial_refinement_model.type             'experimental model' 
_pdbx_initial_refinement_model.source_name      PDB 
_pdbx_initial_refinement_model.accession_code   3DZA 
_pdbx_initial_refinement_model.details          ? 
# 
_pdbx_struct_assembly_auth_evidence.id                     1 
_pdbx_struct_assembly_auth_evidence.assembly_id            1 
_pdbx_struct_assembly_auth_evidence.experimental_support   SAXS 
_pdbx_struct_assembly_auth_evidence.details                ? 
# 
